data_2A0J
# 
_entry.id   2A0J 
# 
_audit_conform.dict_name       mmcif_pdbx.dic 
_audit_conform.dict_version    5.387 
_audit_conform.dict_location   http://mmcif.pdb.org/dictionaries/ascii/mmcif_pdbx.dic 
# 
loop_
_database_2.database_id 
_database_2.database_code 
_database_2.pdbx_database_accession 
_database_2.pdbx_DOI 
PDB   2A0J         pdb_00002a0j 10.2210/pdb2a0j/pdb 
RCSB  RCSB033339   ?            ?                   
WWPDB D_1000033339 ?            ?                   
# 
loop_
_pdbx_audit_revision_history.ordinal 
_pdbx_audit_revision_history.data_content_type 
_pdbx_audit_revision_history.major_revision 
_pdbx_audit_revision_history.minor_revision 
_pdbx_audit_revision_history.revision_date 
1 'Structure model' 1 0 2005-09-20 
2 'Structure model' 1 1 2008-04-30 
3 'Structure model' 1 2 2011-07-13 
4 'Structure model' 1 3 2024-02-14 
# 
_pdbx_audit_revision_details.ordinal             1 
_pdbx_audit_revision_details.revision_ordinal    1 
_pdbx_audit_revision_details.data_content_type   'Structure model' 
_pdbx_audit_revision_details.provider            repository 
_pdbx_audit_revision_details.type                'Initial release' 
_pdbx_audit_revision_details.description         ? 
_pdbx_audit_revision_details.details             ? 
# 
loop_
_pdbx_audit_revision_group.ordinal 
_pdbx_audit_revision_group.revision_ordinal 
_pdbx_audit_revision_group.data_content_type 
_pdbx_audit_revision_group.group 
1 2 'Structure model' 'Version format compliance' 
2 3 'Structure model' 'Source and taxonomy'       
3 3 'Structure model' 'Version format compliance' 
4 4 'Structure model' 'Data collection'           
5 4 'Structure model' 'Database references'       
# 
loop_
_pdbx_audit_revision_category.ordinal 
_pdbx_audit_revision_category.revision_ordinal 
_pdbx_audit_revision_category.data_content_type 
_pdbx_audit_revision_category.category 
1 4 'Structure model' chem_comp_atom 
2 4 'Structure model' chem_comp_bond 
3 4 'Structure model' database_2     
# 
loop_
_pdbx_audit_revision_item.ordinal 
_pdbx_audit_revision_item.revision_ordinal 
_pdbx_audit_revision_item.data_content_type 
_pdbx_audit_revision_item.item 
1 4 'Structure model' '_database_2.pdbx_DOI'                
2 4 'Structure model' '_database_2.pdbx_database_accession' 
# 
_pdbx_database_status.status_code                     REL 
_pdbx_database_status.entry_id                        2A0J 
_pdbx_database_status.recvd_initial_deposition_date   2005-06-16 
_pdbx_database_status.deposit_site                    RCSB 
_pdbx_database_status.process_site                    RCSB 
_pdbx_database_status.status_code_sf                  REL 
_pdbx_database_status.status_code_mr                  ? 
_pdbx_database_status.SG_entry                        Y 
_pdbx_database_status.pdb_format_compatible           Y 
_pdbx_database_status.status_code_cs                  ? 
_pdbx_database_status.status_code_nmr_data            ? 
_pdbx_database_status.methods_development_category    ? 
# 
loop_
_audit_author.name 
_audit_author.pdbx_ordinal 
'Ren, J.'                                   1 
'Sainsbury, S.'                             2 
'Berrow, N.S.'                              3 
'Alderton, D.'                              4 
'Nettleship, J.E.'                          5 
'Stammers, D.K.'                            6 
'Saunders, N.J.'                            7 
'Owens, R.J.'                               8 
'Oxford Protein Production Facility (OPPF)' 9 
# 
_citation.id                        primary 
_citation.title                     'Crystal structure of nitrogen regulatory protein IIANtr from Neisseria meningitidis' 
_citation.journal_abbrev            'Bmc Struct.Biol.' 
_citation.journal_volume            5 
_citation.page_first                13 
_citation.page_last                 13 
_citation.year                      2005 
_citation.journal_id_ASTM           ? 
_citation.country                   UK 
_citation.journal_id_ISSN           1472-6807 
_citation.journal_id_CSD            ? 
_citation.book_publisher            ? 
_citation.pdbx_database_id_PubMed   16092953 
_citation.pdbx_database_id_DOI      10.1186/1472-6807-5-13 
# 
loop_
_citation_author.citation_id 
_citation_author.name 
_citation_author.ordinal 
_citation_author.identifier_ORCID 
primary 'Ren, J.'          1 ? 
primary 'Sainsbury, S.'    2 ? 
primary 'Berrow, N.S.'     3 ? 
primary 'Alderton, D.'     4 ? 
primary 'Nettleship, J.E.' 5 ? 
primary 'Stammers, D.K.'   6 ? 
primary 'Saunders, N.J.'   7 ? 
primary 'Owens, R.J.'      8 ? 
# 
loop_
_entity.id 
_entity.type 
_entity.src_method 
_entity.pdbx_description 
_entity.formula_weight 
_entity.pdbx_number_of_molecules 
_entity.pdbx_ec 
_entity.pdbx_mutation 
_entity.pdbx_fragment 
_entity.details 
1 polymer man 'PTS system, nitrogen regulatory IIA protein' 16112.541 1  2.7.1.69 ? ? ? 
2 water   nat water                                         18.015    46 ?        ? ? ? 
# 
_entity_poly.entity_id                      1 
_entity_poly.type                           'polypeptide(L)' 
_entity_poly.nstd_linkage                   no 
_entity_poly.nstd_monomer                   no 
_entity_poly.pdbx_seq_one_letter_code       
;MSLIGEILPLSHIVLDMEVGSKKRLFEEAGLLLERESSLSHADVFECLFAREKLGSTGLGQGVAIPHGRHAGVKQATGAF
IRTREPVGFDAPDGKPVSLIFILLVPENATGEHLEVLSKLAGKFSQKSIRESLMTVSSAEEVRAILTEE
;
_entity_poly.pdbx_seq_one_letter_code_can   
;MSLIGEILPLSHIVLDMEVGSKKRLFEEAGLLLERESSLSHADVFECLFAREKLGSTGLGQGVAIPHGRHAGVKQATGAF
IRTREPVGFDAPDGKPVSLIFILLVPENATGEHLEVLSKLAGKFSQKSIRESLMTVSSAEEVRAILTEE
;
_entity_poly.pdbx_strand_id                 A 
_entity_poly.pdbx_target_identifier         ? 
# 
_pdbx_entity_nonpoly.entity_id   2 
_pdbx_entity_nonpoly.name        water 
_pdbx_entity_nonpoly.comp_id     HOH 
# 
loop_
_entity_poly_seq.entity_id 
_entity_poly_seq.num 
_entity_poly_seq.mon_id 
_entity_poly_seq.hetero 
1 1   MET n 
1 2   SER n 
1 3   LEU n 
1 4   ILE n 
1 5   GLY n 
1 6   GLU n 
1 7   ILE n 
1 8   LEU n 
1 9   PRO n 
1 10  LEU n 
1 11  SER n 
1 12  HIS n 
1 13  ILE n 
1 14  VAL n 
1 15  LEU n 
1 16  ASP n 
1 17  MET n 
1 18  GLU n 
1 19  VAL n 
1 20  GLY n 
1 21  SER n 
1 22  LYS n 
1 23  LYS n 
1 24  ARG n 
1 25  LEU n 
1 26  PHE n 
1 27  GLU n 
1 28  GLU n 
1 29  ALA n 
1 30  GLY n 
1 31  LEU n 
1 32  LEU n 
1 33  LEU n 
1 34  GLU n 
1 35  ARG n 
1 36  GLU n 
1 37  SER n 
1 38  SER n 
1 39  LEU n 
1 40  SER n 
1 41  HIS n 
1 42  ALA n 
1 43  ASP n 
1 44  VAL n 
1 45  PHE n 
1 46  GLU n 
1 47  CYS n 
1 48  LEU n 
1 49  PHE n 
1 50  ALA n 
1 51  ARG n 
1 52  GLU n 
1 53  LYS n 
1 54  LEU n 
1 55  GLY n 
1 56  SER n 
1 57  THR n 
1 58  GLY n 
1 59  LEU n 
1 60  GLY n 
1 61  GLN n 
1 62  GLY n 
1 63  VAL n 
1 64  ALA n 
1 65  ILE n 
1 66  PRO n 
1 67  HIS n 
1 68  GLY n 
1 69  ARG n 
1 70  HIS n 
1 71  ALA n 
1 72  GLY n 
1 73  VAL n 
1 74  LYS n 
1 75  GLN n 
1 76  ALA n 
1 77  THR n 
1 78  GLY n 
1 79  ALA n 
1 80  PHE n 
1 81  ILE n 
1 82  ARG n 
1 83  THR n 
1 84  ARG n 
1 85  GLU n 
1 86  PRO n 
1 87  VAL n 
1 88  GLY n 
1 89  PHE n 
1 90  ASP n 
1 91  ALA n 
1 92  PRO n 
1 93  ASP n 
1 94  GLY n 
1 95  LYS n 
1 96  PRO n 
1 97  VAL n 
1 98  SER n 
1 99  LEU n 
1 100 ILE n 
1 101 PHE n 
1 102 ILE n 
1 103 LEU n 
1 104 LEU n 
1 105 VAL n 
1 106 PRO n 
1 107 GLU n 
1 108 ASN n 
1 109 ALA n 
1 110 THR n 
1 111 GLY n 
1 112 GLU n 
1 113 HIS n 
1 114 LEU n 
1 115 GLU n 
1 116 VAL n 
1 117 LEU n 
1 118 SER n 
1 119 LYS n 
1 120 LEU n 
1 121 ALA n 
1 122 GLY n 
1 123 LYS n 
1 124 PHE n 
1 125 SER n 
1 126 GLN n 
1 127 LYS n 
1 128 SER n 
1 129 ILE n 
1 130 ARG n 
1 131 GLU n 
1 132 SER n 
1 133 LEU n 
1 134 MET n 
1 135 THR n 
1 136 VAL n 
1 137 SER n 
1 138 SER n 
1 139 ALA n 
1 140 GLU n 
1 141 GLU n 
1 142 VAL n 
1 143 ARG n 
1 144 ALA n 
1 145 ILE n 
1 146 LEU n 
1 147 THR n 
1 148 GLU n 
1 149 GLU n 
# 
_entity_src_gen.entity_id                          1 
_entity_src_gen.pdbx_src_id                        1 
_entity_src_gen.pdbx_alt_source_flag               sample 
_entity_src_gen.pdbx_seq_type                      ? 
_entity_src_gen.pdbx_beg_seq_num                   ? 
_entity_src_gen.pdbx_end_seq_num                   ? 
_entity_src_gen.gene_src_common_name               ? 
_entity_src_gen.gene_src_genus                     Neisseria 
_entity_src_gen.pdbx_gene_src_gene                 ptsN 
_entity_src_gen.gene_src_species                   'Neisseria meningitidis' 
_entity_src_gen.gene_src_strain                    MC58 
_entity_src_gen.gene_src_tissue                    ? 
_entity_src_gen.gene_src_tissue_fraction           ? 
_entity_src_gen.gene_src_details                   ? 
_entity_src_gen.pdbx_gene_src_fragment             ? 
_entity_src_gen.pdbx_gene_src_scientific_name      'Neisseria meningitidis' 
_entity_src_gen.pdbx_gene_src_ncbi_taxonomy_id     122586 
_entity_src_gen.pdbx_gene_src_variant              ? 
_entity_src_gen.pdbx_gene_src_cell_line            ? 
_entity_src_gen.pdbx_gene_src_atcc                 ? 
_entity_src_gen.pdbx_gene_src_organ                ? 
_entity_src_gen.pdbx_gene_src_organelle            ? 
_entity_src_gen.pdbx_gene_src_cell                 ? 
_entity_src_gen.pdbx_gene_src_cellular_location    ? 
_entity_src_gen.host_org_common_name               ? 
_entity_src_gen.pdbx_host_org_scientific_name      'Escherichia coli' 
_entity_src_gen.pdbx_host_org_ncbi_taxonomy_id     562 
_entity_src_gen.host_org_genus                     Escherichia 
_entity_src_gen.pdbx_host_org_gene                 ? 
_entity_src_gen.pdbx_host_org_organ                ? 
_entity_src_gen.host_org_species                   ? 
_entity_src_gen.pdbx_host_org_tissue               ? 
_entity_src_gen.pdbx_host_org_tissue_fraction      ? 
_entity_src_gen.pdbx_host_org_strain               'B834(DE3)' 
_entity_src_gen.pdbx_host_org_variant              ? 
_entity_src_gen.pdbx_host_org_cell_line            ? 
_entity_src_gen.pdbx_host_org_atcc                 ? 
_entity_src_gen.pdbx_host_org_culture_collection   ? 
_entity_src_gen.pdbx_host_org_cell                 ? 
_entity_src_gen.pdbx_host_org_organelle            ? 
_entity_src_gen.pdbx_host_org_cellular_location    ? 
_entity_src_gen.pdbx_host_org_vector_type          PLASMID 
_entity_src_gen.pdbx_host_org_vector               ? 
_entity_src_gen.host_org_details                   ? 
_entity_src_gen.expression_system_id               ? 
_entity_src_gen.plasmid_name                       pDEST17 
_entity_src_gen.plasmid_details                    ? 
_entity_src_gen.pdbx_description                   ? 
# 
loop_
_chem_comp.id 
_chem_comp.type 
_chem_comp.mon_nstd_flag 
_chem_comp.name 
_chem_comp.pdbx_synonyms 
_chem_comp.formula 
_chem_comp.formula_weight 
ALA 'L-peptide linking' y ALANINE         ? 'C3 H7 N O2'     89.093  
ARG 'L-peptide linking' y ARGININE        ? 'C6 H15 N4 O2 1' 175.209 
ASN 'L-peptide linking' y ASPARAGINE      ? 'C4 H8 N2 O3'    132.118 
ASP 'L-peptide linking' y 'ASPARTIC ACID' ? 'C4 H7 N O4'     133.103 
CYS 'L-peptide linking' y CYSTEINE        ? 'C3 H7 N O2 S'   121.158 
GLN 'L-peptide linking' y GLUTAMINE       ? 'C5 H10 N2 O3'   146.144 
GLU 'L-peptide linking' y 'GLUTAMIC ACID' ? 'C5 H9 N O4'     147.129 
GLY 'peptide linking'   y GLYCINE         ? 'C2 H5 N O2'     75.067  
HIS 'L-peptide linking' y HISTIDINE       ? 'C6 H10 N3 O2 1' 156.162 
HOH non-polymer         . WATER           ? 'H2 O'           18.015  
ILE 'L-peptide linking' y ISOLEUCINE      ? 'C6 H13 N O2'    131.173 
LEU 'L-peptide linking' y LEUCINE         ? 'C6 H13 N O2'    131.173 
LYS 'L-peptide linking' y LYSINE          ? 'C6 H15 N2 O2 1' 147.195 
MET 'L-peptide linking' y METHIONINE      ? 'C5 H11 N O2 S'  149.211 
PHE 'L-peptide linking' y PHENYLALANINE   ? 'C9 H11 N O2'    165.189 
PRO 'L-peptide linking' y PROLINE         ? 'C5 H9 N O2'     115.130 
SER 'L-peptide linking' y SERINE          ? 'C3 H7 N O3'     105.093 
THR 'L-peptide linking' y THREONINE       ? 'C4 H9 N O3'     119.119 
VAL 'L-peptide linking' y VALINE          ? 'C5 H11 N O2'    117.146 
# 
loop_
_pdbx_poly_seq_scheme.asym_id 
_pdbx_poly_seq_scheme.entity_id 
_pdbx_poly_seq_scheme.seq_id 
_pdbx_poly_seq_scheme.mon_id 
_pdbx_poly_seq_scheme.ndb_seq_num 
_pdbx_poly_seq_scheme.pdb_seq_num 
_pdbx_poly_seq_scheme.auth_seq_num 
_pdbx_poly_seq_scheme.pdb_mon_id 
_pdbx_poly_seq_scheme.auth_mon_id 
_pdbx_poly_seq_scheme.pdb_strand_id 
_pdbx_poly_seq_scheme.pdb_ins_code 
_pdbx_poly_seq_scheme.hetero 
A 1 1   MET 1   1   ?   ?   ?   A . n 
A 1 2   SER 2   2   2   SER SER A . n 
A 1 3   LEU 3   3   3   LEU LEU A . n 
A 1 4   ILE 4   4   4   ILE ILE A . n 
A 1 5   GLY 5   5   5   GLY GLY A . n 
A 1 6   GLU 6   6   6   GLU GLU A . n 
A 1 7   ILE 7   7   7   ILE ILE A . n 
A 1 8   LEU 8   8   8   LEU LEU A . n 
A 1 9   PRO 9   9   9   PRO PRO A . n 
A 1 10  LEU 10  10  10  LEU LEU A . n 
A 1 11  SER 11  11  11  SER SER A . n 
A 1 12  HIS 12  12  12  HIS HIS A . n 
A 1 13  ILE 13  13  13  ILE ILE A . n 
A 1 14  VAL 14  14  14  VAL VAL A . n 
A 1 15  LEU 15  15  15  LEU LEU A . n 
A 1 16  ASP 16  16  16  ASP ASP A . n 
A 1 17  MET 17  17  17  MET MET A . n 
A 1 18  GLU 18  18  18  GLU GLU A . n 
A 1 19  VAL 19  19  19  VAL VAL A . n 
A 1 20  GLY 20  20  20  GLY GLY A . n 
A 1 21  SER 21  21  21  SER SER A . n 
A 1 22  LYS 22  22  22  LYS LYS A . n 
A 1 23  LYS 23  23  23  LYS LYS A . n 
A 1 24  ARG 24  24  24  ARG ARG A . n 
A 1 25  LEU 25  25  25  LEU LEU A . n 
A 1 26  PHE 26  26  26  PHE PHE A . n 
A 1 27  GLU 27  27  27  GLU GLU A . n 
A 1 28  GLU 28  28  28  GLU GLU A . n 
A 1 29  ALA 29  29  29  ALA ALA A . n 
A 1 30  GLY 30  30  30  GLY GLY A . n 
A 1 31  LEU 31  31  31  LEU LEU A . n 
A 1 32  LEU 32  32  32  LEU LEU A . n 
A 1 33  LEU 33  33  33  LEU LEU A . n 
A 1 34  GLU 34  34  34  GLU GLU A . n 
A 1 35  ARG 35  35  35  ARG ARG A . n 
A 1 36  GLU 36  36  36  GLU GLU A . n 
A 1 37  SER 37  37  37  SER SER A . n 
A 1 38  SER 38  38  38  SER SER A . n 
A 1 39  LEU 39  39  39  LEU LEU A . n 
A 1 40  SER 40  40  40  SER SER A . n 
A 1 41  HIS 41  41  41  HIS HIS A . n 
A 1 42  ALA 42  42  42  ALA ALA A . n 
A 1 43  ASP 43  43  43  ASP ASP A . n 
A 1 44  VAL 44  44  44  VAL VAL A . n 
A 1 45  PHE 45  45  45  PHE PHE A . n 
A 1 46  GLU 46  46  46  GLU GLU A . n 
A 1 47  CYS 47  47  47  CYS CYS A . n 
A 1 48  LEU 48  48  48  LEU LEU A . n 
A 1 49  PHE 49  49  49  PHE PHE A . n 
A 1 50  ALA 50  50  50  ALA ALA A . n 
A 1 51  ARG 51  51  51  ARG ARG A . n 
A 1 52  GLU 52  52  52  GLU GLU A . n 
A 1 53  LYS 53  53  53  LYS LYS A . n 
A 1 54  LEU 54  54  54  LEU LEU A . n 
A 1 55  GLY 55  55  55  GLY GLY A . n 
A 1 56  SER 56  56  56  SER SER A . n 
A 1 57  THR 57  57  57  THR THR A . n 
A 1 58  GLY 58  58  58  GLY GLY A . n 
A 1 59  LEU 59  59  59  LEU LEU A . n 
A 1 60  GLY 60  60  60  GLY GLY A . n 
A 1 61  GLN 61  61  61  GLN GLN A . n 
A 1 62  GLY 62  62  62  GLY GLY A . n 
A 1 63  VAL 63  63  63  VAL VAL A . n 
A 1 64  ALA 64  64  64  ALA ALA A . n 
A 1 65  ILE 65  65  65  ILE ILE A . n 
A 1 66  PRO 66  66  66  PRO PRO A . n 
A 1 67  HIS 67  67  67  HIS HIS A . n 
A 1 68  GLY 68  68  68  GLY GLY A . n 
A 1 69  ARG 69  69  69  ARG ARG A . n 
A 1 70  HIS 70  70  70  HIS HIS A . n 
A 1 71  ALA 71  71  71  ALA ALA A . n 
A 1 72  GLY 72  72  72  GLY GLY A . n 
A 1 73  VAL 73  73  73  VAL VAL A . n 
A 1 74  LYS 74  74  74  LYS LYS A . n 
A 1 75  GLN 75  75  75  GLN GLN A . n 
A 1 76  ALA 76  76  76  ALA ALA A . n 
A 1 77  THR 77  77  77  THR THR A . n 
A 1 78  GLY 78  78  78  GLY GLY A . n 
A 1 79  ALA 79  79  79  ALA ALA A . n 
A 1 80  PHE 80  80  80  PHE PHE A . n 
A 1 81  ILE 81  81  81  ILE ILE A . n 
A 1 82  ARG 82  82  82  ARG ARG A . n 
A 1 83  THR 83  83  83  THR THR A . n 
A 1 84  ARG 84  84  84  ARG ARG A . n 
A 1 85  GLU 85  85  85  GLU GLU A . n 
A 1 86  PRO 86  86  86  PRO PRO A . n 
A 1 87  VAL 87  87  87  VAL VAL A . n 
A 1 88  GLY 88  88  88  GLY GLY A . n 
A 1 89  PHE 89  89  89  PHE PHE A . n 
A 1 90  ASP 90  90  90  ASP ASP A . n 
A 1 91  ALA 91  91  91  ALA ALA A . n 
A 1 92  PRO 92  92  92  PRO PRO A . n 
A 1 93  ASP 93  93  93  ASP ASP A . n 
A 1 94  GLY 94  94  94  GLY GLY A . n 
A 1 95  LYS 95  95  95  LYS LYS A . n 
A 1 96  PRO 96  96  96  PRO PRO A . n 
A 1 97  VAL 97  97  97  VAL VAL A . n 
A 1 98  SER 98  98  98  SER SER A . n 
A 1 99  LEU 99  99  99  LEU LEU A . n 
A 1 100 ILE 100 100 100 ILE ILE A . n 
A 1 101 PHE 101 101 101 PHE PHE A . n 
A 1 102 ILE 102 102 102 ILE ILE A . n 
A 1 103 LEU 103 103 103 LEU LEU A . n 
A 1 104 LEU 104 104 104 LEU LEU A . n 
A 1 105 VAL 105 105 105 VAL VAL A . n 
A 1 106 PRO 106 106 106 PRO PRO A . n 
A 1 107 GLU 107 107 107 GLU GLU A . n 
A 1 108 ASN 108 108 108 ASN ASN A . n 
A 1 109 ALA 109 109 109 ALA ALA A . n 
A 1 110 THR 110 110 110 THR THR A . n 
A 1 111 GLY 111 111 111 GLY GLY A . n 
A 1 112 GLU 112 112 112 GLU GLU A . n 
A 1 113 HIS 113 113 113 HIS HIS A . n 
A 1 114 LEU 114 114 114 LEU LEU A . n 
A 1 115 GLU 115 115 115 GLU GLU A . n 
A 1 116 VAL 116 116 116 VAL VAL A . n 
A 1 117 LEU 117 117 117 LEU LEU A . n 
A 1 118 SER 118 118 118 SER SER A . n 
A 1 119 LYS 119 119 119 LYS LYS A . n 
A 1 120 LEU 120 120 120 LEU LEU A . n 
A 1 121 ALA 121 121 121 ALA ALA A . n 
A 1 122 GLY 122 122 122 GLY GLY A . n 
A 1 123 LYS 123 123 123 LYS LYS A . n 
A 1 124 PHE 124 124 124 PHE PHE A . n 
A 1 125 SER 125 125 125 SER SER A . n 
A 1 126 GLN 126 126 126 GLN GLN A . n 
A 1 127 LYS 127 127 127 LYS LYS A . n 
A 1 128 SER 128 128 128 SER SER A . n 
A 1 129 ILE 129 129 129 ILE ILE A . n 
A 1 130 ARG 130 130 130 ARG ARG A . n 
A 1 131 GLU 131 131 131 GLU GLU A . n 
A 1 132 SER 132 132 132 SER SER A . n 
A 1 133 LEU 133 133 133 LEU LEU A . n 
A 1 134 MET 134 134 134 MET MET A . n 
A 1 135 THR 135 135 135 THR THR A . n 
A 1 136 VAL 136 136 136 VAL VAL A . n 
A 1 137 SER 137 137 137 SER SER A . n 
A 1 138 SER 138 138 138 SER SER A . n 
A 1 139 ALA 139 139 139 ALA ALA A . n 
A 1 140 GLU 140 140 140 GLU GLU A . n 
A 1 141 GLU 141 141 141 GLU GLU A . n 
A 1 142 VAL 142 142 142 VAL VAL A . n 
A 1 143 ARG 143 143 143 ARG ARG A . n 
A 1 144 ALA 144 144 144 ALA ALA A . n 
A 1 145 ILE 145 145 145 ILE ILE A . n 
A 1 146 LEU 146 146 146 LEU LEU A . n 
A 1 147 THR 147 147 147 THR THR A . n 
A 1 148 GLU 148 148 ?   ?   ?   A . n 
A 1 149 GLU 149 149 ?   ?   ?   A . n 
# 
loop_
_pdbx_nonpoly_scheme.asym_id 
_pdbx_nonpoly_scheme.entity_id 
_pdbx_nonpoly_scheme.mon_id 
_pdbx_nonpoly_scheme.ndb_seq_num 
_pdbx_nonpoly_scheme.pdb_seq_num 
_pdbx_nonpoly_scheme.auth_seq_num 
_pdbx_nonpoly_scheme.pdb_mon_id 
_pdbx_nonpoly_scheme.auth_mon_id 
_pdbx_nonpoly_scheme.pdb_strand_id 
_pdbx_nonpoly_scheme.pdb_ins_code 
B 2 HOH 1  201 201 HOH WAT A . 
B 2 HOH 2  202 202 HOH WAT A . 
B 2 HOH 3  203 203 HOH WAT A . 
B 2 HOH 4  204 204 HOH WAT A . 
B 2 HOH 5  205 205 HOH WAT A . 
B 2 HOH 6  206 206 HOH WAT A . 
B 2 HOH 7  207 207 HOH WAT A . 
B 2 HOH 8  208 208 HOH WAT A . 
B 2 HOH 9  209 209 HOH WAT A . 
B 2 HOH 10 210 210 HOH WAT A . 
B 2 HOH 11 211 211 HOH WAT A . 
B 2 HOH 12 213 213 HOH WAT A . 
B 2 HOH 13 214 214 HOH WAT A . 
B 2 HOH 14 215 215 HOH WAT A . 
B 2 HOH 15 216 216 HOH WAT A . 
B 2 HOH 16 217 217 HOH WAT A . 
B 2 HOH 17 218 218 HOH WAT A . 
B 2 HOH 18 219 219 HOH WAT A . 
B 2 HOH 19 220 220 HOH WAT A . 
B 2 HOH 20 221 221 HOH WAT A . 
B 2 HOH 21 222 222 HOH WAT A . 
B 2 HOH 22 223 223 HOH WAT A . 
B 2 HOH 23 224 224 HOH WAT A . 
B 2 HOH 24 225 225 HOH WAT A . 
B 2 HOH 25 226 226 HOH WAT A . 
B 2 HOH 26 227 227 HOH WAT A . 
B 2 HOH 27 228 228 HOH WAT A . 
B 2 HOH 28 229 229 HOH WAT A . 
B 2 HOH 29 230 230 HOH WAT A . 
B 2 HOH 30 231 231 HOH WAT A . 
B 2 HOH 31 232 232 HOH WAT A . 
B 2 HOH 32 233 233 HOH WAT A . 
B 2 HOH 33 234 234 HOH WAT A . 
B 2 HOH 34 235 235 HOH WAT A . 
B 2 HOH 35 236 236 HOH WAT A . 
B 2 HOH 36 237 237 HOH WAT A . 
B 2 HOH 37 238 238 HOH WAT A . 
B 2 HOH 38 239 239 HOH WAT A . 
B 2 HOH 39 240 240 HOH WAT A . 
B 2 HOH 40 241 241 HOH WAT A . 
B 2 HOH 41 242 242 HOH WAT A . 
B 2 HOH 42 244 244 HOH WAT A . 
B 2 HOH 43 245 245 HOH WAT A . 
B 2 HOH 44 246 246 HOH WAT A . 
B 2 HOH 45 247 247 HOH WAT A . 
B 2 HOH 46 249 249 HOH WAT A . 
# 
loop_
_software.name 
_software.classification 
_software.version 
_software.citation_id 
_software.pdbx_ordinal 
CNS       refinement       1.1 ? 1 
DENZO     'data reduction' .   ? 2 
SCALEPACK 'data scaling'   .   ? 3 
CNS       phasing          .   ? 4 
# 
_cell.entry_id           2A0J 
_cell.length_a           61.020 
_cell.length_b           61.020 
_cell.length_c           63.310 
_cell.angle_alpha        90.00 
_cell.angle_beta         90.00 
_cell.angle_gamma        120.00 
_cell.Z_PDB              6 
_cell.pdbx_unique_axis   ? 
# 
_symmetry.entry_id                         2A0J 
_symmetry.space_group_name_H-M             'P 31 2 1' 
_symmetry.pdbx_full_space_group_name_H-M   ? 
_symmetry.cell_setting                     ? 
_symmetry.Int_Tables_number                152 
_symmetry.space_group_name_Hall            ? 
# 
_exptl.entry_id          2A0J 
_exptl.method            'X-RAY DIFFRACTION' 
_exptl.crystals_number   1 
# 
_exptl_crystal.id                    1 
_exptl_crystal.density_meas          ? 
_exptl_crystal.density_Matthews      2.11 
_exptl_crystal.density_percent_sol   41.73 
_exptl_crystal.description           ? 
_exptl_crystal.F_000                 ? 
_exptl_crystal.preparation           ? 
# 
_exptl_crystal_grow.crystal_id      1 
_exptl_crystal_grow.method          'VAPOR DIFFUSION, SITTING DROP' 
_exptl_crystal_grow.temp            294 
_exptl_crystal_grow.temp_details    ? 
_exptl_crystal_grow.pH              4.0 
_exptl_crystal_grow.pdbx_details    
'3.2 M ammonium sulphate, 0.1 M citrate, pH 4.0, VAPOR DIFFUSION, SITTING DROP, temperature 294K' 
_exptl_crystal_grow.pdbx_pH_range   . 
# 
_diffrn.id                     1 
_diffrn.ambient_temp           100 
_diffrn.ambient_temp_details   ? 
_diffrn.crystal_id             1 
# 
_diffrn_detector.diffrn_id              1 
_diffrn_detector.detector               CCD 
_diffrn_detector.type                   'ADSC QUANTUM 4' 
_diffrn_detector.pdbx_collection_date   2004-02-13 
_diffrn_detector.details                ? 
# 
_diffrn_radiation.diffrn_id                        1 
_diffrn_radiation.wavelength_id                    1 
_diffrn_radiation.pdbx_monochromatic_or_laue_m_l   M 
_diffrn_radiation.monochromator                    ? 
_diffrn_radiation.pdbx_diffrn_protocol             'SINGLE WAVELENGTH' 
_diffrn_radiation.pdbx_scattering_type             x-ray 
# 
_diffrn_radiation_wavelength.id           1 
_diffrn_radiation_wavelength.wavelength   0.945 
_diffrn_radiation_wavelength.wt           1.0 
# 
_diffrn_source.diffrn_id                   1 
_diffrn_source.source                      SYNCHROTRON 
_diffrn_source.type                        'SRS BEAMLINE PX14.2' 
_diffrn_source.pdbx_synchrotron_site       SRS 
_diffrn_source.pdbx_synchrotron_beamline   PX14.2 
_diffrn_source.pdbx_wavelength             ? 
_diffrn_source.pdbx_wavelength_list        0.945 
# 
_reflns.entry_id                     2A0J 
_reflns.observed_criterion_sigma_I   -1.5 
_reflns.observed_criterion_sigma_F   ? 
_reflns.d_resolution_low             30.0 
_reflns.d_resolution_high            2.50 
_reflns.number_obs                   4988 
_reflns.number_all                   ? 
_reflns.percent_possible_obs         100 
_reflns.pdbx_Rmerge_I_obs            0.183 
_reflns.pdbx_Rsym_value              ? 
_reflns.pdbx_netI_over_sigmaI        10.2 
_reflns.B_iso_Wilson_estimate        34.9 
_reflns.pdbx_redundancy              7.6 
_reflns.R_free_details               ? 
_reflns.limit_h_max                  ? 
_reflns.limit_h_min                  ? 
_reflns.limit_k_max                  ? 
_reflns.limit_k_min                  ? 
_reflns.limit_l_max                  ? 
_reflns.limit_l_min                  ? 
_reflns.observed_criterion_F_max     ? 
_reflns.observed_criterion_F_min     ? 
_reflns.pdbx_chi_squared             ? 
_reflns.pdbx_scaling_rejects         ? 
_reflns.pdbx_ordinal                 1 
_reflns.pdbx_diffrn_id               1 
# 
_reflns_shell.d_res_high             2.50 
_reflns_shell.d_res_low              2.59 
_reflns_shell.percent_possible_all   100 
_reflns_shell.Rmerge_I_obs           0.552 
_reflns_shell.pdbx_Rsym_value        ? 
_reflns_shell.meanI_over_sigI_obs    2.9 
_reflns_shell.pdbx_redundancy        5.7 
_reflns_shell.percent_possible_obs   ? 
_reflns_shell.number_unique_all      486 
_reflns_shell.number_measured_all    ? 
_reflns_shell.number_measured_obs    ? 
_reflns_shell.number_unique_obs      ? 
_reflns_shell.pdbx_chi_squared       ? 
_reflns_shell.pdbx_ordinal           1 
_reflns_shell.pdbx_diffrn_id         1 
# 
_refine.entry_id                                 2A0J 
_refine.ls_number_reflns_obs                     4973 
_refine.ls_number_reflns_all                     ? 
_refine.pdbx_ls_sigma_I                          ? 
_refine.pdbx_ls_sigma_F                          0.0 
_refine.pdbx_data_cutoff_high_absF               1257584.73 
_refine.pdbx_data_cutoff_low_absF                0.000000 
_refine.pdbx_data_cutoff_high_rms_absF           1257584.73 
_refine.ls_d_res_low                             27.49 
_refine.ls_d_res_high                            2.50 
_refine.ls_percent_reflns_obs                    100.0 
_refine.ls_R_factor_obs                          0.201 
_refine.ls_R_factor_all                          ? 
_refine.ls_R_factor_R_work                       0.201 
_refine.ls_R_factor_R_free                       0.28 
_refine.ls_R_factor_R_free_error                 0.017 
_refine.ls_R_factor_R_free_error_details         ? 
_refine.ls_percent_reflns_R_free                 5.4 
_refine.ls_number_reflns_R_free                  270 
_refine.ls_number_parameters                     ? 
_refine.ls_number_restraints                     ? 
_refine.occupancy_min                            ? 
_refine.occupancy_max                            ? 
_refine.correlation_coeff_Fo_to_Fc               ? 
_refine.correlation_coeff_Fo_to_Fc_free          ? 
_refine.B_iso_mean                               27.6 
_refine.aniso_B[1][1]                            0.77 
_refine.aniso_B[2][2]                            0.77 
_refine.aniso_B[3][3]                            -1.53 
_refine.aniso_B[1][2]                            1.76 
_refine.aniso_B[1][3]                            0.00 
_refine.aniso_B[2][3]                            0.00 
_refine.solvent_model_details                    'FLAT MODEL' 
_refine.solvent_model_param_ksol                 0.390587 
_refine.solvent_model_param_bsol                 46.7357 
_refine.pdbx_solvent_vdw_probe_radii             ? 
_refine.pdbx_solvent_ion_probe_radii             ? 
_refine.pdbx_solvent_shrinkage_radii             ? 
_refine.pdbx_ls_cross_valid_method               THROUGHOUT 
_refine.details                                  ? 
_refine.pdbx_starting_model                      ? 
_refine.pdbx_method_to_determine_struct          'MOLECULAR REPLACEMENT' 
_refine.pdbx_isotropic_thermal_model             RESTRAINED 
_refine.pdbx_stereochemistry_target_values       ? 
_refine.pdbx_stereochem_target_val_spec_case     ? 
_refine.pdbx_R_Free_selection_details            RANDOM 
_refine.pdbx_overall_ESU_R                       ? 
_refine.pdbx_overall_ESU_R_Free                  ? 
_refine.overall_SU_ML                            ? 
_refine.overall_SU_B                             ? 
_refine.ls_redundancy_reflns_obs                 ? 
_refine.B_iso_min                                ? 
_refine.B_iso_max                                ? 
_refine.overall_SU_R_Cruickshank_DPI             ? 
_refine.overall_SU_R_free                        ? 
_refine.ls_wR_factor_R_free                      ? 
_refine.ls_wR_factor_R_work                      ? 
_refine.overall_FOM_free_R_set                   ? 
_refine.overall_FOM_work_R_set                   ? 
_refine.pdbx_refine_id                           'X-RAY DIFFRACTION' 
_refine.pdbx_diffrn_id                           1 
_refine.pdbx_TLS_residual_ADP_flag               ? 
_refine.pdbx_overall_phase_error                 ? 
_refine.pdbx_overall_SU_R_free_Cruickshank_DPI   ? 
_refine.pdbx_overall_SU_R_Blow_DPI               ? 
_refine.pdbx_overall_SU_R_free_Blow_DPI          ? 
# 
_refine_analyze.entry_id                        2A0J 
_refine_analyze.Luzzati_coordinate_error_obs    0.27 
_refine_analyze.Luzzati_sigma_a_obs             0.31 
_refine_analyze.Luzzati_d_res_low_obs           5.00 
_refine_analyze.Luzzati_coordinate_error_free   0.36 
_refine_analyze.Luzzati_sigma_a_free            0.41 
_refine_analyze.Luzzati_d_res_low_free          ? 
_refine_analyze.number_disordered_residues      ? 
_refine_analyze.occupancy_sum_hydrogen          ? 
_refine_analyze.occupancy_sum_non_hydrogen      ? 
_refine_analyze.pdbx_Luzzati_d_res_high_obs     ? 
_refine_analyze.pdbx_refine_id                  'X-RAY DIFFRACTION' 
# 
_refine_hist.pdbx_refine_id                   'X-RAY DIFFRACTION' 
_refine_hist.cycle_id                         LAST 
_refine_hist.pdbx_number_atoms_protein        1104 
_refine_hist.pdbx_number_atoms_nucleic_acid   0 
_refine_hist.pdbx_number_atoms_ligand         0 
_refine_hist.number_atoms_solvent             46 
_refine_hist.number_atoms_total               1150 
_refine_hist.d_res_high                       2.50 
_refine_hist.d_res_low                        27.49 
# 
loop_
_refine_ls_restr.type 
_refine_ls_restr.dev_ideal 
_refine_ls_restr.dev_ideal_target 
_refine_ls_restr.weight 
_refine_ls_restr.number 
_refine_ls_restr.pdbx_refine_id 
_refine_ls_restr.pdbx_restraint_function 
c_bond_d                0.006 ?     ? ? 'X-RAY DIFFRACTION' ? 
c_bond_d_na             ?     ?     ? ? 'X-RAY DIFFRACTION' ? 
c_bond_d_prot           ?     ?     ? ? 'X-RAY DIFFRACTION' ? 
c_angle_d               ?     ?     ? ? 'X-RAY DIFFRACTION' ? 
c_angle_d_na            ?     ?     ? ? 'X-RAY DIFFRACTION' ? 
c_angle_d_prot          ?     ?     ? ? 'X-RAY DIFFRACTION' ? 
c_angle_deg             1.2   ?     ? ? 'X-RAY DIFFRACTION' ? 
c_angle_deg_na          ?     ?     ? ? 'X-RAY DIFFRACTION' ? 
c_angle_deg_prot        ?     ?     ? ? 'X-RAY DIFFRACTION' ? 
c_dihedral_angle_d      22.9  ?     ? ? 'X-RAY DIFFRACTION' ? 
c_dihedral_angle_d_na   ?     ?     ? ? 'X-RAY DIFFRACTION' ? 
c_dihedral_angle_d_prot ?     ?     ? ? 'X-RAY DIFFRACTION' ? 
c_improper_angle_d      0.77  ?     ? ? 'X-RAY DIFFRACTION' ? 
c_improper_angle_d_na   ?     ?     ? ? 'X-RAY DIFFRACTION' ? 
c_improper_angle_d_prot ?     ?     ? ? 'X-RAY DIFFRACTION' ? 
c_mcbond_it             4.23  4.00  ? ? 'X-RAY DIFFRACTION' ? 
c_mcangle_it            5.90  8.00  ? ? 'X-RAY DIFFRACTION' ? 
c_scbond_it             9.14  6.00  ? ? 'X-RAY DIFFRACTION' ? 
c_scangle_it            11.91 12.00 ? ? 'X-RAY DIFFRACTION' ? 
# 
_refine_ls_shell.pdbx_total_number_of_bins_used   10 
_refine_ls_shell.d_res_high                       2.50 
_refine_ls_shell.d_res_low                        2.59 
_refine_ls_shell.number_reflns_R_work             461 
_refine_ls_shell.R_factor_R_work                  0.291 
_refine_ls_shell.percent_reflns_obs               100.0 
_refine_ls_shell.R_factor_R_free                  0.353 
_refine_ls_shell.R_factor_R_free_error            0.072 
_refine_ls_shell.percent_reflns_R_free            4.9 
_refine_ls_shell.number_reflns_R_free             24 
_refine_ls_shell.number_reflns_obs                ? 
_refine_ls_shell.redundancy_reflns_obs            ? 
_refine_ls_shell.number_reflns_all                ? 
_refine_ls_shell.pdbx_refine_id                   'X-RAY DIFFRACTION' 
_refine_ls_shell.R_factor_all                     ? 
# 
loop_
_pdbx_xplor_file.serial_no 
_pdbx_xplor_file.param_file 
_pdbx_xplor_file.topol_file 
_pdbx_xplor_file.pdbx_refine_id 
1 protein_rep.param protein.top   'X-RAY DIFFRACTION' 
2 water_rep.param   water_rep.top 'X-RAY DIFFRACTION' 
# 
_struct.entry_id                  2A0J 
_struct.title                     'Crystal Structure of Nitrogen Regulatory Protein IIA-Ntr from Neisseria meningitidis' 
_struct.pdbx_model_details        ? 
_struct.pdbx_CASP_flag            ? 
_struct.pdbx_model_type_details   ? 
# 
_struct_keywords.entry_id        2A0J 
_struct_keywords.pdbx_keywords   TRANSFERASE 
_struct_keywords.text            'nitrogen regulation, Structural Genomics, OPPF, Oxford Protein Production Facility, transferase' 
# 
loop_
_struct_asym.id 
_struct_asym.pdbx_blank_PDB_chainid_flag 
_struct_asym.pdbx_modified 
_struct_asym.entity_id 
_struct_asym.details 
A N N 1 ? 
B N N 2 ? 
# 
_struct_ref.id                         1 
_struct_ref.db_name                    UNP 
_struct_ref.db_code                    Q9K082_NEIMB 
_struct_ref.pdbx_db_accession          Q9K082 
_struct_ref.entity_id                  1 
_struct_ref.pdbx_seq_one_letter_code   
;MSLIGEILPLSHIVLDMEVGSKKRLFEEAGLLLERESSLSHADVFECLFAREKLGSTGLGQGVAIPHGRHAGVKQATGAF
IRTREPVGFDAPDGKPVSLIFILLVPENATGEHLEVLSKLAGKFSQKSIRESLMTVSSAEEVRAILTEE
;
_struct_ref.pdbx_align_begin           1 
_struct_ref.pdbx_db_isoform            ? 
# 
_struct_ref_seq.align_id                      1 
_struct_ref_seq.ref_id                        1 
_struct_ref_seq.pdbx_PDB_id_code              2A0J 
_struct_ref_seq.pdbx_strand_id                A 
_struct_ref_seq.seq_align_beg                 1 
_struct_ref_seq.pdbx_seq_align_beg_ins_code   ? 
_struct_ref_seq.seq_align_end                 149 
_struct_ref_seq.pdbx_seq_align_end_ins_code   ? 
_struct_ref_seq.pdbx_db_accession             Q9K082 
_struct_ref_seq.db_align_beg                  1 
_struct_ref_seq.pdbx_db_align_beg_ins_code    ? 
_struct_ref_seq.db_align_end                  149 
_struct_ref_seq.pdbx_db_align_end_ins_code    ? 
_struct_ref_seq.pdbx_auth_seq_align_beg       1 
_struct_ref_seq.pdbx_auth_seq_align_end       149 
# 
_pdbx_struct_assembly.id                   1 
_pdbx_struct_assembly.details              author_defined_assembly 
_pdbx_struct_assembly.method_details       ? 
_pdbx_struct_assembly.oligomeric_details   monomeric 
_pdbx_struct_assembly.oligomeric_count     1 
# 
_pdbx_struct_assembly_gen.assembly_id       1 
_pdbx_struct_assembly_gen.oper_expression   1 
_pdbx_struct_assembly_gen.asym_id_list      A,B 
# 
_pdbx_struct_oper_list.id                   1 
_pdbx_struct_oper_list.type                 'identity operation' 
_pdbx_struct_oper_list.name                 1_555 
_pdbx_struct_oper_list.symmetry_operation   x,y,z 
_pdbx_struct_oper_list.matrix[1][1]         1.0000000000 
_pdbx_struct_oper_list.matrix[1][2]         0.0000000000 
_pdbx_struct_oper_list.matrix[1][3]         0.0000000000 
_pdbx_struct_oper_list.vector[1]            0.0000000000 
_pdbx_struct_oper_list.matrix[2][1]         0.0000000000 
_pdbx_struct_oper_list.matrix[2][2]         1.0000000000 
_pdbx_struct_oper_list.matrix[2][3]         0.0000000000 
_pdbx_struct_oper_list.vector[2]            0.0000000000 
_pdbx_struct_oper_list.matrix[3][1]         0.0000000000 
_pdbx_struct_oper_list.matrix[3][2]         0.0000000000 
_pdbx_struct_oper_list.matrix[3][3]         1.0000000000 
_pdbx_struct_oper_list.vector[3]            0.0000000000 
# 
_struct_biol.id                    1 
_struct_biol.pdbx_parent_biol_id   ? 
_struct_biol.details               ? 
# 
loop_
_struct_conf.conf_type_id 
_struct_conf.id 
_struct_conf.pdbx_PDB_helix_id 
_struct_conf.beg_label_comp_id 
_struct_conf.beg_label_asym_id 
_struct_conf.beg_label_seq_id 
_struct_conf.pdbx_beg_PDB_ins_code 
_struct_conf.end_label_comp_id 
_struct_conf.end_label_asym_id 
_struct_conf.end_label_seq_id 
_struct_conf.pdbx_end_PDB_ins_code 
_struct_conf.beg_auth_comp_id 
_struct_conf.beg_auth_asym_id 
_struct_conf.beg_auth_seq_id 
_struct_conf.end_auth_comp_id 
_struct_conf.end_auth_asym_id 
_struct_conf.end_auth_seq_id 
_struct_conf.pdbx_PDB_helix_class 
_struct_conf.details 
_struct_conf.pdbx_PDB_helix_length 
HELX_P HELX_P1 1 SER A 2   ? LEU A 8   ? SER A 2   LEU A 8   1 ? 7  
HELX_P HELX_P2 2 PRO A 9   ? SER A 11  ? PRO A 9   SER A 11  5 ? 3  
HELX_P HELX_P3 3 SER A 21  ? GLU A 34  ? SER A 21  GLU A 34  1 ? 14 
HELX_P HELX_P4 4 SER A 40  ? LYS A 53  ? SER A 40  LYS A 53  1 ? 14 
HELX_P HELX_P5 5 ALA A 109 ? SER A 125 ? ALA A 109 SER A 125 1 ? 17 
HELX_P HELX_P6 6 GLN A 126 ? VAL A 136 ? GLN A 126 VAL A 136 1 ? 11 
HELX_P HELX_P7 7 SER A 138 ? THR A 147 ? SER A 138 THR A 147 1 ? 10 
# 
_struct_conf_type.id          HELX_P 
_struct_conf_type.criteria    ? 
_struct_conf_type.reference   ? 
# 
loop_
_struct_sheet.id 
_struct_sheet.type 
_struct_sheet.number_strands 
_struct_sheet.details 
A ? 4 ? 
B ? 4 ? 
# 
loop_
_struct_sheet_order.sheet_id 
_struct_sheet_order.range_id_1 
_struct_sheet_order.range_id_2 
_struct_sheet_order.offset 
_struct_sheet_order.sense 
A 1 2 ? parallel      
A 2 3 ? anti-parallel 
A 3 4 ? parallel      
B 1 2 ? parallel      
B 2 3 ? anti-parallel 
B 3 4 ? parallel      
# 
loop_
_struct_sheet_range.sheet_id 
_struct_sheet_range.id 
_struct_sheet_range.beg_label_comp_id 
_struct_sheet_range.beg_label_asym_id 
_struct_sheet_range.beg_label_seq_id 
_struct_sheet_range.pdbx_beg_PDB_ins_code 
_struct_sheet_range.end_label_comp_id 
_struct_sheet_range.end_label_asym_id 
_struct_sheet_range.end_label_seq_id 
_struct_sheet_range.pdbx_end_PDB_ins_code 
_struct_sheet_range.beg_auth_comp_id 
_struct_sheet_range.beg_auth_asym_id 
_struct_sheet_range.beg_auth_seq_id 
_struct_sheet_range.end_auth_comp_id 
_struct_sheet_range.end_auth_asym_id 
_struct_sheet_range.end_auth_seq_id 
A 1 ILE A 13 ? MET A 17  ? ILE A 13 MET A 17  
A 2 THR A 77 ? VAL A 87  ? THR A 77 VAL A 87  
A 3 VAL A 97 ? PRO A 106 ? VAL A 97 PRO A 106 
A 4 VAL A 63 ? ALA A 64  ? VAL A 63 ALA A 64  
B 1 ILE A 13 ? MET A 17  ? ILE A 13 MET A 17  
B 2 THR A 77 ? VAL A 87  ? THR A 77 VAL A 87  
B 3 VAL A 97 ? PRO A 106 ? VAL A 97 PRO A 106 
B 4 HIS A 67 ? HIS A 70  ? HIS A 67 HIS A 70  
# 
loop_
_pdbx_struct_sheet_hbond.sheet_id 
_pdbx_struct_sheet_hbond.range_id_1 
_pdbx_struct_sheet_hbond.range_id_2 
_pdbx_struct_sheet_hbond.range_1_label_atom_id 
_pdbx_struct_sheet_hbond.range_1_label_comp_id 
_pdbx_struct_sheet_hbond.range_1_label_asym_id 
_pdbx_struct_sheet_hbond.range_1_label_seq_id 
_pdbx_struct_sheet_hbond.range_1_PDB_ins_code 
_pdbx_struct_sheet_hbond.range_1_auth_atom_id 
_pdbx_struct_sheet_hbond.range_1_auth_comp_id 
_pdbx_struct_sheet_hbond.range_1_auth_asym_id 
_pdbx_struct_sheet_hbond.range_1_auth_seq_id 
_pdbx_struct_sheet_hbond.range_2_label_atom_id 
_pdbx_struct_sheet_hbond.range_2_label_comp_id 
_pdbx_struct_sheet_hbond.range_2_label_asym_id 
_pdbx_struct_sheet_hbond.range_2_label_seq_id 
_pdbx_struct_sheet_hbond.range_2_PDB_ins_code 
_pdbx_struct_sheet_hbond.range_2_auth_atom_id 
_pdbx_struct_sheet_hbond.range_2_auth_comp_id 
_pdbx_struct_sheet_hbond.range_2_auth_asym_id 
_pdbx_struct_sheet_hbond.range_2_auth_seq_id 
A 1 2 N VAL A 14  ? N VAL A 14  O PHE A 80  ? O PHE A 80  
A 2 3 N THR A 77  ? N THR A 77  O LEU A 104 ? O LEU A 104 
A 3 4 O PHE A 101 ? O PHE A 101 N ALA A 64  ? N ALA A 64  
B 1 2 N VAL A 14  ? N VAL A 14  O PHE A 80  ? O PHE A 80  
B 2 3 N THR A 77  ? N THR A 77  O LEU A 104 ? O LEU A 104 
B 3 4 O VAL A 105 ? O VAL A 105 N GLY A 68  ? N GLY A 68  
# 
_pdbx_validate_symm_contact.id                1 
_pdbx_validate_symm_contact.PDB_model_num     1 
_pdbx_validate_symm_contact.auth_atom_id_1    OE2 
_pdbx_validate_symm_contact.auth_asym_id_1    A 
_pdbx_validate_symm_contact.auth_comp_id_1    GLU 
_pdbx_validate_symm_contact.auth_seq_id_1     85 
_pdbx_validate_symm_contact.PDB_ins_code_1    ? 
_pdbx_validate_symm_contact.label_alt_id_1    ? 
_pdbx_validate_symm_contact.site_symmetry_1   1_555 
_pdbx_validate_symm_contact.auth_atom_id_2    OE2 
_pdbx_validate_symm_contact.auth_asym_id_2    A 
_pdbx_validate_symm_contact.auth_comp_id_2    GLU 
_pdbx_validate_symm_contact.auth_seq_id_2     85 
_pdbx_validate_symm_contact.PDB_ins_code_2    ? 
_pdbx_validate_symm_contact.label_alt_id_2    ? 
_pdbx_validate_symm_contact.site_symmetry_2   6_554 
_pdbx_validate_symm_contact.dist              2.13 
# 
loop_
_pdbx_validate_torsion.id 
_pdbx_validate_torsion.PDB_model_num 
_pdbx_validate_torsion.auth_comp_id 
_pdbx_validate_torsion.auth_asym_id 
_pdbx_validate_torsion.auth_seq_id 
_pdbx_validate_torsion.PDB_ins_code 
_pdbx_validate_torsion.label_alt_id 
_pdbx_validate_torsion.phi 
_pdbx_validate_torsion.psi 
1 1 ARG A 35  ? ? 57.17   -40.99 
2 1 GLU A 36  ? ? -67.24  1.70   
3 1 SER A 38  ? ? 83.75   2.95   
4 1 ASN A 108 ? ? -163.11 -61.49 
# 
_pdbx_SG_project.id                    1 
_pdbx_SG_project.project_name          ? 
_pdbx_SG_project.full_name_of_center   'Oxford Protein Production Facility' 
_pdbx_SG_project.initial_of_center     OPPF 
# 
loop_
_pdbx_unobs_or_zero_occ_residues.id 
_pdbx_unobs_or_zero_occ_residues.PDB_model_num 
_pdbx_unobs_or_zero_occ_residues.polymer_flag 
_pdbx_unobs_or_zero_occ_residues.occupancy_flag 
_pdbx_unobs_or_zero_occ_residues.auth_asym_id 
_pdbx_unobs_or_zero_occ_residues.auth_comp_id 
_pdbx_unobs_or_zero_occ_residues.auth_seq_id 
_pdbx_unobs_or_zero_occ_residues.PDB_ins_code 
_pdbx_unobs_or_zero_occ_residues.label_asym_id 
_pdbx_unobs_or_zero_occ_residues.label_comp_id 
_pdbx_unobs_or_zero_occ_residues.label_seq_id 
1 1 Y 1 A MET 1   ? A MET 1   
2 1 Y 1 A GLU 148 ? A GLU 148 
3 1 Y 1 A GLU 149 ? A GLU 149 
# 
loop_
_chem_comp_atom.comp_id 
_chem_comp_atom.atom_id 
_chem_comp_atom.type_symbol 
_chem_comp_atom.pdbx_aromatic_flag 
_chem_comp_atom.pdbx_stereo_config 
_chem_comp_atom.pdbx_ordinal 
ALA N    N N N 1   
ALA CA   C N S 2   
ALA C    C N N 3   
ALA O    O N N 4   
ALA CB   C N N 5   
ALA OXT  O N N 6   
ALA H    H N N 7   
ALA H2   H N N 8   
ALA HA   H N N 9   
ALA HB1  H N N 10  
ALA HB2  H N N 11  
ALA HB3  H N N 12  
ALA HXT  H N N 13  
ARG N    N N N 14  
ARG CA   C N S 15  
ARG C    C N N 16  
ARG O    O N N 17  
ARG CB   C N N 18  
ARG CG   C N N 19  
ARG CD   C N N 20  
ARG NE   N N N 21  
ARG CZ   C N N 22  
ARG NH1  N N N 23  
ARG NH2  N N N 24  
ARG OXT  O N N 25  
ARG H    H N N 26  
ARG H2   H N N 27  
ARG HA   H N N 28  
ARG HB2  H N N 29  
ARG HB3  H N N 30  
ARG HG2  H N N 31  
ARG HG3  H N N 32  
ARG HD2  H N N 33  
ARG HD3  H N N 34  
ARG HE   H N N 35  
ARG HH11 H N N 36  
ARG HH12 H N N 37  
ARG HH21 H N N 38  
ARG HH22 H N N 39  
ARG HXT  H N N 40  
ASN N    N N N 41  
ASN CA   C N S 42  
ASN C    C N N 43  
ASN O    O N N 44  
ASN CB   C N N 45  
ASN CG   C N N 46  
ASN OD1  O N N 47  
ASN ND2  N N N 48  
ASN OXT  O N N 49  
ASN H    H N N 50  
ASN H2   H N N 51  
ASN HA   H N N 52  
ASN HB2  H N N 53  
ASN HB3  H N N 54  
ASN HD21 H N N 55  
ASN HD22 H N N 56  
ASN HXT  H N N 57  
ASP N    N N N 58  
ASP CA   C N S 59  
ASP C    C N N 60  
ASP O    O N N 61  
ASP CB   C N N 62  
ASP CG   C N N 63  
ASP OD1  O N N 64  
ASP OD2  O N N 65  
ASP OXT  O N N 66  
ASP H    H N N 67  
ASP H2   H N N 68  
ASP HA   H N N 69  
ASP HB2  H N N 70  
ASP HB3  H N N 71  
ASP HD2  H N N 72  
ASP HXT  H N N 73  
CYS N    N N N 74  
CYS CA   C N R 75  
CYS C    C N N 76  
CYS O    O N N 77  
CYS CB   C N N 78  
CYS SG   S N N 79  
CYS OXT  O N N 80  
CYS H    H N N 81  
CYS H2   H N N 82  
CYS HA   H N N 83  
CYS HB2  H N N 84  
CYS HB3  H N N 85  
CYS HG   H N N 86  
CYS HXT  H N N 87  
GLN N    N N N 88  
GLN CA   C N S 89  
GLN C    C N N 90  
GLN O    O N N 91  
GLN CB   C N N 92  
GLN CG   C N N 93  
GLN CD   C N N 94  
GLN OE1  O N N 95  
GLN NE2  N N N 96  
GLN OXT  O N N 97  
GLN H    H N N 98  
GLN H2   H N N 99  
GLN HA   H N N 100 
GLN HB2  H N N 101 
GLN HB3  H N N 102 
GLN HG2  H N N 103 
GLN HG3  H N N 104 
GLN HE21 H N N 105 
GLN HE22 H N N 106 
GLN HXT  H N N 107 
GLU N    N N N 108 
GLU CA   C N S 109 
GLU C    C N N 110 
GLU O    O N N 111 
GLU CB   C N N 112 
GLU CG   C N N 113 
GLU CD   C N N 114 
GLU OE1  O N N 115 
GLU OE2  O N N 116 
GLU OXT  O N N 117 
GLU H    H N N 118 
GLU H2   H N N 119 
GLU HA   H N N 120 
GLU HB2  H N N 121 
GLU HB3  H N N 122 
GLU HG2  H N N 123 
GLU HG3  H N N 124 
GLU HE2  H N N 125 
GLU HXT  H N N 126 
GLY N    N N N 127 
GLY CA   C N N 128 
GLY C    C N N 129 
GLY O    O N N 130 
GLY OXT  O N N 131 
GLY H    H N N 132 
GLY H2   H N N 133 
GLY HA2  H N N 134 
GLY HA3  H N N 135 
GLY HXT  H N N 136 
HIS N    N N N 137 
HIS CA   C N S 138 
HIS C    C N N 139 
HIS O    O N N 140 
HIS CB   C N N 141 
HIS CG   C Y N 142 
HIS ND1  N Y N 143 
HIS CD2  C Y N 144 
HIS CE1  C Y N 145 
HIS NE2  N Y N 146 
HIS OXT  O N N 147 
HIS H    H N N 148 
HIS H2   H N N 149 
HIS HA   H N N 150 
HIS HB2  H N N 151 
HIS HB3  H N N 152 
HIS HD1  H N N 153 
HIS HD2  H N N 154 
HIS HE1  H N N 155 
HIS HE2  H N N 156 
HIS HXT  H N N 157 
HOH O    O N N 158 
HOH H1   H N N 159 
HOH H2   H N N 160 
ILE N    N N N 161 
ILE CA   C N S 162 
ILE C    C N N 163 
ILE O    O N N 164 
ILE CB   C N S 165 
ILE CG1  C N N 166 
ILE CG2  C N N 167 
ILE CD1  C N N 168 
ILE OXT  O N N 169 
ILE H    H N N 170 
ILE H2   H N N 171 
ILE HA   H N N 172 
ILE HB   H N N 173 
ILE HG12 H N N 174 
ILE HG13 H N N 175 
ILE HG21 H N N 176 
ILE HG22 H N N 177 
ILE HG23 H N N 178 
ILE HD11 H N N 179 
ILE HD12 H N N 180 
ILE HD13 H N N 181 
ILE HXT  H N N 182 
LEU N    N N N 183 
LEU CA   C N S 184 
LEU C    C N N 185 
LEU O    O N N 186 
LEU CB   C N N 187 
LEU CG   C N N 188 
LEU CD1  C N N 189 
LEU CD2  C N N 190 
LEU OXT  O N N 191 
LEU H    H N N 192 
LEU H2   H N N 193 
LEU HA   H N N 194 
LEU HB2  H N N 195 
LEU HB3  H N N 196 
LEU HG   H N N 197 
LEU HD11 H N N 198 
LEU HD12 H N N 199 
LEU HD13 H N N 200 
LEU HD21 H N N 201 
LEU HD22 H N N 202 
LEU HD23 H N N 203 
LEU HXT  H N N 204 
LYS N    N N N 205 
LYS CA   C N S 206 
LYS C    C N N 207 
LYS O    O N N 208 
LYS CB   C N N 209 
LYS CG   C N N 210 
LYS CD   C N N 211 
LYS CE   C N N 212 
LYS NZ   N N N 213 
LYS OXT  O N N 214 
LYS H    H N N 215 
LYS H2   H N N 216 
LYS HA   H N N 217 
LYS HB2  H N N 218 
LYS HB3  H N N 219 
LYS HG2  H N N 220 
LYS HG3  H N N 221 
LYS HD2  H N N 222 
LYS HD3  H N N 223 
LYS HE2  H N N 224 
LYS HE3  H N N 225 
LYS HZ1  H N N 226 
LYS HZ2  H N N 227 
LYS HZ3  H N N 228 
LYS HXT  H N N 229 
MET N    N N N 230 
MET CA   C N S 231 
MET C    C N N 232 
MET O    O N N 233 
MET CB   C N N 234 
MET CG   C N N 235 
MET SD   S N N 236 
MET CE   C N N 237 
MET OXT  O N N 238 
MET H    H N N 239 
MET H2   H N N 240 
MET HA   H N N 241 
MET HB2  H N N 242 
MET HB3  H N N 243 
MET HG2  H N N 244 
MET HG3  H N N 245 
MET HE1  H N N 246 
MET HE2  H N N 247 
MET HE3  H N N 248 
MET HXT  H N N 249 
PHE N    N N N 250 
PHE CA   C N S 251 
PHE C    C N N 252 
PHE O    O N N 253 
PHE CB   C N N 254 
PHE CG   C Y N 255 
PHE CD1  C Y N 256 
PHE CD2  C Y N 257 
PHE CE1  C Y N 258 
PHE CE2  C Y N 259 
PHE CZ   C Y N 260 
PHE OXT  O N N 261 
PHE H    H N N 262 
PHE H2   H N N 263 
PHE HA   H N N 264 
PHE HB2  H N N 265 
PHE HB3  H N N 266 
PHE HD1  H N N 267 
PHE HD2  H N N 268 
PHE HE1  H N N 269 
PHE HE2  H N N 270 
PHE HZ   H N N 271 
PHE HXT  H N N 272 
PRO N    N N N 273 
PRO CA   C N S 274 
PRO C    C N N 275 
PRO O    O N N 276 
PRO CB   C N N 277 
PRO CG   C N N 278 
PRO CD   C N N 279 
PRO OXT  O N N 280 
PRO H    H N N 281 
PRO HA   H N N 282 
PRO HB2  H N N 283 
PRO HB3  H N N 284 
PRO HG2  H N N 285 
PRO HG3  H N N 286 
PRO HD2  H N N 287 
PRO HD3  H N N 288 
PRO HXT  H N N 289 
SER N    N N N 290 
SER CA   C N S 291 
SER C    C N N 292 
SER O    O N N 293 
SER CB   C N N 294 
SER OG   O N N 295 
SER OXT  O N N 296 
SER H    H N N 297 
SER H2   H N N 298 
SER HA   H N N 299 
SER HB2  H N N 300 
SER HB3  H N N 301 
SER HG   H N N 302 
SER HXT  H N N 303 
THR N    N N N 304 
THR CA   C N S 305 
THR C    C N N 306 
THR O    O N N 307 
THR CB   C N R 308 
THR OG1  O N N 309 
THR CG2  C N N 310 
THR OXT  O N N 311 
THR H    H N N 312 
THR H2   H N N 313 
THR HA   H N N 314 
THR HB   H N N 315 
THR HG1  H N N 316 
THR HG21 H N N 317 
THR HG22 H N N 318 
THR HG23 H N N 319 
THR HXT  H N N 320 
VAL N    N N N 321 
VAL CA   C N S 322 
VAL C    C N N 323 
VAL O    O N N 324 
VAL CB   C N N 325 
VAL CG1  C N N 326 
VAL CG2  C N N 327 
VAL OXT  O N N 328 
VAL H    H N N 329 
VAL H2   H N N 330 
VAL HA   H N N 331 
VAL HB   H N N 332 
VAL HG11 H N N 333 
VAL HG12 H N N 334 
VAL HG13 H N N 335 
VAL HG21 H N N 336 
VAL HG22 H N N 337 
VAL HG23 H N N 338 
VAL HXT  H N N 339 
# 
loop_
_chem_comp_bond.comp_id 
_chem_comp_bond.atom_id_1 
_chem_comp_bond.atom_id_2 
_chem_comp_bond.value_order 
_chem_comp_bond.pdbx_aromatic_flag 
_chem_comp_bond.pdbx_stereo_config 
_chem_comp_bond.pdbx_ordinal 
ALA N   CA   sing N N 1   
ALA N   H    sing N N 2   
ALA N   H2   sing N N 3   
ALA CA  C    sing N N 4   
ALA CA  CB   sing N N 5   
ALA CA  HA   sing N N 6   
ALA C   O    doub N N 7   
ALA C   OXT  sing N N 8   
ALA CB  HB1  sing N N 9   
ALA CB  HB2  sing N N 10  
ALA CB  HB3  sing N N 11  
ALA OXT HXT  sing N N 12  
ARG N   CA   sing N N 13  
ARG N   H    sing N N 14  
ARG N   H2   sing N N 15  
ARG CA  C    sing N N 16  
ARG CA  CB   sing N N 17  
ARG CA  HA   sing N N 18  
ARG C   O    doub N N 19  
ARG C   OXT  sing N N 20  
ARG CB  CG   sing N N 21  
ARG CB  HB2  sing N N 22  
ARG CB  HB3  sing N N 23  
ARG CG  CD   sing N N 24  
ARG CG  HG2  sing N N 25  
ARG CG  HG3  sing N N 26  
ARG CD  NE   sing N N 27  
ARG CD  HD2  sing N N 28  
ARG CD  HD3  sing N N 29  
ARG NE  CZ   sing N N 30  
ARG NE  HE   sing N N 31  
ARG CZ  NH1  sing N N 32  
ARG CZ  NH2  doub N N 33  
ARG NH1 HH11 sing N N 34  
ARG NH1 HH12 sing N N 35  
ARG NH2 HH21 sing N N 36  
ARG NH2 HH22 sing N N 37  
ARG OXT HXT  sing N N 38  
ASN N   CA   sing N N 39  
ASN N   H    sing N N 40  
ASN N   H2   sing N N 41  
ASN CA  C    sing N N 42  
ASN CA  CB   sing N N 43  
ASN CA  HA   sing N N 44  
ASN C   O    doub N N 45  
ASN C   OXT  sing N N 46  
ASN CB  CG   sing N N 47  
ASN CB  HB2  sing N N 48  
ASN CB  HB3  sing N N 49  
ASN CG  OD1  doub N N 50  
ASN CG  ND2  sing N N 51  
ASN ND2 HD21 sing N N 52  
ASN ND2 HD22 sing N N 53  
ASN OXT HXT  sing N N 54  
ASP N   CA   sing N N 55  
ASP N   H    sing N N 56  
ASP N   H2   sing N N 57  
ASP CA  C    sing N N 58  
ASP CA  CB   sing N N 59  
ASP CA  HA   sing N N 60  
ASP C   O    doub N N 61  
ASP C   OXT  sing N N 62  
ASP CB  CG   sing N N 63  
ASP CB  HB2  sing N N 64  
ASP CB  HB3  sing N N 65  
ASP CG  OD1  doub N N 66  
ASP CG  OD2  sing N N 67  
ASP OD2 HD2  sing N N 68  
ASP OXT HXT  sing N N 69  
CYS N   CA   sing N N 70  
CYS N   H    sing N N 71  
CYS N   H2   sing N N 72  
CYS CA  C    sing N N 73  
CYS CA  CB   sing N N 74  
CYS CA  HA   sing N N 75  
CYS C   O    doub N N 76  
CYS C   OXT  sing N N 77  
CYS CB  SG   sing N N 78  
CYS CB  HB2  sing N N 79  
CYS CB  HB3  sing N N 80  
CYS SG  HG   sing N N 81  
CYS OXT HXT  sing N N 82  
GLN N   CA   sing N N 83  
GLN N   H    sing N N 84  
GLN N   H2   sing N N 85  
GLN CA  C    sing N N 86  
GLN CA  CB   sing N N 87  
GLN CA  HA   sing N N 88  
GLN C   O    doub N N 89  
GLN C   OXT  sing N N 90  
GLN CB  CG   sing N N 91  
GLN CB  HB2  sing N N 92  
GLN CB  HB3  sing N N 93  
GLN CG  CD   sing N N 94  
GLN CG  HG2  sing N N 95  
GLN CG  HG3  sing N N 96  
GLN CD  OE1  doub N N 97  
GLN CD  NE2  sing N N 98  
GLN NE2 HE21 sing N N 99  
GLN NE2 HE22 sing N N 100 
GLN OXT HXT  sing N N 101 
GLU N   CA   sing N N 102 
GLU N   H    sing N N 103 
GLU N   H2   sing N N 104 
GLU CA  C    sing N N 105 
GLU CA  CB   sing N N 106 
GLU CA  HA   sing N N 107 
GLU C   O    doub N N 108 
GLU C   OXT  sing N N 109 
GLU CB  CG   sing N N 110 
GLU CB  HB2  sing N N 111 
GLU CB  HB3  sing N N 112 
GLU CG  CD   sing N N 113 
GLU CG  HG2  sing N N 114 
GLU CG  HG3  sing N N 115 
GLU CD  OE1  doub N N 116 
GLU CD  OE2  sing N N 117 
GLU OE2 HE2  sing N N 118 
GLU OXT HXT  sing N N 119 
GLY N   CA   sing N N 120 
GLY N   H    sing N N 121 
GLY N   H2   sing N N 122 
GLY CA  C    sing N N 123 
GLY CA  HA2  sing N N 124 
GLY CA  HA3  sing N N 125 
GLY C   O    doub N N 126 
GLY C   OXT  sing N N 127 
GLY OXT HXT  sing N N 128 
HIS N   CA   sing N N 129 
HIS N   H    sing N N 130 
HIS N   H2   sing N N 131 
HIS CA  C    sing N N 132 
HIS CA  CB   sing N N 133 
HIS CA  HA   sing N N 134 
HIS C   O    doub N N 135 
HIS C   OXT  sing N N 136 
HIS CB  CG   sing N N 137 
HIS CB  HB2  sing N N 138 
HIS CB  HB3  sing N N 139 
HIS CG  ND1  sing Y N 140 
HIS CG  CD2  doub Y N 141 
HIS ND1 CE1  doub Y N 142 
HIS ND1 HD1  sing N N 143 
HIS CD2 NE2  sing Y N 144 
HIS CD2 HD2  sing N N 145 
HIS CE1 NE2  sing Y N 146 
HIS CE1 HE1  sing N N 147 
HIS NE2 HE2  sing N N 148 
HIS OXT HXT  sing N N 149 
HOH O   H1   sing N N 150 
HOH O   H2   sing N N 151 
ILE N   CA   sing N N 152 
ILE N   H    sing N N 153 
ILE N   H2   sing N N 154 
ILE CA  C    sing N N 155 
ILE CA  CB   sing N N 156 
ILE CA  HA   sing N N 157 
ILE C   O    doub N N 158 
ILE C   OXT  sing N N 159 
ILE CB  CG1  sing N N 160 
ILE CB  CG2  sing N N 161 
ILE CB  HB   sing N N 162 
ILE CG1 CD1  sing N N 163 
ILE CG1 HG12 sing N N 164 
ILE CG1 HG13 sing N N 165 
ILE CG2 HG21 sing N N 166 
ILE CG2 HG22 sing N N 167 
ILE CG2 HG23 sing N N 168 
ILE CD1 HD11 sing N N 169 
ILE CD1 HD12 sing N N 170 
ILE CD1 HD13 sing N N 171 
ILE OXT HXT  sing N N 172 
LEU N   CA   sing N N 173 
LEU N   H    sing N N 174 
LEU N   H2   sing N N 175 
LEU CA  C    sing N N 176 
LEU CA  CB   sing N N 177 
LEU CA  HA   sing N N 178 
LEU C   O    doub N N 179 
LEU C   OXT  sing N N 180 
LEU CB  CG   sing N N 181 
LEU CB  HB2  sing N N 182 
LEU CB  HB3  sing N N 183 
LEU CG  CD1  sing N N 184 
LEU CG  CD2  sing N N 185 
LEU CG  HG   sing N N 186 
LEU CD1 HD11 sing N N 187 
LEU CD1 HD12 sing N N 188 
LEU CD1 HD13 sing N N 189 
LEU CD2 HD21 sing N N 190 
LEU CD2 HD22 sing N N 191 
LEU CD2 HD23 sing N N 192 
LEU OXT HXT  sing N N 193 
LYS N   CA   sing N N 194 
LYS N   H    sing N N 195 
LYS N   H2   sing N N 196 
LYS CA  C    sing N N 197 
LYS CA  CB   sing N N 198 
LYS CA  HA   sing N N 199 
LYS C   O    doub N N 200 
LYS C   OXT  sing N N 201 
LYS CB  CG   sing N N 202 
LYS CB  HB2  sing N N 203 
LYS CB  HB3  sing N N 204 
LYS CG  CD   sing N N 205 
LYS CG  HG2  sing N N 206 
LYS CG  HG3  sing N N 207 
LYS CD  CE   sing N N 208 
LYS CD  HD2  sing N N 209 
LYS CD  HD3  sing N N 210 
LYS CE  NZ   sing N N 211 
LYS CE  HE2  sing N N 212 
LYS CE  HE3  sing N N 213 
LYS NZ  HZ1  sing N N 214 
LYS NZ  HZ2  sing N N 215 
LYS NZ  HZ3  sing N N 216 
LYS OXT HXT  sing N N 217 
MET N   CA   sing N N 218 
MET N   H    sing N N 219 
MET N   H2   sing N N 220 
MET CA  C    sing N N 221 
MET CA  CB   sing N N 222 
MET CA  HA   sing N N 223 
MET C   O    doub N N 224 
MET C   OXT  sing N N 225 
MET CB  CG   sing N N 226 
MET CB  HB2  sing N N 227 
MET CB  HB3  sing N N 228 
MET CG  SD   sing N N 229 
MET CG  HG2  sing N N 230 
MET CG  HG3  sing N N 231 
MET SD  CE   sing N N 232 
MET CE  HE1  sing N N 233 
MET CE  HE2  sing N N 234 
MET CE  HE3  sing N N 235 
MET OXT HXT  sing N N 236 
PHE N   CA   sing N N 237 
PHE N   H    sing N N 238 
PHE N   H2   sing N N 239 
PHE CA  C    sing N N 240 
PHE CA  CB   sing N N 241 
PHE CA  HA   sing N N 242 
PHE C   O    doub N N 243 
PHE C   OXT  sing N N 244 
PHE CB  CG   sing N N 245 
PHE CB  HB2  sing N N 246 
PHE CB  HB3  sing N N 247 
PHE CG  CD1  doub Y N 248 
PHE CG  CD2  sing Y N 249 
PHE CD1 CE1  sing Y N 250 
PHE CD1 HD1  sing N N 251 
PHE CD2 CE2  doub Y N 252 
PHE CD2 HD2  sing N N 253 
PHE CE1 CZ   doub Y N 254 
PHE CE1 HE1  sing N N 255 
PHE CE2 CZ   sing Y N 256 
PHE CE2 HE2  sing N N 257 
PHE CZ  HZ   sing N N 258 
PHE OXT HXT  sing N N 259 
PRO N   CA   sing N N 260 
PRO N   CD   sing N N 261 
PRO N   H    sing N N 262 
PRO CA  C    sing N N 263 
PRO CA  CB   sing N N 264 
PRO CA  HA   sing N N 265 
PRO C   O    doub N N 266 
PRO C   OXT  sing N N 267 
PRO CB  CG   sing N N 268 
PRO CB  HB2  sing N N 269 
PRO CB  HB3  sing N N 270 
PRO CG  CD   sing N N 271 
PRO CG  HG2  sing N N 272 
PRO CG  HG3  sing N N 273 
PRO CD  HD2  sing N N 274 
PRO CD  HD3  sing N N 275 
PRO OXT HXT  sing N N 276 
SER N   CA   sing N N 277 
SER N   H    sing N N 278 
SER N   H2   sing N N 279 
SER CA  C    sing N N 280 
SER CA  CB   sing N N 281 
SER CA  HA   sing N N 282 
SER C   O    doub N N 283 
SER C   OXT  sing N N 284 
SER CB  OG   sing N N 285 
SER CB  HB2  sing N N 286 
SER CB  HB3  sing N N 287 
SER OG  HG   sing N N 288 
SER OXT HXT  sing N N 289 
THR N   CA   sing N N 290 
THR N   H    sing N N 291 
THR N   H2   sing N N 292 
THR CA  C    sing N N 293 
THR CA  CB   sing N N 294 
THR CA  HA   sing N N 295 
THR C   O    doub N N 296 
THR C   OXT  sing N N 297 
THR CB  OG1  sing N N 298 
THR CB  CG2  sing N N 299 
THR CB  HB   sing N N 300 
THR OG1 HG1  sing N N 301 
THR CG2 HG21 sing N N 302 
THR CG2 HG22 sing N N 303 
THR CG2 HG23 sing N N 304 
THR OXT HXT  sing N N 305 
VAL N   CA   sing N N 306 
VAL N   H    sing N N 307 
VAL N   H2   sing N N 308 
VAL CA  C    sing N N 309 
VAL CA  CB   sing N N 310 
VAL CA  HA   sing N N 311 
VAL C   O    doub N N 312 
VAL C   OXT  sing N N 313 
VAL CB  CG1  sing N N 314 
VAL CB  CG2  sing N N 315 
VAL CB  HB   sing N N 316 
VAL CG1 HG11 sing N N 317 
VAL CG1 HG12 sing N N 318 
VAL CG1 HG13 sing N N 319 
VAL CG2 HG21 sing N N 320 
VAL CG2 HG22 sing N N 321 
VAL CG2 HG23 sing N N 322 
VAL OXT HXT  sing N N 323 
# 
_atom_sites.entry_id                    2A0J 
_atom_sites.fract_transf_matrix[1][1]   -0.00089009 
_atom_sites.fract_transf_matrix[1][2]   -0.01881583 
_atom_sites.fract_transf_matrix[1][3]   0.00180786 
_atom_sites.fract_transf_matrix[2][1]   0.00872853 
_atom_sites.fract_transf_matrix[2][2]   -0.01113608 
_atom_sites.fract_transf_matrix[2][3]   -0.01256505 
_atom_sites.fract_transf_matrix[3][1]   0.01306721 
_atom_sites.fract_transf_matrix[3][2]   0.00023409 
_atom_sites.fract_transf_matrix[3][3]   0.00886990 
_atom_sites.fract_transf_vector[1]      -0.106647 
_atom_sites.fract_transf_vector[2]      0.341277 
_atom_sites.fract_transf_vector[3]      -0.027611 
# 
loop_
_atom_type.symbol 
C 
N 
O 
S 
# 
loop_
_atom_site.group_PDB 
_atom_site.id 
_atom_site.type_symbol 
_atom_site.label_atom_id 
_atom_site.label_alt_id 
_atom_site.label_comp_id 
_atom_site.label_asym_id 
_atom_site.label_entity_id 
_atom_site.label_seq_id 
_atom_site.pdbx_PDB_ins_code 
_atom_site.Cartn_x 
_atom_site.Cartn_y 
_atom_site.Cartn_z 
_atom_site.occupancy 
_atom_site.B_iso_or_equiv 
_atom_site.pdbx_formal_charge 
_atom_site.auth_seq_id 
_atom_site.auth_comp_id 
_atom_site.auth_asym_id 
_atom_site.auth_atom_id 
_atom_site.pdbx_PDB_model_num 
ATOM   1    N N   . SER A 1 2   ? -2.297  6.480   14.200  1.00 44.60  ? 2   SER A N   1 
ATOM   2    C CA  . SER A 1 2   ? -2.161  7.924   14.562  1.00 46.11  ? 2   SER A CA  1 
ATOM   3    C C   . SER A 1 2   ? -1.481  8.677   13.424  1.00 48.15  ? 2   SER A C   1 
ATOM   4    O O   . SER A 1 2   ? -2.070  9.571   12.809  1.00 48.78  ? 2   SER A O   1 
ATOM   5    C CB  . SER A 1 2   ? -1.336  8.064   15.840  1.00 50.40  ? 2   SER A CB  1 
ATOM   6    O OG  . SER A 1 2   ? -0.099  7.379   15.713  1.00 64.93  ? 2   SER A OG  1 
ATOM   7    N N   . LEU A 1 3   ? -0.233  8.312   13.148  1.00 42.35  ? 3   LEU A N   1 
ATOM   8    C CA  . LEU A 1 3   ? 0.511   8.937   12.071  1.00 36.19  ? 3   LEU A CA  1 
ATOM   9    C C   . LEU A 1 3   ? 0.036   8.376   10.726  1.00 38.27  ? 3   LEU A C   1 
ATOM   10   O O   . LEU A 1 3   ? 0.384   8.894   9.662   1.00 34.50  ? 3   LEU A O   1 
ATOM   11   C CB  . LEU A 1 3   ? 2.009   8.699   12.262  1.00 33.58  ? 3   LEU A CB  1 
ATOM   12   C CG  . LEU A 1 3   ? 2.522   7.269   12.442  1.00 51.49  ? 3   LEU A CG  1 
ATOM   13   C CD1 . LEU A 1 3   ? 4.044   7.296   12.473  1.00 57.24  ? 3   LEU A CD1 1 
ATOM   14   C CD2 . LEU A 1 3   ? 1.977   6.661   13.724  1.00 51.03  ? 3   LEU A CD2 1 
ATOM   15   N N   . ILE A 1 4   ? -0.772  7.318   10.782  1.00 32.81  ? 4   ILE A N   1 
ATOM   16   C CA  . ILE A 1 4   ? -1.312  6.704   9.575   1.00 33.77  ? 4   ILE A CA  1 
ATOM   17   C C   . ILE A 1 4   ? -2.253  7.707   8.923   1.00 32.36  ? 4   ILE A C   1 
ATOM   18   O O   . ILE A 1 4   ? -2.426  7.710   7.703   1.00 28.44  ? 4   ILE A O   1 
ATOM   19   C CB  . ILE A 1 4   ? -2.117  5.417   9.894   1.00 46.98  ? 4   ILE A CB  1 
ATOM   20   C CG1 . ILE A 1 4   ? -1.227  4.400   10.611  1.00 58.17  ? 4   ILE A CG1 1 
ATOM   21   C CG2 . ILE A 1 4   ? -2.653  4.805   8.609   1.00 39.15  ? 4   ILE A CG2 1 
ATOM   22   C CD1 . ILE A 1 4   ? -1.952  3.144   11.047  1.00 53.18  ? 4   ILE A CD1 1 
ATOM   23   N N   . GLY A 1 5   ? -2.853  8.557   9.752   1.00 31.57  ? 5   GLY A N   1 
ATOM   24   C CA  . GLY A 1 5   ? -3.777  9.563   9.260   1.00 28.53  ? 5   GLY A CA  1 
ATOM   25   C C   . GLY A 1 5   ? -3.109  10.688  8.490   1.00 30.22  ? 5   GLY A C   1 
ATOM   26   O O   . GLY A 1 5   ? -3.606  11.117  7.450   1.00 29.70  ? 5   GLY A O   1 
ATOM   27   N N   . GLU A 1 6   ? -1.981  11.174  8.995   1.00 30.03  ? 6   GLU A N   1 
ATOM   28   C CA  . GLU A 1 6   ? -1.275  12.250  8.315   1.00 38.57  ? 6   GLU A CA  1 
ATOM   29   C C   . GLU A 1 6   ? -0.508  11.701  7.123   1.00 39.93  ? 6   GLU A C   1 
ATOM   30   O O   . GLU A 1 6   ? 0.060   12.455  6.334   1.00 45.89  ? 6   GLU A O   1 
ATOM   31   C CB  . GLU A 1 6   ? -0.314  12.952  9.275   1.00 39.47  ? 6   GLU A CB  1 
ATOM   32   C CG  . GLU A 1 6   ? 0.740   12.051  9.868   1.00 59.48  ? 6   GLU A CG  1 
ATOM   33   C CD  . GLU A 1 6   ? 1.705   12.805  10.755  1.00 74.01  ? 6   GLU A CD  1 
ATOM   34   O OE1 . GLU A 1 6   ? 2.329   13.772  10.266  1.00 73.41  ? 6   GLU A OE1 1 
ATOM   35   O OE2 . GLU A 1 6   ? 1.838   12.430  11.941  1.00 77.27  ? 6   GLU A OE2 1 
ATOM   36   N N   . ILE A 1 7   ? -0.505  10.382  6.988   1.00 36.40  ? 7   ILE A N   1 
ATOM   37   C CA  . ILE A 1 7   ? 0.197   9.738   5.892   1.00 34.41  ? 7   ILE A CA  1 
ATOM   38   C C   . ILE A 1 7   ? -0.744  9.313   4.770   1.00 31.89  ? 7   ILE A C   1 
ATOM   39   O O   . ILE A 1 7   ? -0.308  9.074   3.642   1.00 33.20  ? 7   ILE A O   1 
ATOM   40   C CB  . ILE A 1 7   ? 1.023   8.523   6.426   1.00 38.08  ? 7   ILE A CB  1 
ATOM   41   C CG1 . ILE A 1 7   ? 2.516   8.850   6.327   1.00 47.69  ? 7   ILE A CG1 1 
ATOM   42   C CG2 . ILE A 1 7   ? 0.689   7.235   5.668   1.00 15.50  ? 7   ILE A CG2 1 
ATOM   43   C CD1 . ILE A 1 7   ? 2.919   10.139  7.037   1.00 35.83  ? 7   ILE A CD1 1 
ATOM   44   N N   . LEU A 1 8   ? -2.039  9.251   5.066   1.00 31.22  ? 8   LEU A N   1 
ATOM   45   C CA  . LEU A 1 8   ? -3.015  8.836   4.064   1.00 26.76  ? 8   LEU A CA  1 
ATOM   46   C C   . LEU A 1 8   ? -4.144  9.838   3.766   1.00 20.60  ? 8   LEU A C   1 
ATOM   47   O O   . LEU A 1 8   ? -5.263  9.683   4.251   1.00 10.66  ? 8   LEU A O   1 
ATOM   48   C CB  . LEU A 1 8   ? -3.622  7.484   4.472   1.00 23.20  ? 8   LEU A CB  1 
ATOM   49   C CG  . LEU A 1 8   ? -4.386  6.690   3.406   1.00 28.67  ? 8   LEU A CG  1 
ATOM   50   C CD1 . LEU A 1 8   ? -3.419  6.244   2.322   1.00 27.85  ? 8   LEU A CD1 1 
ATOM   51   C CD2 . LEU A 1 8   ? -5.062  5.481   4.032   1.00 35.94  ? 8   LEU A CD2 1 
ATOM   52   N N   . PRO A 1 9   ? -3.858  10.892  2.980   1.00 17.65  ? 9   PRO A N   1 
ATOM   53   C CA  . PRO A 1 9   ? -4.914  11.853  2.662   1.00 16.50  ? 9   PRO A CA  1 
ATOM   54   C C   . PRO A 1 9   ? -5.843  11.222  1.623   1.00 19.04  ? 9   PRO A C   1 
ATOM   55   O O   . PRO A 1 9   ? -5.509  10.203  1.023   1.00 21.53  ? 9   PRO A O   1 
ATOM   56   C CB  . PRO A 1 9   ? -4.141  13.041  2.104   1.00 9.98   ? 9   PRO A CB  1 
ATOM   57   C CG  . PRO A 1 9   ? -2.992  12.395  1.448   1.00 18.40  ? 9   PRO A CG  1 
ATOM   58   C CD  . PRO A 1 9   ? -2.563  11.379  2.480   1.00 14.61  ? 9   PRO A CD  1 
ATOM   59   N N   . LEU A 1 10  ? -7.006  11.822  1.416   1.00 25.19  ? 10  LEU A N   1 
ATOM   60   C CA  . LEU A 1 10  ? -7.970  11.298  0.454   1.00 22.36  ? 10  LEU A CA  1 
ATOM   61   C C   . LEU A 1 10  ? -7.406  11.324  -0.964  1.00 21.45  ? 10  LEU A C   1 
ATOM   62   O O   . LEU A 1 10  ? -7.832  10.553  -1.823  1.00 16.10  ? 10  LEU A O   1 
ATOM   63   C CB  . LEU A 1 10  ? -9.263  12.112  0.532   1.00 23.14  ? 10  LEU A CB  1 
ATOM   64   C CG  . LEU A 1 10  ? -9.926  12.076  1.916   1.00 23.15  ? 10  LEU A CG  1 
ATOM   65   C CD1 . LEU A 1 10  ? -11.055 13.093  1.994   1.00 32.67  ? 10  LEU A CD1 1 
ATOM   66   C CD2 . LEU A 1 10  ? -10.452 10.682  2.177   1.00 16.33  ? 10  LEU A CD2 1 
ATOM   67   N N   . SER A 1 11  ? -6.444  12.214  -1.199  1.00 22.21  ? 11  SER A N   1 
ATOM   68   C CA  . SER A 1 11  ? -5.800  12.342  -2.506  1.00 20.61  ? 11  SER A CA  1 
ATOM   69   C C   . SER A 1 11  ? -4.876  11.149  -2.809  1.00 19.17  ? 11  SER A C   1 
ATOM   70   O O   . SER A 1 11  ? -4.419  10.989  -3.939  1.00 18.84  ? 11  SER A O   1 
ATOM   71   C CB  . SER A 1 11  ? -4.978  13.634  -2.561  1.00 13.33  ? 11  SER A CB  1 
ATOM   72   O OG  . SER A 1 11  ? -3.862  13.548  -1.691  1.00 12.06  ? 11  SER A OG  1 
ATOM   73   N N   . HIS A 1 12  ? -4.595  10.329  -1.795  1.00 16.08  ? 12  HIS A N   1 
ATOM   74   C CA  . HIS A 1 12  ? -3.729  9.155   -1.959  1.00 19.82  ? 12  HIS A CA  1 
ATOM   75   C C   . HIS A 1 12  ? -4.511  7.837   -1.935  1.00 20.30  ? 12  HIS A C   1 
ATOM   76   O O   . HIS A 1 12  ? -3.933  6.769   -1.730  1.00 16.66  ? 12  HIS A O   1 
ATOM   77   C CB  . HIS A 1 12  ? -2.660  9.119   -0.859  1.00 14.97  ? 12  HIS A CB  1 
ATOM   78   C CG  . HIS A 1 12  ? -1.603  10.173  -0.998  1.00 22.19  ? 12  HIS A CG  1 
ATOM   79   N ND1 . HIS A 1 12  ? -0.613  10.362  -0.058  1.00 26.13  ? 12  HIS A ND1 1 
ATOM   80   C CD2 . HIS A 1 12  ? -1.385  11.097  -1.963  1.00 22.69  ? 12  HIS A CD2 1 
ATOM   81   C CE1 . HIS A 1 12  ? 0.166   11.359  -0.437  1.00 28.34  ? 12  HIS A CE1 1 
ATOM   82   N NE2 . HIS A 1 12  ? -0.282  11.823  -1.590  1.00 19.16  ? 12  HIS A NE2 1 
ATOM   83   N N   . ILE A 1 13  ? -5.821  7.927   -2.152  1.00 17.87  ? 13  ILE A N   1 
ATOM   84   C CA  . ILE A 1 13  ? -6.704  6.768   -2.155  1.00 16.93  ? 13  ILE A CA  1 
ATOM   85   C C   . ILE A 1 13  ? -7.403  6.601   -3.502  1.00 18.40  ? 13  ILE A C   1 
ATOM   86   O O   . ILE A 1 13  ? -7.962  7.555   -4.031  1.00 16.72  ? 13  ILE A O   1 
ATOM   87   C CB  . ILE A 1 13  ? -7.766  6.905   -1.058  1.00 17.18  ? 13  ILE A CB  1 
ATOM   88   C CG1 . ILE A 1 13  ? -7.076  6.981   0.307   1.00 12.06  ? 13  ILE A CG1 1 
ATOM   89   C CG2 . ILE A 1 13  ? -8.760  5.750   -1.139  1.00 13.30  ? 13  ILE A CG2 1 
ATOM   90   C CD1 . ILE A 1 13  ? -8.007  7.289   1.449   1.00 19.05  ? 13  ILE A CD1 1 
ATOM   91   N N   . VAL A 1 14  ? -7.348  5.387   -4.052  1.00 17.46  ? 14  VAL A N   1 
ATOM   92   C CA  . VAL A 1 14  ? -7.982  5.056   -5.336  1.00 12.72  ? 14  VAL A CA  1 
ATOM   93   C C   . VAL A 1 14  ? -8.990  3.939   -5.047  1.00 18.80  ? 14  VAL A C   1 
ATOM   94   O O   . VAL A 1 14  ? -8.629  2.897   -4.495  1.00 22.35  ? 14  VAL A O   1 
ATOM   95   C CB  . VAL A 1 14  ? -6.937  4.557   -6.379  1.00 4.98   ? 14  VAL A CB  1 
ATOM   96   C CG1 . VAL A 1 14  ? -7.620  4.245   -7.706  1.00 13.70  ? 14  VAL A CG1 1 
ATOM   97   C CG2 . VAL A 1 14  ? -5.865  5.603   -6.584  1.00 8.59   ? 14  VAL A CG2 1 
ATOM   98   N N   . LEU A 1 15  ? -10.246 4.154   -5.423  1.00 11.72  ? 15  LEU A N   1 
ATOM   99   C CA  . LEU A 1 15  ? -11.307 3.189   -5.148  1.00 13.58  ? 15  LEU A CA  1 
ATOM   100  C C   . LEU A 1 15  ? -11.659 2.174   -6.229  1.00 17.99  ? 15  LEU A C   1 
ATOM   101  O O   . LEU A 1 15  ? -12.182 1.104   -5.917  1.00 15.06  ? 15  LEU A O   1 
ATOM   102  C CB  . LEU A 1 15  ? -12.586 3.942   -4.771  1.00 11.80  ? 15  LEU A CB  1 
ATOM   103  C CG  . LEU A 1 15  ? -12.503 4.942   -3.616  1.00 15.56  ? 15  LEU A CG  1 
ATOM   104  C CD1 . LEU A 1 15  ? -13.763 5.792   -3.594  1.00 4.40   ? 15  LEU A CD1 1 
ATOM   105  C CD2 . LEU A 1 15  ? -12.308 4.205   -2.299  1.00 18.98  ? 15  LEU A CD2 1 
ATOM   106  N N   . ASP A 1 16  ? -11.386 2.495   -7.494  1.00 27.73  ? 16  ASP A N   1 
ATOM   107  C CA  . ASP A 1 16  ? -11.753 1.595   -8.584  1.00 20.96  ? 16  ASP A CA  1 
ATOM   108  C C   . ASP A 1 16  ? -10.744 1.576   -9.726  1.00 14.45  ? 16  ASP A C   1 
ATOM   109  O O   . ASP A 1 16  ? -11.082 1.877   -10.869 1.00 14.33  ? 16  ASP A O   1 
ATOM   110  C CB  . ASP A 1 16  ? -13.128 2.008   -9.114  1.00 31.64  ? 16  ASP A CB  1 
ATOM   111  C CG  . ASP A 1 16  ? -13.747 0.965   -10.019 1.00 40.51  ? 16  ASP A CG  1 
ATOM   112  O OD1 . ASP A 1 16  ? -14.785 1.274   -10.638 1.00 46.02  ? 16  ASP A OD1 1 
ATOM   113  O OD2 . ASP A 1 16  ? -13.209 -0.160  -10.107 1.00 40.17  ? 16  ASP A OD2 1 
ATOM   114  N N   . MET A 1 17  ? -9.508  1.197   -9.419  1.00 15.90  ? 17  MET A N   1 
ATOM   115  C CA  . MET A 1 17  ? -8.455  1.164   -10.430 1.00 15.82  ? 17  MET A CA  1 
ATOM   116  C C   . MET A 1 17  ? -8.494  -0.061  -11.347 1.00 19.32  ? 17  MET A C   1 
ATOM   117  O O   . MET A 1 17  ? -8.541  -1.201  -10.890 1.00 24.47  ? 17  MET A O   1 
ATOM   118  C CB  . MET A 1 17  ? -7.083  1.248   -9.760  1.00 15.97  ? 17  MET A CB  1 
ATOM   119  C CG  . MET A 1 17  ? -5.913  1.211   -10.740 1.00 31.56  ? 17  MET A CG  1 
ATOM   120  S SD  . MET A 1 17  ? -4.309  1.075   -9.921  1.00 27.46  ? 17  MET A SD  1 
ATOM   121  C CE  . MET A 1 17  ? -4.028  2.775   -9.493  1.00 33.78  ? 17  MET A CE  1 
ATOM   122  N N   . GLU A 1 18  ? -8.484  0.194   -12.648 1.00 18.53  ? 18  GLU A N   1 
ATOM   123  C CA  . GLU A 1 18  ? -8.493  -0.866  -13.641 1.00 22.32  ? 18  GLU A CA  1 
ATOM   124  C C   . GLU A 1 18  ? -7.034  -1.194  -13.937 1.00 22.89  ? 18  GLU A C   1 
ATOM   125  O O   . GLU A 1 18  ? -6.353  -0.466  -14.663 1.00 20.42  ? 18  GLU A O   1 
ATOM   126  C CB  . GLU A 1 18  ? -9.202  -0.380  -14.906 1.00 38.18  ? 18  GLU A CB  1 
ATOM   127  C CG  . GLU A 1 18  ? -9.172  -1.359  -16.064 1.00 48.06  ? 18  GLU A CG  1 
ATOM   128  C CD  . GLU A 1 18  ? -9.942  -0.844  -17.262 1.00 65.09  ? 18  GLU A CD  1 
ATOM   129  O OE1 . GLU A 1 18  ? -11.179 -0.699  -17.152 1.00 75.29  ? 18  GLU A OE1 1 
ATOM   130  O OE2 . GLU A 1 18  ? -9.317  -0.577  -18.310 1.00 71.89  ? 18  GLU A OE2 1 
ATOM   131  N N   . VAL A 1 19  ? -6.545  -2.283  -13.361 1.00 25.37  ? 19  VAL A N   1 
ATOM   132  C CA  . VAL A 1 19  ? -5.155  -2.667  -13.559 1.00 32.41  ? 19  VAL A CA  1 
ATOM   133  C C   . VAL A 1 19  ? -5.031  -4.152  -13.889 1.00 30.88  ? 19  VAL A C   1 
ATOM   134  O O   . VAL A 1 19  ? -5.695  -4.992  -13.277 1.00 34.88  ? 19  VAL A O   1 
ATOM   135  C CB  . VAL A 1 19  ? -4.305  -2.302  -12.302 1.00 29.47  ? 19  VAL A CB  1 
ATOM   136  C CG1 . VAL A 1 19  ? -4.939  -2.888  -11.048 1.00 42.57  ? 19  VAL A CG1 1 
ATOM   137  C CG2 . VAL A 1 19  ? -2.891  -2.803  -12.457 1.00 33.08  ? 19  VAL A CG2 1 
ATOM   138  N N   . GLY A 1 20  ? -4.175  -4.461  -14.862 1.00 34.12  ? 20  GLY A N   1 
ATOM   139  C CA  . GLY A 1 20  ? -3.984  -5.838  -15.286 1.00 30.78  ? 20  GLY A CA  1 
ATOM   140  C C   . GLY A 1 20  ? -2.833  -6.603  -14.656 1.00 32.39  ? 20  GLY A C   1 
ATOM   141  O O   . GLY A 1 20  ? -2.961  -7.796  -14.383 1.00 37.15  ? 20  GLY A O   1 
ATOM   142  N N   . SER A 1 21  ? -1.705  -5.943  -14.422 1.00 26.86  ? 21  SER A N   1 
ATOM   143  C CA  . SER A 1 21  ? -0.573  -6.637  -13.830 1.00 20.12  ? 21  SER A CA  1 
ATOM   144  C C   . SER A 1 21  ? -0.047  -5.963  -12.574 1.00 25.19  ? 21  SER A C   1 
ATOM   145  O O   . SER A 1 21  ? -0.363  -4.802  -12.294 1.00 21.67  ? 21  SER A O   1 
ATOM   146  C CB  . SER A 1 21  ? 0.559   -6.761  -14.845 1.00 15.42  ? 21  SER A CB  1 
ATOM   147  O OG  . SER A 1 21  ? 1.040   -5.484  -15.222 1.00 27.81  ? 21  SER A OG  1 
ATOM   148  N N   . LYS A 1 22  ? 0.755   -6.720  -11.828 1.00 25.93  ? 22  LYS A N   1 
ATOM   149  C CA  . LYS A 1 22  ? 1.379   -6.264  -10.590 1.00 23.10  ? 22  LYS A CA  1 
ATOM   150  C C   . LYS A 1 22  ? 2.424   -5.205  -10.943 1.00 22.65  ? 22  LYS A C   1 
ATOM   151  O O   . LYS A 1 22  ? 2.718   -4.309  -10.154 1.00 27.18  ? 22  LYS A O   1 
ATOM   152  C CB  . LYS A 1 22  ? 2.038   -7.457  -9.894  1.00 19.10  ? 22  LYS A CB  1 
ATOM   153  C CG  . LYS A 1 22  ? 2.524   -7.201  -8.482  1.00 23.73  ? 22  LYS A CG  1 
ATOM   154  C CD  . LYS A 1 22  ? 3.163   -8.466  -7.942  1.00 15.26  ? 22  LYS A CD  1 
ATOM   155  C CE  . LYS A 1 22  ? 3.593   -8.319  -6.504  1.00 18.09  ? 22  LYS A CE  1 
ATOM   156  N NZ  . LYS A 1 22  ? 4.171   -9.594  -5.984  1.00 12.61  ? 22  LYS A NZ  1 
ATOM   157  N N   . LYS A 1 23  ? 2.977   -5.328  -12.142 1.00 22.50  ? 23  LYS A N   1 
ATOM   158  C CA  . LYS A 1 23  ? 3.969   -4.391  -12.655 1.00 27.18  ? 23  LYS A CA  1 
ATOM   159  C C   . LYS A 1 23  ? 3.246   -3.065  -12.891 1.00 27.65  ? 23  LYS A C   1 
ATOM   160  O O   . LYS A 1 23  ? 3.748   -1.990  -12.546 1.00 21.54  ? 23  LYS A O   1 
ATOM   161  C CB  . LYS A 1 23  ? 4.536   -4.932  -13.972 1.00 21.72  ? 23  LYS A CB  1 
ATOM   162  C CG  . LYS A 1 23  ? 5.381   -3.969  -14.782 1.00 21.76  ? 23  LYS A CG  1 
ATOM   163  C CD  . LYS A 1 23  ? 6.860   -4.153  -14.498 1.00 45.14  ? 23  LYS A CD  1 
ATOM   164  C CE  . LYS A 1 23  ? 7.708   -3.319  -15.446 1.00 52.50  ? 23  LYS A CE  1 
ATOM   165  N NZ  . LYS A 1 23  ? 7.492   -3.701  -16.871 1.00 62.71  ? 23  LYS A NZ  1 
ATOM   166  N N   . ARG A 1 24  ? 2.049   -3.164  -13.460 1.00 26.23  ? 24  ARG A N   1 
ATOM   167  C CA  . ARG A 1 24  ? 1.221   -2.002  -13.764 1.00 26.16  ? 24  ARG A CA  1 
ATOM   168  C C   . ARG A 1 24  ? 0.844   -1.306  -12.461 1.00 28.38  ? 24  ARG A C   1 
ATOM   169  O O   . ARG A 1 24  ? 0.991   -0.092  -12.320 1.00 30.79  ? 24  ARG A O   1 
ATOM   170  C CB  . ARG A 1 24  ? -0.040  -2.457  -14.505 1.00 28.29  ? 24  ARG A CB  1 
ATOM   171  C CG  . ARG A 1 24  ? -0.693  -1.408  -15.393 1.00 45.71  ? 24  ARG A CG  1 
ATOM   172  C CD  . ARG A 1 24  ? -1.108  -0.171  -14.616 1.00 64.01  ? 24  ARG A CD  1 
ATOM   173  N NE  . ARG A 1 24  ? -0.388  1.015   -15.075 1.00 82.22  ? 24  ARG A NE  1 
ATOM   174  C CZ  . ARG A 1 24  ? -0.578  1.600   -16.254 1.00 90.65  ? 24  ARG A CZ  1 
ATOM   175  N NH1 . ARG A 1 24  ? -1.475  1.114   -17.104 1.00 87.05  ? 24  ARG A NH1 1 
ATOM   176  N NH2 . ARG A 1 24  ? 0.139   2.665   -16.588 1.00 98.93  ? 24  ARG A NH2 1 
ATOM   177  N N   . LEU A 1 25  ? 0.356   -2.093  -11.510 1.00 22.69  ? 25  LEU A N   1 
ATOM   178  C CA  . LEU A 1 25  ? -0.040  -1.590  -10.207 1.00 18.40  ? 25  LEU A CA  1 
ATOM   179  C C   . LEU A 1 25  ? 1.118   -0.817  -9.550  1.00 21.76  ? 25  LEU A C   1 
ATOM   180  O O   . LEU A 1 25  ? 0.921   0.254   -8.963  1.00 11.06  ? 25  LEU A O   1 
ATOM   181  C CB  . LEU A 1 25  ? -0.462  -2.776  -9.333  1.00 18.35  ? 25  LEU A CB  1 
ATOM   182  C CG  . LEU A 1 25  ? -1.059  -2.561  -7.941  1.00 27.22  ? 25  LEU A CG  1 
ATOM   183  C CD1 . LEU A 1 25  ? -2.340  -1.753  -8.033  1.00 28.90  ? 25  LEU A CD1 1 
ATOM   184  C CD2 . LEU A 1 25  ? -1.340  -3.919  -7.312  1.00 32.75  ? 25  LEU A CD2 1 
ATOM   185  N N   . PHE A 1 26  ? 2.329   -1.361  -9.651  1.00 17.65  ? 26  PHE A N   1 
ATOM   186  C CA  . PHE A 1 26  ? 3.495   -0.711  -9.057  1.00 22.98  ? 26  PHE A CA  1 
ATOM   187  C C   . PHE A 1 26  ? 3.871   0.582   -9.781  1.00 22.50  ? 26  PHE A C   1 
ATOM   188  O O   . PHE A 1 26  ? 4.356   1.529   -9.161  1.00 17.24  ? 26  PHE A O   1 
ATOM   189  C CB  . PHE A 1 26  ? 4.696   -1.673  -9.026  1.00 22.99  ? 26  PHE A CB  1 
ATOM   190  C CG  . PHE A 1 26  ? 4.767   -2.524  -7.778  1.00 18.32  ? 26  PHE A CG  1 
ATOM   191  C CD1 . PHE A 1 26  ? 3.773   -3.448  -7.487  1.00 22.24  ? 26  PHE A CD1 1 
ATOM   192  C CD2 . PHE A 1 26  ? 5.831   -2.397  -6.893  1.00 30.03  ? 26  PHE A CD2 1 
ATOM   193  C CE1 . PHE A 1 26  ? 3.837   -4.231  -6.331  1.00 18.36  ? 26  PHE A CE1 1 
ATOM   194  C CE2 . PHE A 1 26  ? 5.902   -3.175  -5.735  1.00 22.09  ? 26  PHE A CE2 1 
ATOM   195  C CZ  . PHE A 1 26  ? 4.906   -4.091  -5.455  1.00 15.31  ? 26  PHE A CZ  1 
ATOM   196  N N   . GLU A 1 27  ? 3.655   0.628   -11.090 1.00 24.58  ? 27  GLU A N   1 
ATOM   197  C CA  . GLU A 1 27  ? 3.967   1.841   -11.837 1.00 29.01  ? 27  GLU A CA  1 
ATOM   198  C C   . GLU A 1 27  ? 3.047   2.967   -11.392 1.00 23.21  ? 27  GLU A C   1 
ATOM   199  O O   . GLU A 1 27  ? 3.491   4.087   -11.164 1.00 25.47  ? 27  GLU A O   1 
ATOM   200  C CB  . GLU A 1 27  ? 3.821   1.605   -13.337 1.00 38.16  ? 27  GLU A CB  1 
ATOM   201  C CG  . GLU A 1 27  ? 4.986   0.842   -13.940 1.00 47.31  ? 27  GLU A CG  1 
ATOM   202  C CD  . GLU A 1 27  ? 4.804   0.572   -15.415 1.00 55.85  ? 27  GLU A CD  1 
ATOM   203  O OE1 . GLU A 1 27  ? 5.751   0.055   -16.040 1.00 77.12  ? 27  GLU A OE1 1 
ATOM   204  O OE2 . GLU A 1 27  ? 3.714   0.872   -15.950 1.00 47.89  ? 27  GLU A OE2 1 
ATOM   205  N N   . GLU A 1 28  ? 1.764   2.654   -11.254 1.00 22.33  ? 28  GLU A N   1 
ATOM   206  C CA  . GLU A 1 28  ? 0.784   3.633   -10.819 1.00 25.21  ? 28  GLU A CA  1 
ATOM   207  C C   . GLU A 1 28  ? 1.088   4.135   -9.403  1.00 25.65  ? 28  GLU A C   1 
ATOM   208  O O   . GLU A 1 28  ? 0.776   5.279   -9.061  1.00 21.78  ? 28  GLU A O   1 
ATOM   209  C CB  . GLU A 1 28  ? -0.616  3.019   -10.862 1.00 34.70  ? 28  GLU A CB  1 
ATOM   210  C CG  . GLU A 1 28  ? -1.600  3.805   -11.719 1.00 56.34  ? 28  GLU A CG  1 
ATOM   211  C CD  . GLU A 1 28  ? -1.813  5.221   -11.215 1.00 59.02  ? 28  GLU A CD  1 
ATOM   212  O OE1 . GLU A 1 28  ? -2.387  5.392   -10.119 1.00 57.09  ? 28  GLU A OE1 1 
ATOM   213  O OE2 . GLU A 1 28  ? -1.404  6.166   -11.920 1.00 66.62  ? 28  GLU A OE2 1 
ATOM   214  N N   . ALA A 1 29  ? 1.690   3.280   -8.579  1.00 24.58  ? 29  ALA A N   1 
ATOM   215  C CA  . ALA A 1 29  ? 2.028   3.656   -7.210  1.00 26.70  ? 29  ALA A CA  1 
ATOM   216  C C   . ALA A 1 29  ? 3.146   4.695   -7.221  1.00 27.31  ? 29  ALA A C   1 
ATOM   217  O O   . ALA A 1 29  ? 3.090   5.680   -6.482  1.00 28.48  ? 29  ALA A O   1 
ATOM   218  C CB  . ALA A 1 29  ? 2.455   2.430   -6.413  1.00 27.27  ? 29  ALA A CB  1 
ATOM   219  N N   . GLY A 1 30  ? 4.155   4.479   -8.064  1.00 21.20  ? 30  GLY A N   1 
ATOM   220  C CA  . GLY A 1 30  ? 5.249   5.427   -8.153  1.00 19.55  ? 30  GLY A CA  1 
ATOM   221  C C   . GLY A 1 30  ? 4.713   6.818   -8.442  1.00 19.14  ? 30  GLY A C   1 
ATOM   222  O O   . GLY A 1 30  ? 5.197   7.820   -7.911  1.00 18.67  ? 30  GLY A O   1 
ATOM   223  N N   . LEU A 1 31  ? 3.694   6.872   -9.289  1.00 23.09  ? 31  LEU A N   1 
ATOM   224  C CA  . LEU A 1 31  ? 3.060   8.130   -9.666  1.00 25.07  ? 31  LEU A CA  1 
ATOM   225  C C   . LEU A 1 31  ? 2.359   8.808   -8.483  1.00 25.82  ? 31  LEU A C   1 
ATOM   226  O O   . LEU A 1 31  ? 2.479   10.016  -8.293  1.00 26.84  ? 31  LEU A O   1 
ATOM   227  C CB  . LEU A 1 31  ? 2.072   7.877   -10.809 1.00 11.28  ? 31  LEU A CB  1 
ATOM   228  C CG  . LEU A 1 31  ? 2.795   7.643   -12.139 1.00 27.70  ? 31  LEU A CG  1 
ATOM   229  C CD1 . LEU A 1 31  ? 1.842   7.082   -13.193 1.00 23.87  ? 31  LEU A CD1 1 
ATOM   230  C CD2 . LEU A 1 31  ? 3.420   8.967   -12.592 1.00 9.84   ? 31  LEU A CD2 1 
ATOM   231  N N   . LEU A 1 32  ? 1.640   8.020   -7.687  1.00 20.50  ? 32  LEU A N   1 
ATOM   232  C CA  . LEU A 1 32  ? 0.929   8.538   -6.524  1.00 15.72  ? 32  LEU A CA  1 
ATOM   233  C C   . LEU A 1 32  ? 1.870   9.096   -5.452  1.00 23.77  ? 32  LEU A C   1 
ATOM   234  O O   . LEU A 1 32  ? 1.587   10.128  -4.842  1.00 27.81  ? 32  LEU A O   1 
ATOM   235  C CB  . LEU A 1 32  ? 0.068   7.433   -5.906  1.00 16.87  ? 32  LEU A CB  1 
ATOM   236  C CG  . LEU A 1 32  ? -1.096  6.879   -6.727  1.00 14.32  ? 32  LEU A CG  1 
ATOM   237  C CD1 . LEU A 1 32  ? -1.760  5.754   -5.961  1.00 17.26  ? 32  LEU A CD1 1 
ATOM   238  C CD2 . LEU A 1 32  ? -2.087  7.983   -7.020  1.00 4.34   ? 32  LEU A CD2 1 
ATOM   239  N N   . LEU A 1 33  ? 2.986   8.411   -5.223  1.00 17.73  ? 33  LEU A N   1 
ATOM   240  C CA  . LEU A 1 33  ? 3.950   8.831   -4.215  1.00 13.77  ? 33  LEU A CA  1 
ATOM   241  C C   . LEU A 1 33  ? 5.072   9.731   -4.753  1.00 18.18  ? 33  LEU A C   1 
ATOM   242  O O   . LEU A 1 33  ? 5.871   10.263  -3.987  1.00 13.31  ? 33  LEU A O   1 
ATOM   243  C CB  . LEU A 1 33  ? 4.545   7.594   -3.537  1.00 12.49  ? 33  LEU A CB  1 
ATOM   244  C CG  . LEU A 1 33  ? 3.508   6.588   -3.009  1.00 14.36  ? 33  LEU A CG  1 
ATOM   245  C CD1 . LEU A 1 33  ? 4.222   5.558   -2.165  1.00 11.61  ? 33  LEU A CD1 1 
ATOM   246  C CD2 . LEU A 1 33  ? 2.431   7.286   -2.176  1.00 13.95  ? 33  LEU A CD2 1 
ATOM   247  N N   . GLU A 1 34  ? 5.106   9.911   -6.069  1.00 17.06  ? 34  GLU A N   1 
ATOM   248  C CA  . GLU A 1 34  ? 6.107   10.739  -6.740  1.00 21.65  ? 34  GLU A CA  1 
ATOM   249  C C   . GLU A 1 34  ? 6.267   12.168  -6.202  1.00 27.76  ? 34  GLU A C   1 
ATOM   250  O O   . GLU A 1 34  ? 5.293   12.851  -5.881  1.00 24.53  ? 34  GLU A O   1 
ATOM   251  C CB  . GLU A 1 34  ? 5.777   10.810  -8.235  1.00 26.30  ? 34  GLU A CB  1 
ATOM   252  C CG  . GLU A 1 34  ? 6.700   11.700  -9.050  1.00 22.54  ? 34  GLU A CG  1 
ATOM   253  C CD  . GLU A 1 34  ? 6.314   11.761  -10.515 1.00 32.19  ? 34  GLU A CD  1 
ATOM   254  O OE1 . GLU A 1 34  ? 7.068   12.372  -11.298 1.00 48.59  ? 34  GLU A OE1 1 
ATOM   255  O OE2 . GLU A 1 34  ? 5.259   11.204  -10.883 1.00 34.03  ? 34  GLU A OE2 1 
ATOM   256  N N   . ARG A 1 35  ? 7.520   12.604  -6.141  1.00 29.92  ? 35  ARG A N   1 
ATOM   257  C CA  . ARG A 1 35  ? 7.927   13.936  -5.683  1.00 32.94  ? 35  ARG A CA  1 
ATOM   258  C C   . ARG A 1 35  ? 7.515   14.378  -4.286  1.00 36.11  ? 35  ARG A C   1 
ATOM   259  O O   . ARG A 1 35  ? 8.301   15.013  -3.589  1.00 34.19  ? 35  ARG A O   1 
ATOM   260  C CB  . ARG A 1 35  ? 7.496   15.005  -6.680  1.00 32.62  ? 35  ARG A CB  1 
ATOM   261  C CG  . ARG A 1 35  ? 8.053   16.369  -6.329  1.00 44.08  ? 35  ARG A CG  1 
ATOM   262  C CD  . ARG A 1 35  ? 7.910   17.322  -7.488  1.00 64.17  ? 35  ARG A CD  1 
ATOM   263  N NE  . ARG A 1 35  ? 6.521   17.426  -7.919  1.00 74.48  ? 35  ARG A NE  1 
ATOM   264  C CZ  . ARG A 1 35  ? 6.120   18.113  -8.979  1.00 82.85  ? 35  ARG A CZ  1 
ATOM   265  N NH1 . ARG A 1 35  ? 7.007   18.762  -9.728  1.00 90.14  ? 35  ARG A NH1 1 
ATOM   266  N NH2 . ARG A 1 35  ? 4.834   18.153  -9.291  1.00 89.28  ? 35  ARG A NH2 1 
ATOM   267  N N   . GLU A 1 36  ? 6.290   14.081  -3.874  1.00 34.87  ? 36  GLU A N   1 
ATOM   268  C CA  . GLU A 1 36  ? 5.885   14.461  -2.534  1.00 35.63  ? 36  GLU A CA  1 
ATOM   269  C C   . GLU A 1 36  ? 6.737   13.600  -1.586  1.00 35.06  ? 36  GLU A C   1 
ATOM   270  O O   . GLU A 1 36  ? 6.619   13.674  -0.359  1.00 34.61  ? 36  GLU A O   1 
ATOM   271  C CB  . GLU A 1 36  ? 4.383   14.218  -2.339  1.00 38.35  ? 36  GLU A CB  1 
ATOM   272  C CG  . GLU A 1 36  ? 3.955   12.776  -2.460  1.00 51.81  ? 36  GLU A CG  1 
ATOM   273  C CD  . GLU A 1 36  ? 4.166   12.006  -1.179  1.00 61.22  ? 36  GLU A CD  1 
ATOM   274  O OE1 . GLU A 1 36  ? 4.163   10.759  -1.231  1.00 52.85  ? 36  GLU A OE1 1 
ATOM   275  O OE2 . GLU A 1 36  ? 4.324   12.651  -0.120  1.00 74.32  ? 36  GLU A OE2 1 
ATOM   276  N N   . SER A 1 37  ? 7.611   12.794  -2.187  1.00 29.70  ? 37  SER A N   1 
ATOM   277  C CA  . SER A 1 37  ? 8.526   11.925  -1.452  1.00 33.27  ? 37  SER A CA  1 
ATOM   278  C C   . SER A 1 37  ? 9.965   12.334  -1.774  1.00 30.22  ? 37  SER A C   1 
ATOM   279  O O   . SER A 1 37  ? 10.914  11.779  -1.221  1.00 35.00  ? 37  SER A O   1 
ATOM   280  C CB  . SER A 1 37  ? 8.320   10.466  -1.854  1.00 22.30  ? 37  SER A CB  1 
ATOM   281  O OG  . SER A 1 37  ? 8.660   10.278  -3.218  1.00 27.48  ? 37  SER A OG  1 
ATOM   282  N N   . SER A 1 38  ? 10.109  13.302  -2.681  1.00 32.64  ? 38  SER A N   1 
ATOM   283  C CA  . SER A 1 38  ? 11.410  13.820  -3.111  1.00 32.37  ? 38  SER A CA  1 
ATOM   284  C C   . SER A 1 38  ? 12.026  12.951  -4.208  1.00 28.70  ? 38  SER A C   1 
ATOM   285  O O   . SER A 1 38  ? 13.136  13.207  -4.660  1.00 35.52  ? 38  SER A O   1 
ATOM   286  C CB  . SER A 1 38  ? 12.384  13.893  -1.924  1.00 36.11  ? 38  SER A CB  1 
ATOM   287  O OG  . SER A 1 38  ? 11.780  14.469  -0.778  1.00 40.49  ? 38  SER A OG  1 
ATOM   288  N N   . LEU A 1 39  ? 11.297  11.928  -4.641  1.00 25.27  ? 39  LEU A N   1 
ATOM   289  C CA  . LEU A 1 39  ? 11.798  11.015  -5.658  1.00 23.53  ? 39  LEU A CA  1 
ATOM   290  C C   . LEU A 1 39  ? 10.943  11.030  -6.915  1.00 21.72  ? 39  LEU A C   1 
ATOM   291  O O   . LEU A 1 39  ? 9.755   11.331  -6.854  1.00 22.69  ? 39  LEU A O   1 
ATOM   292  C CB  . LEU A 1 39  ? 11.837  9.591   -5.092  1.00 26.37  ? 39  LEU A CB  1 
ATOM   293  C CG  . LEU A 1 39  ? 12.739  9.325   -3.879  1.00 23.20  ? 39  LEU A CG  1 
ATOM   294  C CD1 . LEU A 1 39  ? 12.504  7.913   -3.357  1.00 18.49  ? 39  LEU A CD1 1 
ATOM   295  C CD2 . LEU A 1 39  ? 14.199  9.501   -4.278  1.00 21.00  ? 39  LEU A CD2 1 
ATOM   296  N N   . SER A 1 40  ? 11.557  10.709  -8.053  1.00 19.67  ? 40  SER A N   1 
ATOM   297  C CA  . SER A 1 40  ? 10.849  10.649  -9.332  1.00 16.70  ? 40  SER A CA  1 
ATOM   298  C C   . SER A 1 40  ? 10.028  9.364   -9.309  1.00 17.06  ? 40  SER A C   1 
ATOM   299  O O   . SER A 1 40  ? 10.346  8.453   -8.545  1.00 20.40  ? 40  SER A O   1 
ATOM   300  C CB  . SER A 1 40  ? 11.848  10.604  -10.488 1.00 7.23   ? 40  SER A CB  1 
ATOM   301  O OG  . SER A 1 40  ? 12.647  9.438   -10.421 1.00 15.92  ? 40  SER A OG  1 
ATOM   302  N N   . HIS A 1 41  ? 8.982   9.262   -10.127 1.00 10.70  ? 41  HIS A N   1 
ATOM   303  C CA  . HIS A 1 41  ? 8.191   8.037   -10.081 1.00 22.93  ? 41  HIS A CA  1 
ATOM   304  C C   . HIS A 1 41  ? 9.026   6.799   -10.432 1.00 23.92  ? 41  HIS A C   1 
ATOM   305  O O   . HIS A 1 41  ? 8.727   5.693   -9.966  1.00 14.56  ? 41  HIS A O   1 
ATOM   306  C CB  . HIS A 1 41  ? 6.919   8.143   -10.951 1.00 18.84  ? 41  HIS A CB  1 
ATOM   307  C CG  . HIS A 1 41  ? 7.170   8.374   -12.408 1.00 29.72  ? 41  HIS A CG  1 
ATOM   308  N ND1 . HIS A 1 41  ? 7.606   7.381   -13.259 1.00 34.59  ? 41  HIS A ND1 1 
ATOM   309  C CD2 . HIS A 1 41  ? 6.998   9.479   -13.175 1.00 15.43  ? 41  HIS A CD2 1 
ATOM   310  C CE1 . HIS A 1 41  ? 7.689   7.862   -14.488 1.00 23.24  ? 41  HIS A CE1 1 
ATOM   311  N NE2 . HIS A 1 41  ? 7.326   9.132   -14.463 1.00 20.89  ? 41  HIS A NE2 1 
ATOM   312  N N   . ALA A 1 42  ? 10.092  6.994   -11.211 1.00 14.46  ? 42  ALA A N   1 
ATOM   313  C CA  . ALA A 1 42  ? 10.973  5.889   -11.573 1.00 19.49  ? 42  ALA A CA  1 
ATOM   314  C C   . ALA A 1 42  ? 11.716  5.382   -10.337 1.00 16.81  ? 42  ALA A C   1 
ATOM   315  O O   . ALA A 1 42  ? 11.887  4.177   -10.166 1.00 13.92  ? 42  ALA A O   1 
ATOM   316  C CB  . ALA A 1 42  ? 11.979  6.327   -12.644 1.00 13.06  ? 42  ALA A CB  1 
ATOM   317  N N   . ASP A 1 43  ? 12.153  6.300   -9.478  1.00 18.08  ? 43  ASP A N   1 
ATOM   318  C CA  . ASP A 1 43  ? 12.878  5.917   -8.264  1.00 19.47  ? 43  ASP A CA  1 
ATOM   319  C C   . ASP A 1 43  ? 11.960  5.303   -7.210  1.00 17.64  ? 43  ASP A C   1 
ATOM   320  O O   . ASP A 1 43  ? 12.355  4.387   -6.493  1.00 14.14  ? 43  ASP A O   1 
ATOM   321  C CB  . ASP A 1 43  ? 13.623  7.121   -7.677  1.00 20.73  ? 43  ASP A CB  1 
ATOM   322  C CG  . ASP A 1 43  ? 14.845  7.507   -8.499  1.00 17.81  ? 43  ASP A CG  1 
ATOM   323  O OD1 . ASP A 1 43  ? 15.684  6.625   -8.771  1.00 24.42  ? 43  ASP A OD1 1 
ATOM   324  O OD2 . ASP A 1 43  ? 14.973  8.691   -8.868  1.00 15.77  ? 43  ASP A OD2 1 
ATOM   325  N N   . VAL A 1 44  ? 10.731  5.807   -7.123  1.00 13.65  ? 44  VAL A N   1 
ATOM   326  C CA  . VAL A 1 44  ? 9.761   5.281   -6.173  1.00 14.48  ? 44  VAL A CA  1 
ATOM   327  C C   . VAL A 1 44  ? 9.435   3.842   -6.576  1.00 17.84  ? 44  VAL A C   1 
ATOM   328  O O   . VAL A 1 44  ? 9.282   2.965   -5.732  1.00 23.97  ? 44  VAL A O   1 
ATOM   329  C CB  . VAL A 1 44  ? 8.479   6.137   -6.183  1.00 20.15  ? 44  VAL A CB  1 
ATOM   330  C CG1 . VAL A 1 44  ? 7.327   5.390   -5.502  1.00 17.31  ? 44  VAL A CG1 1 
ATOM   331  C CG2 . VAL A 1 44  ? 8.753   7.472   -5.483  1.00 10.15  ? 44  VAL A CG2 1 
ATOM   332  N N   . PHE A 1 45  ? 9.343   3.615   -7.880  1.00 20.65  ? 45  PHE A N   1 
ATOM   333  C CA  . PHE A 1 45  ? 9.061   2.301   -8.431  1.00 20.69  ? 45  PHE A CA  1 
ATOM   334  C C   . PHE A 1 45  ? 10.165  1.305   -8.066  1.00 23.92  ? 45  PHE A C   1 
ATOM   335  O O   . PHE A 1 45  ? 9.894   0.231   -7.534  1.00 23.47  ? 45  PHE A O   1 
ATOM   336  C CB  . PHE A 1 45  ? 8.949   2.385   -9.954  1.00 17.17  ? 45  PHE A CB  1 
ATOM   337  C CG  . PHE A 1 45  ? 8.719   1.057   -10.615 1.00 24.48  ? 45  PHE A CG  1 
ATOM   338  C CD1 . PHE A 1 45  ? 7.439   0.525   -10.711 1.00 29.94  ? 45  PHE A CD1 1 
ATOM   339  C CD2 . PHE A 1 45  ? 9.786   0.320   -11.113 1.00 21.29  ? 45  PHE A CD2 1 
ATOM   340  C CE1 . PHE A 1 45  ? 7.229   -0.723  -11.292 1.00 23.76  ? 45  PHE A CE1 1 
ATOM   341  C CE2 . PHE A 1 45  ? 9.586   -0.929  -11.697 1.00 26.69  ? 45  PHE A CE2 1 
ATOM   342  C CZ  . PHE A 1 45  ? 8.305   -1.450  -11.786 1.00 24.11  ? 45  PHE A CZ  1 
ATOM   343  N N   . GLU A 1 46  ? 11.410  1.663   -8.364  1.00 26.61  ? 46  GLU A N   1 
ATOM   344  C CA  . GLU A 1 46  ? 12.539  0.791   -8.076  1.00 25.63  ? 46  GLU A CA  1 
ATOM   345  C C   . GLU A 1 46  ? 12.621  0.440   -6.598  1.00 22.13  ? 46  GLU A C   1 
ATOM   346  O O   . GLU A 1 46  ? 12.966  -0.676  -6.219  1.00 16.69  ? 46  GLU A O   1 
ATOM   347  C CB  . GLU A 1 46  ? 13.843  1.458   -8.517  1.00 32.74  ? 46  GLU A CB  1 
ATOM   348  C CG  . GLU A 1 46  ? 14.680  0.592   -9.450  1.00 50.06  ? 46  GLU A CG  1 
ATOM   349  C CD  . GLU A 1 46  ? 13.915  0.169   -10.694 1.00 50.87  ? 46  GLU A CD  1 
ATOM   350  O OE1 . GLU A 1 46  ? 13.454  1.055   -11.444 1.00 48.79  ? 46  GLU A OE1 1 
ATOM   351  O OE2 . GLU A 1 46  ? 13.772  -1.049  -10.921 1.00 48.53  ? 46  GLU A OE2 1 
ATOM   352  N N   . CYS A 1 47  ? 12.299  1.410   -5.761  1.00 16.00  ? 47  CYS A N   1 
ATOM   353  C CA  . CYS A 1 47  ? 12.346  1.210   -4.334  1.00 16.62  ? 47  CYS A CA  1 
ATOM   354  C C   . CYS A 1 47  ? 11.343  0.141   -3.876  1.00 17.92  ? 47  CYS A C   1 
ATOM   355  O O   . CYS A 1 47  ? 11.674  -0.726  -3.069  1.00 14.79  ? 47  CYS A O   1 
ATOM   356  C CB  . CYS A 1 47  ? 12.080  2.544   -3.639  1.00 16.75  ? 47  CYS A CB  1 
ATOM   357  S SG  . CYS A 1 47  ? 12.364  2.497   -1.893  1.00 45.30  ? 47  CYS A SG  1 
ATOM   358  N N   . LEU A 1 48  ? 10.120  0.199   -4.392  1.00 9.88   ? 48  LEU A N   1 
ATOM   359  C CA  . LEU A 1 48  ? 9.096   -0.778  -4.027  1.00 14.39  ? 48  LEU A CA  1 
ATOM   360  C C   . LEU A 1 48  ? 9.406   -2.159  -4.605  1.00 17.72  ? 48  LEU A C   1 
ATOM   361  O O   . LEU A 1 48  ? 9.183   -3.181  -3.949  1.00 16.79  ? 48  LEU A O   1 
ATOM   362  C CB  . LEU A 1 48  ? 7.726   -0.321  -4.532  1.00 11.77  ? 48  LEU A CB  1 
ATOM   363  C CG  . LEU A 1 48  ? 7.293   1.107   -4.171  1.00 17.00  ? 48  LEU A CG  1 
ATOM   364  C CD1 . LEU A 1 48  ? 5.953   1.397   -4.835  1.00 5.35   ? 48  LEU A CD1 1 
ATOM   365  C CD2 . LEU A 1 48  ? 7.217   1.285   -2.643  1.00 7.15   ? 48  LEU A CD2 1 
ATOM   366  N N   . PHE A 1 49  ? 9.929   -2.174  -5.832  1.00 24.14  ? 49  PHE A N   1 
ATOM   367  C CA  . PHE A 1 49  ? 10.269  -3.408  -6.538  1.00 24.28  ? 49  PHE A CA  1 
ATOM   368  C C   . PHE A 1 49  ? 11.552  -4.069  -6.023  1.00 24.02  ? 49  PHE A C   1 
ATOM   369  O O   . PHE A 1 49  ? 11.738  -5.280  -6.164  1.00 24.87  ? 49  PHE A O   1 
ATOM   370  C CB  . PHE A 1 49  ? 10.393  -3.131  -8.043  1.00 33.18  ? 49  PHE A CB  1 
ATOM   371  C CG  . PHE A 1 49  ? 9.593   -4.081  -8.913  1.00 55.69  ? 49  PHE A CG  1 
ATOM   372  C CD1 . PHE A 1 49  ? 8.219   -4.240  -8.723  1.00 48.17  ? 49  PHE A CD1 1 
ATOM   373  C CD2 . PHE A 1 49  ? 10.210  -4.793  -9.942  1.00 58.75  ? 49  PHE A CD2 1 
ATOM   374  C CE1 . PHE A 1 49  ? 7.471   -5.093  -9.547  1.00 25.65  ? 49  PHE A CE1 1 
ATOM   375  C CE2 . PHE A 1 49  ? 9.469   -5.646  -10.768 1.00 41.59  ? 49  PHE A CE2 1 
ATOM   376  C CZ  . PHE A 1 49  ? 8.099   -5.793  -10.568 1.00 31.02  ? 49  PHE A CZ  1 
ATOM   377  N N   . ALA A 1 50  ? 12.440  -3.280  -5.432  1.00 19.99  ? 50  ALA A N   1 
ATOM   378  C CA  . ALA A 1 50  ? 13.676  -3.828  -4.896  1.00 20.37  ? 50  ALA A CA  1 
ATOM   379  C C   . ALA A 1 50  ? 13.306  -4.759  -3.741  1.00 19.84  ? 50  ALA A C   1 
ATOM   380  O O   . ALA A 1 50  ? 13.996  -5.746  -3.462  1.00 17.41  ? 50  ALA A O   1 
ATOM   381  C CB  . ALA A 1 50  ? 14.582  -2.700  -4.404  1.00 19.62  ? 50  ALA A CB  1 
ATOM   382  N N   . ARG A 1 51  ? 12.198  -4.436  -3.084  1.00 21.29  ? 51  ARG A N   1 
ATOM   383  C CA  . ARG A 1 51  ? 11.700  -5.208  -1.948  1.00 25.78  ? 51  ARG A CA  1 
ATOM   384  C C   . ARG A 1 51  ? 10.837  -6.391  -2.378  1.00 19.98  ? 51  ARG A C   1 
ATOM   385  O O   . ARG A 1 51  ? 10.985  -7.498  -1.856  1.00 10.68  ? 51  ARG A O   1 
ATOM   386  C CB  . ARG A 1 51  ? 10.891  -4.298  -1.015  1.00 26.63  ? 51  ARG A CB  1 
ATOM   387  C CG  . ARG A 1 51  ? 10.132  -5.043  0.072   1.00 20.79  ? 51  ARG A CG  1 
ATOM   388  C CD  . ARG A 1 51  ? 11.076  -5.847  0.961   1.00 26.13  ? 51  ARG A CD  1 
ATOM   389  N NE  . ARG A 1 51  ? 10.336  -6.655  1.925   1.00 14.63  ? 51  ARG A NE  1 
ATOM   390  C CZ  . ARG A 1 51  ? 9.641   -7.744  1.612   1.00 18.14  ? 51  ARG A CZ  1 
ATOM   391  N NH1 . ARG A 1 51  ? 9.589   -8.180  0.351   1.00 3.43   ? 51  ARG A NH1 1 
ATOM   392  N NH2 . ARG A 1 51  ? 8.977   -8.387  2.561   1.00 3.20   ? 51  ARG A NH2 1 
ATOM   393  N N   . GLU A 1 52  ? 9.933   -6.139  -3.322  1.00 18.88  ? 52  GLU A N   1 
ATOM   394  C CA  . GLU A 1 52  ? 9.023   -7.156  -3.853  1.00 17.37  ? 52  GLU A CA  1 
ATOM   395  C C   . GLU A 1 52  ? 9.878   -8.282  -4.431  1.00 17.84  ? 52  GLU A C   1 
ATOM   396  O O   . GLU A 1 52  ? 9.472   -9.437  -4.493  1.00 17.56  ? 52  GLU A O   1 
ATOM   397  C CB  . GLU A 1 52  ? 8.149   -6.521  -4.946  1.00 19.62  ? 52  GLU A CB  1 
ATOM   398  C CG  . GLU A 1 52  ? 6.798   -7.178  -5.180  1.00 16.09  ? 52  GLU A CG  1 
ATOM   399  C CD  . GLU A 1 52  ? 5.941   -7.257  -3.926  1.00 21.79  ? 52  GLU A CD  1 
ATOM   400  O OE1 . GLU A 1 52  ? 5.923   -6.278  -3.145  1.00 15.02  ? 52  GLU A OE1 1 
ATOM   401  O OE2 . GLU A 1 52  ? 5.271   -8.297  -3.728  1.00 20.23  ? 52  GLU A OE2 1 
ATOM   402  N N   . LYS A 1 53  ? 11.084  -7.919  -4.846  1.00 21.80  ? 53  LYS A N   1 
ATOM   403  C CA  . LYS A 1 53  ? 12.044  -8.857  -5.410  1.00 18.61  ? 53  LYS A CA  1 
ATOM   404  C C   . LYS A 1 53  ? 12.370  -9.943  -4.391  1.00 18.22  ? 53  LYS A C   1 
ATOM   405  O O   . LYS A 1 53  ? 12.549  -11.110 -4.742  1.00 16.38  ? 53  LYS A O   1 
ATOM   406  C CB  . LYS A 1 53  ? 13.313  -8.097  -5.777  1.00 27.08  ? 53  LYS A CB  1 
ATOM   407  C CG  . LYS A 1 53  ? 14.219  -8.791  -6.760  1.00 47.35  ? 53  LYS A CG  1 
ATOM   408  C CD  . LYS A 1 53  ? 15.315  -7.839  -7.236  1.00 65.15  ? 53  LYS A CD  1 
ATOM   409  C CE  . LYS A 1 53  ? 14.723  -6.536  -7.790  1.00 73.74  ? 53  LYS A CE  1 
ATOM   410  N NZ  . LYS A 1 53  ? 13.649  -6.765  -8.810  1.00 60.54  ? 53  LYS A NZ  1 
ATOM   411  N N   . LEU A 1 54  ? 12.454  -9.547  -3.123  1.00 12.48  ? 54  LEU A N   1 
ATOM   412  C CA  . LEU A 1 54  ? 12.763  -10.485 -2.055  1.00 21.29  ? 54  LEU A CA  1 
ATOM   413  C C   . LEU A 1 54  ? 11.619  -11.458 -1.814  1.00 26.63  ? 54  LEU A C   1 
ATOM   414  O O   . LEU A 1 54  ? 11.819  -12.526 -1.249  1.00 30.10  ? 54  LEU A O   1 
ATOM   415  C CB  . LEU A 1 54  ? 13.068  -9.734  -0.760  1.00 12.32  ? 54  LEU A CB  1 
ATOM   416  C CG  . LEU A 1 54  ? 14.207  -8.715  -0.756  1.00 11.81  ? 54  LEU A CG  1 
ATOM   417  C CD1 . LEU A 1 54  ? 14.538  -8.387  0.691   1.00 9.31   ? 54  LEU A CD1 1 
ATOM   418  C CD2 . LEU A 1 54  ? 15.441  -9.271  -1.468  1.00 12.17  ? 54  LEU A CD2 1 
ATOM   419  N N   . GLY A 1 55  ? 10.418  -11.078 -2.240  1.00 29.69  ? 55  GLY A N   1 
ATOM   420  C CA  . GLY A 1 55  ? 9.260   -11.932 -2.058  1.00 26.51  ? 55  GLY A CA  1 
ATOM   421  C C   . GLY A 1 55  ? 7.978   -11.132 -1.900  1.00 21.82  ? 55  GLY A C   1 
ATOM   422  O O   . GLY A 1 55  ? 8.002   -10.001 -1.416  1.00 22.20  ? 55  GLY A O   1 
ATOM   423  N N   . SER A 1 56  ? 6.860   -11.732 -2.302  1.00 12.87  ? 56  SER A N   1 
ATOM   424  C CA  . SER A 1 56  ? 5.554   -11.092 -2.225  1.00 17.91  ? 56  SER A CA  1 
ATOM   425  C C   . SER A 1 56  ? 5.229   -10.466 -0.875  1.00 18.94  ? 56  SER A C   1 
ATOM   426  O O   . SER A 1 56  ? 5.410   -11.080 0.182   1.00 20.05  ? 56  SER A O   1 
ATOM   427  C CB  . SER A 1 56  ? 4.451   -12.092 -2.579  1.00 12.63  ? 56  SER A CB  1 
ATOM   428  O OG  . SER A 1 56  ? 3.185   -11.449 -2.629  1.00 18.35  ? 56  SER A OG  1 
ATOM   429  N N   . THR A 1 57  ? 4.734   -9.234  -0.926  1.00 16.00  ? 57  THR A N   1 
ATOM   430  C CA  . THR A 1 57  ? 4.359   -8.510  0.274   1.00 13.01  ? 57  THR A CA  1 
ATOM   431  C C   . THR A 1 57  ? 2.891   -8.746  0.550   1.00 8.48   ? 57  THR A C   1 
ATOM   432  O O   . THR A 1 57  ? 2.273   -8.021  1.319   1.00 13.88  ? 57  THR A O   1 
ATOM   433  C CB  . THR A 1 57  ? 4.639   -6.996  0.135   1.00 16.40  ? 57  THR A CB  1 
ATOM   434  O OG1 . THR A 1 57  ? 4.182   -6.525  -1.143  1.00 20.21  ? 57  THR A OG1 1 
ATOM   435  C CG2 . THR A 1 57  ? 6.129   -6.735  0.263   1.00 18.74  ? 57  THR A CG2 1 
ATOM   436  N N   . GLY A 1 58  ? 2.343   -9.773  -0.096  1.00 15.81  ? 58  GLY A N   1 
ATOM   437  C CA  . GLY A 1 58  ? 0.955   -10.139 0.109   1.00 13.11  ? 58  GLY A CA  1 
ATOM   438  C C   . GLY A 1 58  ? 0.833   -10.807 1.466   1.00 15.77  ? 58  GLY A C   1 
ATOM   439  O O   . GLY A 1 58  ? 1.655   -11.650 1.827   1.00 14.28  ? 58  GLY A O   1 
ATOM   440  N N   . LEU A 1 59  ? -0.187  -10.428 2.228   1.00 19.44  ? 59  LEU A N   1 
ATOM   441  C CA  . LEU A 1 59  ? -0.395  -10.989 3.561   1.00 19.00  ? 59  LEU A CA  1 
ATOM   442  C C   . LEU A 1 59  ? -1.326  -12.187 3.524   1.00 20.43  ? 59  LEU A C   1 
ATOM   443  O O   . LEU A 1 59  ? -1.476  -12.900 4.515   1.00 18.80  ? 59  LEU A O   1 
ATOM   444  C CB  . LEU A 1 59  ? -0.989  -9.927  4.489   1.00 21.37  ? 59  LEU A CB  1 
ATOM   445  C CG  . LEU A 1 59  ? -0.166  -8.666  4.761   1.00 16.86  ? 59  LEU A CG  1 
ATOM   446  C CD1 . LEU A 1 59  ? -1.015  -7.678  5.541   1.00 17.89  ? 59  LEU A CD1 1 
ATOM   447  C CD2 . LEU A 1 59  ? 1.091   -9.027  5.535   1.00 18.76  ? 59  LEU A CD2 1 
ATOM   448  N N   . GLY A 1 60  ? -1.943  -12.406 2.370   1.00 18.48  ? 60  GLY A N   1 
ATOM   449  C CA  . GLY A 1 60  ? -2.880  -13.501 2.231   1.00 10.50  ? 60  GLY A CA  1 
ATOM   450  C C   . GLY A 1 60  ? -4.290  -12.930 2.296   1.00 19.82  ? 60  GLY A C   1 
ATOM   451  O O   . GLY A 1 60  ? -4.514  -11.904 2.946   1.00 22.54  ? 60  GLY A O   1 
ATOM   452  N N   . GLN A 1 61  ? -5.227  -13.570 1.603   1.00 12.07  ? 61  GLN A N   1 
ATOM   453  C CA  . GLN A 1 61  ? -6.618  -13.148 1.598   1.00 14.69  ? 61  GLN A CA  1 
ATOM   454  C C   . GLN A 1 61  ? -6.928  -11.836 0.870   1.00 14.85  ? 61  GLN A C   1 
ATOM   455  O O   . GLN A 1 61  ? -7.680  -10.998 1.372   1.00 13.27  ? 61  GLN A O   1 
ATOM   456  C CB  . GLN A 1 61  ? -7.122  -13.077 3.037   1.00 17.85  ? 61  GLN A CB  1 
ATOM   457  C CG  . GLN A 1 61  ? -7.092  -14.410 3.756   1.00 30.16  ? 61  GLN A CG  1 
ATOM   458  C CD  . GLN A 1 61  ? -7.008  -14.254 5.265   1.00 60.84  ? 61  GLN A CD  1 
ATOM   459  O OE1 . GLN A 1 61  ? -7.232  -15.206 6.011   1.00 72.13  ? 61  GLN A OE1 1 
ATOM   460  N NE2 . GLN A 1 61  ? -6.670  -13.050 5.720   1.00 65.91  ? 61  GLN A NE2 1 
ATOM   461  N N   . GLY A 1 62  ? -6.354  -11.673 -0.319  1.00 18.81  ? 62  GLY A N   1 
ATOM   462  C CA  . GLY A 1 62  ? -6.600  -10.486 -1.126  1.00 12.13  ? 62  GLY A CA  1 
ATOM   463  C C   . GLY A 1 62  ? -5.968  -9.184  -0.661  1.00 20.52  ? 62  GLY A C   1 
ATOM   464  O O   . GLY A 1 62  ? -6.242  -8.124  -1.232  1.00 23.43  ? 62  GLY A O   1 
ATOM   465  N N   . VAL A 1 63  ? -5.131  -9.259  0.369   1.00 9.45   ? 63  VAL A N   1 
ATOM   466  C CA  . VAL A 1 63  ? -4.460  -8.082  0.899   1.00 14.48  ? 63  VAL A CA  1 
ATOM   467  C C   . VAL A 1 63  ? -2.949  -8.120  0.662   1.00 21.75  ? 63  VAL A C   1 
ATOM   468  O O   . VAL A 1 63  ? -2.357  -9.190  0.500   1.00 21.61  ? 63  VAL A O   1 
ATOM   469  C CB  . VAL A 1 63  ? -4.703  -7.945  2.407   1.00 21.93  ? 63  VAL A CB  1 
ATOM   470  C CG1 . VAL A 1 63  ? -3.993  -6.694  2.936   1.00 20.29  ? 63  VAL A CG1 1 
ATOM   471  C CG2 . VAL A 1 63  ? -6.201  -7.892  2.687   1.00 6.94   ? 63  VAL A CG2 1 
ATOM   472  N N   . ALA A 1 64  ? -2.333  -6.941  0.638   1.00 19.60  ? 64  ALA A N   1 
ATOM   473  C CA  . ALA A 1 64  ? -0.893  -6.814  0.439   1.00 14.61  ? 64  ALA A CA  1 
ATOM   474  C C   . ALA A 1 64  ? -0.416  -5.463  0.976   1.00 17.94  ? 64  ALA A C   1 
ATOM   475  O O   . ALA A 1 64  ? -1.199  -4.513  1.100   1.00 15.43  ? 64  ALA A O   1 
ATOM   476  C CB  . ALA A 1 64  ? -0.548  -6.950  -1.048  1.00 6.54   ? 64  ALA A CB  1 
ATOM   477  N N   . ILE A 1 65  ? 0.873   -5.384  1.287   1.00 9.07   ? 65  ILE A N   1 
ATOM   478  C CA  . ILE A 1 65  ? 1.469   -4.164  1.818   1.00 7.95   ? 65  ILE A CA  1 
ATOM   479  C C   . ILE A 1 65  ? 2.835   -3.890  1.203   1.00 10.87  ? 65  ILE A C   1 
ATOM   480  O O   . ILE A 1 65  ? 3.859   -4.034  1.864   1.00 10.63  ? 65  ILE A O   1 
ATOM   481  C CB  . ILE A 1 65  ? 1.649   -4.247  3.353   1.00 19.19  ? 65  ILE A CB  1 
ATOM   482  C CG1 . ILE A 1 65  ? 2.292   -5.589  3.730   1.00 34.04  ? 65  ILE A CG1 1 
ATOM   483  C CG2 . ILE A 1 65  ? 0.309   -4.060  4.050   1.00 21.04  ? 65  ILE A CG2 1 
ATOM   484  C CD1 . ILE A 1 65  ? 2.757   -5.681  5.170   1.00 34.92  ? 65  ILE A CD1 1 
ATOM   485  N N   . PRO A 1 66  ? 2.869   -3.491  -0.078  1.00 7.82   ? 66  PRO A N   1 
ATOM   486  C CA  . PRO A 1 66  ? 4.166   -3.216  -0.705  1.00 8.03   ? 66  PRO A CA  1 
ATOM   487  C C   . PRO A 1 66  ? 4.819   -2.038  0.024   1.00 16.69  ? 66  PRO A C   1 
ATOM   488  O O   . PRO A 1 66  ? 4.134   -1.086  0.401   1.00 17.37  ? 66  PRO A O   1 
ATOM   489  C CB  . PRO A 1 66  ? 3.792   -2.854  -2.150  1.00 7.17   ? 66  PRO A CB  1 
ATOM   490  C CG  . PRO A 1 66  ? 2.429   -3.443  -2.347  1.00 3.91   ? 66  PRO A CG  1 
ATOM   491  C CD  . PRO A 1 66  ? 1.761   -3.234  -1.015  1.00 12.49  ? 66  PRO A CD  1 
ATOM   492  N N   . HIS A 1 67  ? 6.130   -2.090  0.230   1.00 20.57  ? 67  HIS A N   1 
ATOM   493  C CA  . HIS A 1 67  ? 6.805   -0.985  0.910   1.00 20.26  ? 67  HIS A CA  1 
ATOM   494  C C   . HIS A 1 67  ? 8.290   -0.859  0.543   1.00 24.01  ? 67  HIS A C   1 
ATOM   495  O O   . HIS A 1 67  ? 8.887   -1.788  -0.008  1.00 25.63  ? 67  HIS A O   1 
ATOM   496  C CB  . HIS A 1 67  ? 6.646   -1.127  2.432   1.00 23.32  ? 67  HIS A CB  1 
ATOM   497  C CG  . HIS A 1 67  ? 7.105   -2.446  2.975   1.00 13.10  ? 67  HIS A CG  1 
ATOM   498  N ND1 . HIS A 1 67  ? 6.322   -3.579  2.942   1.00 13.16  ? 67  HIS A ND1 1 
ATOM   499  C CD2 . HIS A 1 67  ? 8.276   -2.815  3.548   1.00 8.13   ? 67  HIS A CD2 1 
ATOM   500  C CE1 . HIS A 1 67  ? 6.989   -4.589  3.472   1.00 19.89  ? 67  HIS A CE1 1 
ATOM   501  N NE2 . HIS A 1 67  ? 8.179   -4.151  3.847   1.00 21.16  ? 67  HIS A NE2 1 
ATOM   502  N N   . GLY A 1 68  ? 8.878   0.294   0.855   1.00 19.97  ? 68  GLY A N   1 
ATOM   503  C CA  . GLY A 1 68  ? 10.279  0.532   0.552   1.00 13.77  ? 68  GLY A CA  1 
ATOM   504  C C   . GLY A 1 68  ? 10.872  1.714   1.303   1.00 18.09  ? 68  GLY A C   1 
ATOM   505  O O   . GLY A 1 68  ? 10.157  2.618   1.733   1.00 22.87  ? 68  GLY A O   1 
ATOM   506  N N   . ARG A 1 69  ? 12.192  1.708   1.465   1.00 13.17  ? 69  ARG A N   1 
ATOM   507  C CA  . ARG A 1 69  ? 12.879  2.773   2.175   1.00 16.24  ? 69  ARG A CA  1 
ATOM   508  C C   . ARG A 1 69  ? 13.874  3.458   1.238   1.00 18.73  ? 69  ARG A C   1 
ATOM   509  O O   . ARG A 1 69  ? 14.273  2.895   0.221   1.00 16.87  ? 69  ARG A O   1 
ATOM   510  C CB  . ARG A 1 69  ? 13.624  2.200   3.386   1.00 22.99  ? 69  ARG A CB  1 
ATOM   511  C CG  . ARG A 1 69  ? 12.843  1.145   4.169   1.00 43.54  ? 69  ARG A CG  1 
ATOM   512  C CD  . ARG A 1 69  ? 13.643  0.595   5.349   1.00 33.55  ? 69  ARG A CD  1 
ATOM   513  N NE  . ARG A 1 69  ? 13.195  -0.741  5.748   1.00 56.94  ? 69  ARG A NE  1 
ATOM   514  C CZ  . ARG A 1 69  ? 12.028  -1.020  6.327   1.00 71.95  ? 69  ARG A CZ  1 
ATOM   515  N NH1 . ARG A 1 69  ? 11.156  -0.057  6.597   1.00 82.25  ? 69  ARG A NH1 1 
ATOM   516  N NH2 . ARG A 1 69  ? 11.727  -2.275  6.637   1.00 67.63  ? 69  ARG A NH2 1 
ATOM   517  N N   . HIS A 1 70  ? 14.270  4.678   1.576   1.00 15.57  ? 70  HIS A N   1 
ATOM   518  C CA  . HIS A 1 70  ? 15.228  5.383   0.750   1.00 15.76  ? 70  HIS A CA  1 
ATOM   519  C C   . HIS A 1 70  ? 15.751  6.642   1.440   1.00 15.08  ? 70  HIS A C   1 
ATOM   520  O O   . HIS A 1 70  ? 14.985  7.415   2.008   1.00 16.37  ? 70  HIS A O   1 
ATOM   521  C CB  . HIS A 1 70  ? 14.603  5.739   -0.600  1.00 12.19  ? 70  HIS A CB  1 
ATOM   522  C CG  . HIS A 1 70  ? 15.605  6.175   -1.622  1.00 21.75  ? 70  HIS A CG  1 
ATOM   523  N ND1 . HIS A 1 70  ? 16.141  5.313   -2.551  1.00 14.49  ? 70  HIS A ND1 1 
ATOM   524  C CD2 . HIS A 1 70  ? 16.210  7.371   -1.823  1.00 8.71   ? 70  HIS A CD2 1 
ATOM   525  C CE1 . HIS A 1 70  ? 17.034  5.957   -3.281  1.00 19.17  ? 70  HIS A CE1 1 
ATOM   526  N NE2 . HIS A 1 70  ? 17.094  7.208   -2.860  1.00 7.19   ? 70  HIS A NE2 1 
ATOM   527  N N   . ALA A 1 71  ? 17.065  6.834   1.378   1.00 12.62  ? 71  ALA A N   1 
ATOM   528  C CA  . ALA A 1 71  ? 17.719  7.988   1.989   1.00 13.43  ? 71  ALA A CA  1 
ATOM   529  C C   . ALA A 1 71  ? 17.084  9.321   1.576   1.00 14.89  ? 71  ALA A C   1 
ATOM   530  O O   . ALA A 1 71  ? 17.115  10.291  2.338   1.00 18.92  ? 71  ALA A O   1 
ATOM   531  C CB  . ALA A 1 71  ? 19.209  7.978   1.639   1.00 14.65  ? 71  ALA A CB  1 
ATOM   532  N N   . GLY A 1 72  ? 16.510  9.361   0.376   1.00 17.16  ? 72  GLY A N   1 
ATOM   533  C CA  . GLY A 1 72  ? 15.877  10.577  -0.113  1.00 18.32  ? 72  GLY A CA  1 
ATOM   534  C C   . GLY A 1 72  ? 14.518  10.904  0.496   1.00 17.51  ? 72  GLY A C   1 
ATOM   535  O O   . GLY A 1 72  ? 14.016  12.012  0.320   1.00 25.16  ? 72  GLY A O   1 
ATOM   536  N N   . VAL A 1 73  ? 13.915  9.953   1.203   1.00 17.34  ? 73  VAL A N   1 
ATOM   537  C CA  . VAL A 1 73  ? 12.613  10.170  1.836   1.00 22.40  ? 73  VAL A CA  1 
ATOM   538  C C   . VAL A 1 73  ? 12.831  10.629  3.282   1.00 21.82  ? 73  VAL A C   1 
ATOM   539  O O   . VAL A 1 73  ? 13.525  9.970   4.047   1.00 27.57  ? 73  VAL A O   1 
ATOM   540  C CB  . VAL A 1 73  ? 11.755  8.866   1.808   1.00 21.38  ? 73  VAL A CB  1 
ATOM   541  C CG1 . VAL A 1 73  ? 10.361  9.119   2.394   1.00 3.18   ? 73  VAL A CG1 1 
ATOM   542  C CG2 . VAL A 1 73  ? 11.633  8.368   0.373   1.00 17.99  ? 73  VAL A CG2 1 
ATOM   543  N N   . LYS A 1 74  ? 12.247  11.770  3.642   1.00 20.48  ? 74  LYS A N   1 
ATOM   544  C CA  . LYS A 1 74  ? 12.406  12.314  4.986   1.00 28.19  ? 74  LYS A CA  1 
ATOM   545  C C   . LYS A 1 74  ? 11.154  12.209  5.842   1.00 29.71  ? 74  LYS A C   1 
ATOM   546  O O   . LYS A 1 74  ? 11.189  12.459  7.046   1.00 32.04  ? 74  LYS A O   1 
ATOM   547  C CB  . LYS A 1 74  ? 12.870  13.773  4.920   1.00 21.11  ? 74  LYS A CB  1 
ATOM   548  C CG  . LYS A 1 74  ? 14.253  13.935  4.302   1.00 38.69  ? 74  LYS A CG  1 
ATOM   549  C CD  . LYS A 1 74  ? 15.254  12.994  4.970   1.00 39.56  ? 74  LYS A CD  1 
ATOM   550  C CE  . LYS A 1 74  ? 16.595  12.981  4.256   1.00 33.42  ? 74  LYS A CE  1 
ATOM   551  N NZ  . LYS A 1 74  ? 17.488  11.927  4.813   1.00 26.16  ? 74  LYS A NZ  1 
ATOM   552  N N   . GLN A 1 75  ? 10.046  11.841  5.217   1.00 21.31  ? 75  GLN A N   1 
ATOM   553  C CA  . GLN A 1 75  ? 8.798   11.685  5.937   1.00 20.36  ? 75  GLN A CA  1 
ATOM   554  C C   . GLN A 1 75  ? 8.017   10.558  5.299   1.00 19.59  ? 75  GLN A C   1 
ATOM   555  O O   . GLN A 1 75  ? 7.887   10.497  4.081   1.00 18.63  ? 75  GLN A O   1 
ATOM   556  C CB  . GLN A 1 75  ? 7.981   12.977  5.904   1.00 16.44  ? 75  GLN A CB  1 
ATOM   557  C CG  . GLN A 1 75  ? 6.636   12.851  6.606   1.00 21.38  ? 75  GLN A CG  1 
ATOM   558  C CD  . GLN A 1 75  ? 5.906   14.173  6.717   1.00 31.44  ? 75  GLN A CD  1 
ATOM   559  O OE1 . GLN A 1 75  ? 5.738   14.886  5.727   1.00 23.06  ? 75  GLN A OE1 1 
ATOM   560  N NE2 . GLN A 1 75  ? 5.461   14.504  7.924   1.00 21.72  ? 75  GLN A NE2 1 
ATOM   561  N N   . ALA A 1 76  ? 7.511   9.658   6.128   1.00 21.65  ? 76  ALA A N   1 
ATOM   562  C CA  . ALA A 1 76  ? 6.738   8.531   5.637   1.00 28.06  ? 76  ALA A CA  1 
ATOM   563  C C   . ALA A 1 76  ? 5.546   8.989   4.802   1.00 25.76  ? 76  ALA A C   1 
ATOM   564  O O   . ALA A 1 76  ? 4.947   10.031  5.057   1.00 24.65  ? 76  ALA A O   1 
ATOM   565  C CB  . ALA A 1 76  ? 6.258   7.686   6.804   1.00 23.20  ? 76  ALA A CB  1 
ATOM   566  N N   . THR A 1 77  ? 5.206   8.199   3.796   1.00 24.60  ? 77  THR A N   1 
ATOM   567  C CA  . THR A 1 77  ? 4.083   8.517   2.937   1.00 27.65  ? 77  THR A CA  1 
ATOM   568  C C   . THR A 1 77  ? 3.467   7.202   2.474   1.00 29.91  ? 77  THR A C   1 
ATOM   569  O O   . THR A 1 77  ? 4.168   6.195   2.342   1.00 28.28  ? 77  THR A O   1 
ATOM   570  C CB  . THR A 1 77  ? 4.538   9.350   1.721   1.00 31.32  ? 77  THR A CB  1 
ATOM   571  O OG1 . THR A 1 77  ? 3.389   9.775   0.978   1.00 27.82  ? 77  THR A OG1 1 
ATOM   572  C CG2 . THR A 1 77  ? 5.469   8.533   0.824   1.00 16.81  ? 77  THR A CG2 1 
ATOM   573  N N   . GLY A 1 78  ? 2.156   7.204   2.250   1.00 27.73  ? 78  GLY A N   1 
ATOM   574  C CA  . GLY A 1 78  ? 1.489   5.991   1.815   1.00 21.60  ? 78  GLY A CA  1 
ATOM   575  C C   . GLY A 1 78  ? 0.332   6.225   0.864   1.00 21.31  ? 78  GLY A C   1 
ATOM   576  O O   . GLY A 1 78  ? 0.021   7.360   0.502   1.00 22.49  ? 78  GLY A O   1 
ATOM   577  N N   . ALA A 1 79  ? -0.305  5.135   0.452   1.00 17.96  ? 79  ALA A N   1 
ATOM   578  C CA  . ALA A 1 79  ? -1.444  5.205   -0.453  1.00 16.54  ? 79  ALA A CA  1 
ATOM   579  C C   . ALA A 1 79  ? -2.254  3.931   -0.301  1.00 18.26  ? 79  ALA A C   1 
ATOM   580  O O   . ALA A 1 79  ? -1.763  2.932   0.228   1.00 17.86  ? 79  ALA A O   1 
ATOM   581  C CB  . ALA A 1 79  ? -0.972  5.349   -1.895  1.00 3.93   ? 79  ALA A CB  1 
ATOM   582  N N   . PHE A 1 80  ? -3.501  3.967   -0.758  1.00 14.89  ? 80  PHE A N   1 
ATOM   583  C CA  . PHE A 1 80  ? -4.348  2.791   -0.677  1.00 19.92  ? 80  PHE A CA  1 
ATOM   584  C C   . PHE A 1 80  ? -5.040  2.590   -2.017  1.00 18.05  ? 80  PHE A C   1 
ATOM   585  O O   . PHE A 1 80  ? -5.553  3.546   -2.601  1.00 12.54  ? 80  PHE A O   1 
ATOM   586  C CB  . PHE A 1 80  ? -5.394  2.949   0.427   1.00 18.68  ? 80  PHE A CB  1 
ATOM   587  C CG  . PHE A 1 80  ? -6.194  1.707   0.668   1.00 23.16  ? 80  PHE A CG  1 
ATOM   588  C CD1 . PHE A 1 80  ? -5.637  0.634   1.360   1.00 22.78  ? 80  PHE A CD1 1 
ATOM   589  C CD2 . PHE A 1 80  ? -7.482  1.581   0.154   1.00 19.65  ? 80  PHE A CD2 1 
ATOM   590  C CE1 . PHE A 1 80  ? -6.350  -0.553  1.534   1.00 19.38  ? 80  PHE A CE1 1 
ATOM   591  C CE2 . PHE A 1 80  ? -8.205  0.397   0.324   1.00 18.50  ? 80  PHE A CE2 1 
ATOM   592  C CZ  . PHE A 1 80  ? -7.634  -0.674  1.016   1.00 8.35   ? 80  PHE A CZ  1 
ATOM   593  N N   . ILE A 1 81  ? -5.049  1.347   -2.498  1.00 21.06  ? 81  ILE A N   1 
ATOM   594  C CA  . ILE A 1 81  ? -5.679  1.019   -3.775  1.00 22.50  ? 81  ILE A CA  1 
ATOM   595  C C   . ILE A 1 81  ? -6.658  -0.148  -3.716  1.00 23.75  ? 81  ILE A C   1 
ATOM   596  O O   . ILE A 1 81  ? -6.347  -1.206  -3.170  1.00 21.68  ? 81  ILE A O   1 
ATOM   597  C CB  . ILE A 1 81  ? -4.641  0.655   -4.847  1.00 22.00  ? 81  ILE A CB  1 
ATOM   598  C CG1 . ILE A 1 81  ? -3.686  1.823   -5.078  1.00 16.47  ? 81  ILE A CG1 1 
ATOM   599  C CG2 . ILE A 1 81  ? -5.359  0.265   -6.137  1.00 9.66   ? 81  ILE A CG2 1 
ATOM   600  C CD1 . ILE A 1 81  ? -2.661  1.562   -6.179  1.00 9.65   ? 81  ILE A CD1 1 
ATOM   601  N N   . ARG A 1 82  ? -7.837  0.062   -4.298  1.00 26.07  ? 82  ARG A N   1 
ATOM   602  C CA  . ARG A 1 82  ? -8.885  -0.955  -4.378  1.00 24.25  ? 82  ARG A CA  1 
ATOM   603  C C   . ARG A 1 82  ? -9.030  -1.234  -5.874  1.00 21.97  ? 82  ARG A C   1 
ATOM   604  O O   . ARG A 1 82  ? -9.439  -0.358  -6.642  1.00 15.17  ? 82  ARG A O   1 
ATOM   605  C CB  . ARG A 1 82  ? -10.210 -0.424  -3.821  1.00 16.33  ? 82  ARG A CB  1 
ATOM   606  C CG  . ARG A 1 82  ? -10.901 -1.347  -2.821  1.00 21.75  ? 82  ARG A CG  1 
ATOM   607  C CD  . ARG A 1 82  ? -12.222 -1.872  -3.343  1.00 13.76  ? 82  ARG A CD  1 
ATOM   608  N NE  . ARG A 1 82  ? -13.124 -0.788  -3.736  1.00 33.10  ? 82  ARG A NE  1 
ATOM   609  C CZ  . ARG A 1 82  ? -13.944 -0.145  -2.915  1.00 10.29  ? 82  ARG A CZ  1 
ATOM   610  N NH1 . ARG A 1 82  ? -14.003 -0.464  -1.634  1.00 34.91  ? 82  ARG A NH1 1 
ATOM   611  N NH2 . ARG A 1 82  ? -14.711 0.821   -3.382  1.00 21.40  ? 82  ARG A NH2 1 
ATOM   612  N N   . THR A 1 83  ? -8.670  -2.448  -6.281  1.00 13.32  ? 83  THR A N   1 
ATOM   613  C CA  . THR A 1 83  ? -8.725  -2.839  -7.683  1.00 5.13   ? 83  THR A CA  1 
ATOM   614  C C   . THR A 1 83  ? -10.134 -3.223  -8.145  1.00 10.95  ? 83  THR A C   1 
ATOM   615  O O   . THR A 1 83  ? -10.934 -3.743  -7.371  1.00 13.34  ? 83  THR A O   1 
ATOM   616  C CB  . THR A 1 83  ? -7.745  -4.016  -7.951  1.00 16.62  ? 83  THR A CB  1 
ATOM   617  O OG1 . THR A 1 83  ? -8.041  -5.106  -7.064  1.00 25.52  ? 83  THR A OG1 1 
ATOM   618  C CG2 . THR A 1 83  ? -6.291  -3.566  -7.719  1.00 9.92   ? 83  THR A CG2 1 
ATOM   619  N N   . ARG A 1 84  ? -10.441 -2.944  -9.409  1.00 19.09  ? 84  ARG A N   1 
ATOM   620  C CA  . ARG A 1 84  ? -11.749 -3.282  -9.957  1.00 26.41  ? 84  ARG A CA  1 
ATOM   621  C C   . ARG A 1 84  ? -11.848 -4.802  -10.029 1.00 30.17  ? 84  ARG A C   1 
ATOM   622  O O   . ARG A 1 84  ? -12.910 -5.384  -9.802  1.00 25.13  ? 84  ARG A O   1 
ATOM   623  C CB  . ARG A 1 84  ? -11.913 -2.690  -11.356 1.00 23.09  ? 84  ARG A CB  1 
ATOM   624  C CG  . ARG A 1 84  ? -13.301 -2.894  -11.942 1.00 33.47  ? 84  ARG A CG  1 
ATOM   625  C CD  . ARG A 1 84  ? -13.427 -2.229  -13.303 1.00 31.98  ? 84  ARG A CD  1 
ATOM   626  N NE  . ARG A 1 84  ? -13.001 -0.836  -13.251 1.00 39.62  ? 84  ARG A NE  1 
ATOM   627  C CZ  . ARG A 1 84  ? -13.018 -0.007  -14.287 1.00 48.42  ? 84  ARG A CZ  1 
ATOM   628  N NH1 . ARG A 1 84  ? -13.447 -0.432  -15.467 1.00 64.81  ? 84  ARG A NH1 1 
ATOM   629  N NH2 . ARG A 1 84  ? -12.603 1.243   -14.141 1.00 40.99  ? 84  ARG A NH2 1 
ATOM   630  N N   . GLU A 1 85  ? -10.718 -5.430  -10.342 1.00 29.47  ? 85  GLU A N   1 
ATOM   631  C CA  . GLU A 1 85  ? -10.620 -6.880  -10.446 1.00 29.32  ? 85  GLU A CA  1 
ATOM   632  C C   . GLU A 1 85  ? -9.395  -7.336  -9.652  1.00 18.03  ? 85  GLU A C   1 
ATOM   633  O O   . GLU A 1 85  ? -8.428  -6.598  -9.522  1.00 11.30  ? 85  GLU A O   1 
ATOM   634  C CB  . GLU A 1 85  ? -10.459 -7.291  -11.913 1.00 27.53  ? 85  GLU A CB  1 
ATOM   635  C CG  . GLU A 1 85  ? -11.550 -8.201  -12.457 1.00 33.45  ? 85  GLU A CG  1 
ATOM   636  C CD  . GLU A 1 85  ? -12.879 -7.498  -12.629 1.00 42.84  ? 85  GLU A CD  1 
ATOM   637  O OE1 . GLU A 1 85  ? -13.497 -7.124  -11.613 1.00 43.93  ? 85  GLU A OE1 1 
ATOM   638  O OE2 . GLU A 1 85  ? -13.307 -7.315  -13.788 1.00 58.08  ? 85  GLU A OE2 1 
ATOM   639  N N   . PRO A 1 86  ? -9.433  -8.554  -9.092  1.00 24.49  ? 86  PRO A N   1 
ATOM   640  C CA  . PRO A 1 86  ? -8.270  -9.027  -8.326  1.00 22.09  ? 86  PRO A CA  1 
ATOM   641  C C   . PRO A 1 86  ? -7.018  -9.125  -9.214  1.00 28.03  ? 86  PRO A C   1 
ATOM   642  O O   . PRO A 1 86  ? -7.114  -9.304  -10.429 1.00 29.67  ? 86  PRO A O   1 
ATOM   643  C CB  . PRO A 1 86  ? -8.734  -10.386 -7.802  1.00 25.20  ? 86  PRO A CB  1 
ATOM   644  C CG  . PRO A 1 86  ? -10.243 -10.178 -7.634  1.00 12.74  ? 86  PRO A CG  1 
ATOM   645  C CD  . PRO A 1 86  ? -10.597 -9.445  -8.907  1.00 12.46  ? 86  PRO A CD  1 
ATOM   646  N N   . VAL A 1 87  ? -5.846  -8.999  -8.603  1.00 26.36  ? 87  VAL A N   1 
ATOM   647  C CA  . VAL A 1 87  ? -4.583  -9.055  -9.335  1.00 16.70  ? 87  VAL A CA  1 
ATOM   648  C C   . VAL A 1 87  ? -3.665  -10.136 -8.784  1.00 12.18  ? 87  VAL A C   1 
ATOM   649  O O   . VAL A 1 87  ? -3.499  -10.251 -7.569  1.00 15.38  ? 87  VAL A O   1 
ATOM   650  C CB  . VAL A 1 87  ? -3.849  -7.684  -9.270  1.00 21.70  ? 87  VAL A CB  1 
ATOM   651  C CG1 . VAL A 1 87  ? -2.385  -7.835  -9.657  1.00 21.63  ? 87  VAL A CG1 1 
ATOM   652  C CG2 . VAL A 1 87  ? -4.528  -6.696  -10.195 1.00 14.64  ? 87  VAL A CG2 1 
ATOM   653  N N   . GLY A 1 88  ? -3.089  -10.933 -9.683  1.00 15.97  ? 88  GLY A N   1 
ATOM   654  C CA  . GLY A 1 88  ? -2.171  -11.990 -9.274  1.00 18.03  ? 88  GLY A CA  1 
ATOM   655  C C   . GLY A 1 88  ? -0.991  -11.324 -8.601  1.00 15.20  ? 88  GLY A C   1 
ATOM   656  O O   . GLY A 1 88  ? -0.220  -10.623 -9.250  1.00 14.61  ? 88  GLY A O   1 
ATOM   657  N N   . PHE A 1 89  ? -0.857  -11.538 -7.298  1.00 11.97  ? 89  PHE A N   1 
ATOM   658  C CA  . PHE A 1 89  ? 0.200   -10.908 -6.517  1.00 14.87  ? 89  PHE A CA  1 
ATOM   659  C C   . PHE A 1 89  ? 1.267   -11.878 -6.031  1.00 19.29  ? 89  PHE A C   1 
ATOM   660  O O   . PHE A 1 89  ? 2.126   -11.498 -5.234  1.00 25.55  ? 89  PHE A O   1 
ATOM   661  C CB  . PHE A 1 89  ? -0.418  -10.221 -5.298  1.00 11.41  ? 89  PHE A CB  1 
ATOM   662  C CG  . PHE A 1 89  ? 0.169   -8.878  -4.992  1.00 8.72   ? 89  PHE A CG  1 
ATOM   663  C CD1 . PHE A 1 89  ? -0.189  -7.760  -5.744  1.00 20.56  ? 89  PHE A CD1 1 
ATOM   664  C CD2 . PHE A 1 89  ? 1.085   -8.722  -3.950  1.00 19.15  ? 89  PHE A CD2 1 
ATOM   665  C CE1 . PHE A 1 89  ? 0.361   -6.500  -5.461  1.00 24.19  ? 89  PHE A CE1 1 
ATOM   666  C CE2 . PHE A 1 89  ? 1.644   -7.470  -3.659  1.00 18.60  ? 89  PHE A CE2 1 
ATOM   667  C CZ  . PHE A 1 89  ? 1.283   -6.359  -4.413  1.00 7.58   ? 89  PHE A CZ  1 
ATOM   668  N N   . ASP A 1 90  ? 1.215   -13.122 -6.493  1.00 13.20  ? 90  ASP A N   1 
ATOM   669  C CA  . ASP A 1 90  ? 2.188   -14.117 -6.070  1.00 13.09  ? 90  ASP A CA  1 
ATOM   670  C C   . ASP A 1 90  ? 2.101   -14.268 -4.549  1.00 20.22  ? 90  ASP A C   1 
ATOM   671  O O   . ASP A 1 90  ? 3.075   -14.621 -3.887  1.00 16.80  ? 90  ASP A O   1 
ATOM   672  C CB  . ASP A 1 90  ? 3.601   -13.687 -6.487  1.00 19.87  ? 90  ASP A CB  1 
ATOM   673  C CG  . ASP A 1 90  ? 3.678   -13.263 -7.959  1.00 36.42  ? 90  ASP A CG  1 
ATOM   674  O OD1 . ASP A 1 90  ? 3.360   -12.093 -8.275  1.00 39.81  ? 90  ASP A OD1 1 
ATOM   675  O OD2 . ASP A 1 90  ? 4.043   -14.107 -8.809  1.00 36.28  ? 90  ASP A OD2 1 
ATOM   676  N N   . ALA A 1 91  ? 0.911   -13.998 -4.012  1.00 18.31  ? 91  ALA A N   1 
ATOM   677  C CA  . ALA A 1 91  ? 0.637   -14.075 -2.578  1.00 19.17  ? 91  ALA A CA  1 
ATOM   678  C C   . ALA A 1 91  ? 0.966   -15.422 -1.929  1.00 23.03  ? 91  ALA A C   1 
ATOM   679  O O   . ALA A 1 91  ? 1.034   -16.452 -2.603  1.00 21.34  ? 91  ALA A O   1 
ATOM   680  C CB  . ALA A 1 91  ? -0.820  -13.728 -2.320  1.00 15.79  ? 91  ALA A CB  1 
ATOM   681  N N   . PRO A 1 92  ? 1.154   -15.424 -0.595  1.00 24.22  ? 92  PRO A N   1 
ATOM   682  C CA  . PRO A 1 92  ? 1.476   -16.610 0.210   1.00 22.25  ? 92  PRO A CA  1 
ATOM   683  C C   . PRO A 1 92  ? 0.425   -17.725 0.209   1.00 18.49  ? 92  PRO A C   1 
ATOM   684  O O   . PRO A 1 92  ? 0.748   -18.872 0.522   1.00 23.29  ? 92  PRO A O   1 
ATOM   685  C CB  . PRO A 1 92  ? 1.691   -16.031 1.614   1.00 23.52  ? 92  PRO A CB  1 
ATOM   686  C CG  . PRO A 1 92  ? 2.135   -14.646 1.353   1.00 30.59  ? 92  PRO A CG  1 
ATOM   687  C CD  . PRO A 1 92  ? 1.210   -14.212 0.243   1.00 20.54  ? 92  PRO A CD  1 
ATOM   688  N N   . ASP A 1 93  ? -0.827  -17.398 -0.111  1.00 12.57  ? 93  ASP A N   1 
ATOM   689  C CA  . ASP A 1 93  ? -1.872  -18.424 -0.146  1.00 19.98  ? 93  ASP A CA  1 
ATOM   690  C C   . ASP A 1 93  ? -2.423  -18.740 -1.549  1.00 26.13  ? 93  ASP A C   1 
ATOM   691  O O   . ASP A 1 93  ? -3.363  -19.521 -1.693  1.00 28.07  ? 93  ASP A O   1 
ATOM   692  C CB  . ASP A 1 93  ? -3.035  -18.063 0.795   1.00 17.52  ? 93  ASP A CB  1 
ATOM   693  C CG  . ASP A 1 93  ? -3.642  -16.681 0.519   1.00 33.97  ? 93  ASP A CG  1 
ATOM   694  O OD1 . ASP A 1 93  ? -3.585  -16.181 -0.625  1.00 26.19  ? 93  ASP A OD1 1 
ATOM   695  O OD2 . ASP A 1 93  ? -4.208  -16.100 1.467   1.00 43.03  ? 93  ASP A OD2 1 
ATOM   696  N N   . GLY A 1 94  ? -1.839  -18.129 -2.577  1.00 23.40  ? 94  GLY A N   1 
ATOM   697  C CA  . GLY A 1 94  ? -2.279  -18.384 -3.940  1.00 25.52  ? 94  GLY A CA  1 
ATOM   698  C C   . GLY A 1 94  ? -3.442  -17.554 -4.468  1.00 25.39  ? 94  GLY A C   1 
ATOM   699  O O   . GLY A 1 94  ? -3.760  -17.620 -5.656  1.00 25.18  ? 94  GLY A O   1 
ATOM   700  N N   . LYS A 1 95  ? -4.084  -16.778 -3.604  1.00 20.15  ? 95  LYS A N   1 
ATOM   701  C CA  . LYS A 1 95  ? -5.213  -15.957 -4.035  1.00 23.08  ? 95  LYS A CA  1 
ATOM   702  C C   . LYS A 1 95  ? -4.762  -14.571 -4.458  1.00 22.56  ? 95  LYS A C   1 
ATOM   703  O O   . LYS A 1 95  ? -3.863  -13.994 -3.850  1.00 23.76  ? 95  LYS A O   1 
ATOM   704  C CB  . LYS A 1 95  ? -6.240  -15.812 -2.909  1.00 29.86  ? 95  LYS A CB  1 
ATOM   705  C CG  . LYS A 1 95  ? -6.828  -17.118 -2.398  1.00 33.58  ? 95  LYS A CG  1 
ATOM   706  C CD  . LYS A 1 95  ? -7.841  -16.850 -1.293  1.00 34.68  ? 95  LYS A CD  1 
ATOM   707  C CE  . LYS A 1 95  ? -8.339  -18.139 -0.671  1.00 39.71  ? 95  LYS A CE  1 
ATOM   708  N NZ  . LYS A 1 95  ? -7.229  -18.889 -0.011  1.00 60.25  ? 95  LYS A NZ  1 
ATOM   709  N N   . PRO A 1 96  ? -5.388  -14.013 -5.510  1.00 22.16  ? 96  PRO A N   1 
ATOM   710  C CA  . PRO A 1 96  ? -5.058  -12.676 -6.020  1.00 19.75  ? 96  PRO A CA  1 
ATOM   711  C C   . PRO A 1 96  ? -5.450  -11.600 -4.996  1.00 18.27  ? 96  PRO A C   1 
ATOM   712  O O   . PRO A 1 96  ? -6.148  -11.899 -4.027  1.00 16.95  ? 96  PRO A O   1 
ATOM   713  C CB  . PRO A 1 96  ? -5.862  -12.598 -7.312  1.00 18.39  ? 96  PRO A CB  1 
ATOM   714  C CG  . PRO A 1 96  ? -7.072  -13.426 -6.992  1.00 14.41  ? 96  PRO A CG  1 
ATOM   715  C CD  . PRO A 1 96  ? -6.482  -14.617 -6.289  1.00 15.32  ? 96  PRO A CD  1 
ATOM   716  N N   . VAL A 1 97  ? -5.002  -10.360 -5.202  1.00 18.64  ? 97  VAL A N   1 
ATOM   717  C CA  . VAL A 1 97  ? -5.301  -9.281  -4.253  1.00 19.56  ? 97  VAL A CA  1 
ATOM   718  C C   . VAL A 1 97  ? -6.107  -8.107  -4.810  1.00 18.30  ? 97  VAL A C   1 
ATOM   719  O O   . VAL A 1 97  ? -5.954  -7.721  -5.975  1.00 16.64  ? 97  VAL A O   1 
ATOM   720  C CB  . VAL A 1 97  ? -3.997  -8.714  -3.638  1.00 15.26  ? 97  VAL A CB  1 
ATOM   721  C CG1 . VAL A 1 97  ? -3.093  -9.854  -3.196  1.00 5.43   ? 97  VAL A CG1 1 
ATOM   722  C CG2 . VAL A 1 97  ? -3.301  -7.816  -4.638  1.00 12.52  ? 97  VAL A CG2 1 
ATOM   723  N N   . SER A 1 98  ? -6.953  -7.525  -3.961  1.00 9.97   ? 98  SER A N   1 
ATOM   724  C CA  . SER A 1 98  ? -7.782  -6.390  -4.371  1.00 10.76  ? 98  SER A CA  1 
ATOM   725  C C   . SER A 1 98  ? -7.592  -5.183  -3.459  1.00 13.61  ? 98  SER A C   1 
ATOM   726  O O   . SER A 1 98  ? -8.065  -4.084  -3.754  1.00 16.31  ? 98  SER A O   1 
ATOM   727  C CB  . SER A 1 98  ? -9.264  -6.787  -4.390  1.00 3.72   ? 98  SER A CB  1 
ATOM   728  O OG  . SER A 1 98  ? -9.552  -7.672  -5.463  1.00 10.96  ? 98  SER A OG  1 
ATOM   729  N N   . LEU A 1 99  ? -6.905  -5.396  -2.344  1.00 15.74  ? 99  LEU A N   1 
ATOM   730  C CA  . LEU A 1 99  ? -6.652  -4.321  -1.394  1.00 13.73  ? 99  LEU A CA  1 
ATOM   731  C C   . LEU A 1 99  ? -5.149  -4.116  -1.218  1.00 12.00  ? 99  LEU A C   1 
ATOM   732  O O   . LEU A 1 99  ? -4.458  -4.960  -0.651  1.00 15.88  ? 99  LEU A O   1 
ATOM   733  C CB  . LEU A 1 99  ? -7.325  -4.645  -0.062  1.00 5.22   ? 99  LEU A CB  1 
ATOM   734  C CG  . LEU A 1 99  ? -8.842  -4.824  -0.200  1.00 14.78  ? 99  LEU A CG  1 
ATOM   735  C CD1 . LEU A 1 99  ? -9.491  -4.920  1.173   1.00 28.01  ? 99  LEU A CD1 1 
ATOM   736  C CD2 . LEU A 1 99  ? -9.425  -3.654  -0.975  1.00 3.60   ? 99  LEU A CD2 1 
ATOM   737  N N   . ILE A 1 100 ? -4.650  -2.987  -1.712  1.00 14.15  ? 100 ILE A N   1 
ATOM   738  C CA  . ILE A 1 100 ? -3.222  -2.696  -1.636  1.00 22.79  ? 100 ILE A CA  1 
ATOM   739  C C   . ILE A 1 100 ? -2.854  -1.418  -0.867  1.00 22.40  ? 100 ILE A C   1 
ATOM   740  O O   . ILE A 1 100 ? -3.289  -0.320  -1.218  1.00 20.55  ? 100 ILE A O   1 
ATOM   741  C CB  . ILE A 1 100 ? -2.590  -2.595  -3.073  1.00 21.21  ? 100 ILE A CB  1 
ATOM   742  C CG1 . ILE A 1 100 ? -2.963  -3.821  -3.917  1.00 13.56  ? 100 ILE A CG1 1 
ATOM   743  C CG2 . ILE A 1 100 ? -1.068  -2.497  -2.979  1.00 5.20   ? 100 ILE A CG2 1 
ATOM   744  C CD1 . ILE A 1 100 ? -4.345  -3.763  -4.537  1.00 11.32  ? 100 ILE A CD1 1 
ATOM   745  N N   . PHE A 1 101 ? -2.050  -1.569  0.184   1.00 17.66  ? 101 PHE A N   1 
ATOM   746  C CA  . PHE A 1 101 ? -1.586  -0.420  0.957   1.00 16.14  ? 101 PHE A CA  1 
ATOM   747  C C   . PHE A 1 101 ? -0.069  -0.278  0.727   1.00 14.17  ? 101 PHE A C   1 
ATOM   748  O O   . PHE A 1 101 ? 0.703   -1.175  1.068   1.00 5.93   ? 101 PHE A O   1 
ATOM   749  C CB  . PHE A 1 101 ? -1.890  -0.604  2.454   1.00 12.20  ? 101 PHE A CB  1 
ATOM   750  C CG  . PHE A 1 101 ? -1.683  0.648   3.271   1.00 13.55  ? 101 PHE A CG  1 
ATOM   751  C CD1 . PHE A 1 101 ? -0.400  1.152   3.490   1.00 32.39  ? 101 PHE A CD1 1 
ATOM   752  C CD2 . PHE A 1 101 ? -2.772  1.353   3.773   1.00 12.15  ? 101 PHE A CD2 1 
ATOM   753  C CE1 . PHE A 1 101 ? -0.205  2.346   4.193   1.00 23.97  ? 101 PHE A CE1 1 
ATOM   754  C CE2 . PHE A 1 101 ? -2.590  2.551   4.479   1.00 17.07  ? 101 PHE A CE2 1 
ATOM   755  C CZ  . PHE A 1 101 ? -1.305  3.047   4.687   1.00 22.12  ? 101 PHE A CZ  1 
ATOM   756  N N   . ILE A 1 102 ? 0.351   0.839   0.131   1.00 15.07  ? 102 ILE A N   1 
ATOM   757  C CA  . ILE A 1 102 ? 1.771   1.070   -0.144  1.00 14.35  ? 102 ILE A CA  1 
ATOM   758  C C   . ILE A 1 102 ? 2.359   2.049   0.853   1.00 9.81   ? 102 ILE A C   1 
ATOM   759  O O   . ILE A 1 102 ? 1.728   3.041   1.197   1.00 16.24  ? 102 ILE A O   1 
ATOM   760  C CB  . ILE A 1 102 ? 2.015   1.656   -1.555  1.00 15.09  ? 102 ILE A CB  1 
ATOM   761  C CG1 . ILE A 1 102 ? 1.218   0.882   -2.607  1.00 15.54  ? 102 ILE A CG1 1 
ATOM   762  C CG2 . ILE A 1 102 ? 3.499   1.608   -1.878  1.00 19.08  ? 102 ILE A CG2 1 
ATOM   763  C CD1 . ILE A 1 102 ? -0.250  1.296   -2.705  1.00 16.89  ? 102 ILE A CD1 1 
ATOM   764  N N   . LEU A 1 103 ? 3.572   1.766   1.312   1.00 14.28  ? 103 LEU A N   1 
ATOM   765  C CA  . LEU A 1 103 ? 4.249   2.631   2.270   1.00 17.32  ? 103 LEU A CA  1 
ATOM   766  C C   . LEU A 1 103 ? 5.701   2.909   1.896   1.00 19.09  ? 103 LEU A C   1 
ATOM   767  O O   . LEU A 1 103 ? 6.470   1.979   1.653   1.00 26.34  ? 103 LEU A O   1 
ATOM   768  C CB  . LEU A 1 103 ? 4.223   2.007   3.666   1.00 17.71  ? 103 LEU A CB  1 
ATOM   769  C CG  . LEU A 1 103 ? 4.901   2.878   4.731   1.00 29.04  ? 103 LEU A CG  1 
ATOM   770  C CD1 . LEU A 1 103 ? 4.088   4.150   4.924   1.00 29.37  ? 103 LEU A CD1 1 
ATOM   771  C CD2 . LEU A 1 103 ? 5.026   2.131   6.042   1.00 13.13  ? 103 LEU A CD2 1 
ATOM   772  N N   . LEU A 1 104 ? 6.062   4.190   1.853   1.00 19.31  ? 104 LEU A N   1 
ATOM   773  C CA  . LEU A 1 104 ? 7.434   4.620   1.555   1.00 12.59  ? 104 LEU A CA  1 
ATOM   774  C C   . LEU A 1 104 ? 7.975   5.300   2.822   1.00 13.68  ? 104 LEU A C   1 
ATOM   775  O O   . LEU A 1 104 ? 7.434   6.313   3.272   1.00 13.62  ? 104 LEU A O   1 
ATOM   776  C CB  . LEU A 1 104 ? 7.458   5.621   0.402   1.00 5.78   ? 104 LEU A CB  1 
ATOM   777  C CG  . LEU A 1 104 ? 8.212   5.259   -0.873  1.00 23.96  ? 104 LEU A CG  1 
ATOM   778  C CD1 . LEU A 1 104 ? 8.383   6.543   -1.685  1.00 14.41  ? 104 LEU A CD1 1 
ATOM   779  C CD2 . LEU A 1 104 ? 9.577   4.639   -0.561  1.00 11.16  ? 104 LEU A CD2 1 
ATOM   780  N N   . VAL A 1 105 ? 9.048   4.759   3.390   1.00 14.75  ? 105 VAL A N   1 
ATOM   781  C CA  . VAL A 1 105 ? 9.593   5.327   4.613   1.00 18.16  ? 105 VAL A CA  1 
ATOM   782  C C   . VAL A 1 105 ? 11.032  5.826   4.528   1.00 19.65  ? 105 VAL A C   1 
ATOM   783  O O   . VAL A 1 105 ? 11.829  5.343   3.723   1.00 26.44  ? 105 VAL A O   1 
ATOM   784  C CB  . VAL A 1 105 ? 9.502   4.297   5.771   1.00 25.59  ? 105 VAL A CB  1 
ATOM   785  C CG1 . VAL A 1 105 ? 8.051   3.921   6.007   1.00 21.14  ? 105 VAL A CG1 1 
ATOM   786  C CG2 . VAL A 1 105 ? 10.316  3.045   5.442   1.00 10.99  ? 105 VAL A CG2 1 
ATOM   787  N N   . PRO A 1 106 ? 11.374  6.835   5.341   1.00 17.85  ? 106 PRO A N   1 
ATOM   788  C CA  . PRO A 1 106 ? 12.750  7.341   5.311   1.00 20.92  ? 106 PRO A CA  1 
ATOM   789  C C   . PRO A 1 106 ? 13.662  6.268   5.904   1.00 26.07  ? 106 PRO A C   1 
ATOM   790  O O   . PRO A 1 106 ? 13.187  5.326   6.538   1.00 23.84  ? 106 PRO A O   1 
ATOM   791  C CB  . PRO A 1 106 ? 12.679  8.603   6.180   1.00 8.43   ? 106 PRO A CB  1 
ATOM   792  C CG  . PRO A 1 106 ? 11.526  8.332   7.107   1.00 15.44  ? 106 PRO A CG  1 
ATOM   793  C CD  . PRO A 1 106 ? 10.518  7.681   6.192   1.00 17.78  ? 106 PRO A CD  1 
ATOM   794  N N   . GLU A 1 107 ? 14.964  6.392   5.694   1.00 29.84  ? 107 GLU A N   1 
ATOM   795  C CA  . GLU A 1 107 ? 15.888  5.413   6.237   1.00 38.10  ? 107 GLU A CA  1 
ATOM   796  C C   . GLU A 1 107 ? 16.437  5.931   7.566   1.00 48.80  ? 107 GLU A C   1 
ATOM   797  O O   . GLU A 1 107 ? 17.526  6.502   7.602   1.00 57.36  ? 107 GLU A O   1 
ATOM   798  C CB  . GLU A 1 107 ? 17.035  5.177   5.252   1.00 50.00  ? 107 GLU A CB  1 
ATOM   799  C CG  . GLU A 1 107 ? 17.621  3.773   5.302   1.00 57.45  ? 107 GLU A CG  1 
ATOM   800  C CD  . GLU A 1 107 ? 18.927  3.655   4.541   1.00 62.52  ? 107 GLU A CD  1 
ATOM   801  O OE1 . GLU A 1 107 ? 19.376  2.513   4.306   1.00 68.02  ? 107 GLU A OE1 1 
ATOM   802  O OE2 . GLU A 1 107 ? 19.514  4.702   4.188   1.00 59.95  ? 107 GLU A OE2 1 
ATOM   803  N N   . ASN A 1 108 ? 15.689  5.741   8.654   1.00 51.16  ? 108 ASN A N   1 
ATOM   804  C CA  . ASN A 1 108 ? 16.133  6.213   9.964   1.00 52.44  ? 108 ASN A CA  1 
ATOM   805  C C   . ASN A 1 108 ? 15.440  5.628   11.203  1.00 57.14  ? 108 ASN A C   1 
ATOM   806  O O   . ASN A 1 108 ? 16.098  5.004   12.040  1.00 55.75  ? 108 ASN A O   1 
ATOM   807  C CB  . ASN A 1 108 ? 16.046  7.742   10.012  1.00 59.55  ? 108 ASN A CB  1 
ATOM   808  C CG  . ASN A 1 108 ? 14.669  8.265   9.644   1.00 66.34  ? 108 ASN A CG  1 
ATOM   809  O OD1 . ASN A 1 108 ? 13.678  7.972   10.311  1.00 61.26  ? 108 ASN A OD1 1 
ATOM   810  N ND2 . ASN A 1 108 ? 14.603  9.049   8.574   1.00 78.13  ? 108 ASN A ND2 1 
ATOM   811  N N   . ALA A 1 109 ? 14.128  5.836   11.333  1.00 58.05  ? 109 ALA A N   1 
ATOM   812  C CA  . ALA A 1 109 ? 13.380  5.336   12.495  1.00 63.41  ? 109 ALA A CA  1 
ATOM   813  C C   . ALA A 1 109 ? 12.645  4.038   12.192  1.00 64.27  ? 109 ALA A C   1 
ATOM   814  O O   . ALA A 1 109 ? 11.419  3.964   12.299  1.00 65.17  ? 109 ALA A O   1 
ATOM   815  C CB  . ALA A 1 109 ? 12.382  6.397   12.985  1.00 58.11  ? 109 ALA A CB  1 
ATOM   816  N N   . THR A 1 110 ? 13.410  3.014   11.829  1.00 64.64  ? 110 THR A N   1 
ATOM   817  C CA  . THR A 1 110 ? 12.870  1.707   11.482  1.00 67.87  ? 110 THR A CA  1 
ATOM   818  C C   . THR A 1 110 ? 11.827  1.169   12.461  1.00 64.96  ? 110 THR A C   1 
ATOM   819  O O   . THR A 1 110 ? 10.698  0.866   12.070  1.00 63.64  ? 110 THR A O   1 
ATOM   820  C CB  . THR A 1 110 ? 13.996  0.677   11.368  1.00 75.49  ? 110 THR A CB  1 
ATOM   821  O OG1 . THR A 1 110 ? 15.095  1.255   10.654  1.00 82.92  ? 110 THR A OG1 1 
ATOM   822  C CG2 . THR A 1 110 ? 13.510  -0.559  10.626  1.00 76.44  ? 110 THR A CG2 1 
ATOM   823  N N   . GLY A 1 111 ? 12.218  1.043   13.727  1.00 60.22  ? 111 GLY A N   1 
ATOM   824  C CA  . GLY A 1 111 ? 11.315  0.531   14.746  1.00 59.16  ? 111 GLY A CA  1 
ATOM   825  C C   . GLY A 1 111 ? 9.910   1.103   14.695  1.00 57.50  ? 111 GLY A C   1 
ATOM   826  O O   . GLY A 1 111 ? 8.926   0.376   14.825  1.00 61.96  ? 111 GLY A O   1 
ATOM   827  N N   . GLU A 1 112 ? 9.815   2.412   14.508  1.00 58.39  ? 112 GLU A N   1 
ATOM   828  C CA  . GLU A 1 112 ? 8.524   3.079   14.435  1.00 56.39  ? 112 GLU A CA  1 
ATOM   829  C C   . GLU A 1 112 ? 7.730   2.592   13.219  1.00 53.46  ? 112 GLU A C   1 
ATOM   830  O O   . GLU A 1 112 ? 6.502   2.511   13.257  1.00 49.22  ? 112 GLU A O   1 
ATOM   831  C CB  . GLU A 1 112 ? 8.741   4.586   14.345  1.00 63.01  ? 112 GLU A CB  1 
ATOM   832  C CG  . GLU A 1 112 ? 7.473   5.395   14.217  1.00 81.26  ? 112 GLU A CG  1 
ATOM   833  C CD  . GLU A 1 112 ? 7.753   6.841   13.872  1.00 95.20  ? 112 GLU A CD  1 
ATOM   834  O OE1 . GLU A 1 112 ? 8.371   7.090   12.814  1.00 105.44 ? 112 GLU A OE1 1 
ATOM   835  O OE2 . GLU A 1 112 ? 7.356   7.729   14.657  1.00 101.39 ? 112 GLU A OE2 1 
ATOM   836  N N   . HIS A 1 113 ? 8.445   2.264   12.144  1.00 52.86  ? 113 HIS A N   1 
ATOM   837  C CA  . HIS A 1 113 ? 7.825   1.792   10.909  1.00 43.60  ? 113 HIS A CA  1 
ATOM   838  C C   . HIS A 1 113 ? 7.225   0.401   11.067  1.00 39.69  ? 113 HIS A C   1 
ATOM   839  O O   . HIS A 1 113 ? 6.126   0.142   10.582  1.00 38.29  ? 113 HIS A O   1 
ATOM   840  C CB  . HIS A 1 113 ? 8.849   1.779   9.772   1.00 42.65  ? 113 HIS A CB  1 
ATOM   841  C CG  . HIS A 1 113 ? 9.545   3.089   9.578   1.00 49.27  ? 113 HIS A CG  1 
ATOM   842  N ND1 . HIS A 1 113 ? 8.867   4.287   9.503   1.00 51.33  ? 113 HIS A ND1 1 
ATOM   843  C CD2 . HIS A 1 113 ? 10.860  3.393   9.462   1.00 46.28  ? 113 HIS A CD2 1 
ATOM   844  C CE1 . HIS A 1 113 ? 9.735   5.272   9.353   1.00 59.49  ? 113 HIS A CE1 1 
ATOM   845  N NE2 . HIS A 1 113 ? 10.951  4.757   9.325   1.00 48.67  ? 113 HIS A NE2 1 
ATOM   846  N N   . LEU A 1 114 ? 7.955   -0.488  11.737  1.00 37.80  ? 114 LEU A N   1 
ATOM   847  C CA  . LEU A 1 114 ? 7.488   -1.852  11.967  1.00 30.90  ? 114 LEU A CA  1 
ATOM   848  C C   . LEU A 1 114 ? 6.145   -1.775  12.682  1.00 33.49  ? 114 LEU A C   1 
ATOM   849  O O   . LEU A 1 114 ? 5.323   -2.684  12.584  1.00 36.43  ? 114 LEU A O   1 
ATOM   850  C CB  . LEU A 1 114 ? 8.479   -2.614  12.848  1.00 27.59  ? 114 LEU A CB  1 
ATOM   851  C CG  . LEU A 1 114 ? 9.975   -2.464  12.550  1.00 32.00  ? 114 LEU A CG  1 
ATOM   852  C CD1 . LEU A 1 114 ? 10.771  -2.923  13.764  1.00 30.41  ? 114 LEU A CD1 1 
ATOM   853  C CD2 . LEU A 1 114 ? 10.362  -3.260  11.310  1.00 20.36  ? 114 LEU A CD2 1 
ATOM   854  N N   . GLU A 1 115 ? 5.934   -0.676  13.405  1.00 30.85  ? 115 GLU A N   1 
ATOM   855  C CA  . GLU A 1 115 ? 4.701   -0.457  14.154  1.00 42.42  ? 115 GLU A CA  1 
ATOM   856  C C   . GLU A 1 115 ? 3.536   -0.241  13.204  1.00 40.10  ? 115 GLU A C   1 
ATOM   857  O O   . GLU A 1 115 ? 2.481   -0.857  13.351  1.00 46.54  ? 115 GLU A O   1 
ATOM   858  C CB  . GLU A 1 115 ? 4.829   0.774   15.055  1.00 58.32  ? 115 GLU A CB  1 
ATOM   859  C CG  . GLU A 1 115 ? 6.077   0.807   15.915  1.00 78.74  ? 115 GLU A CG  1 
ATOM   860  C CD  . GLU A 1 115 ? 6.173   -0.380  16.846  1.00 86.75  ? 115 GLU A CD  1 
ATOM   861  O OE1 . GLU A 1 115 ? 5.201   -0.626  17.591  1.00 91.06  ? 115 GLU A OE1 1 
ATOM   862  O OE2 . GLU A 1 115 ? 7.222   -1.060  16.835  1.00 84.01  ? 115 GLU A OE2 1 
ATOM   863  N N   . VAL A 1 116 ? 3.732   0.652   12.241  1.00 30.94  ? 116 VAL A N   1 
ATOM   864  C CA  . VAL A 1 116 ? 2.698   0.956   11.267  1.00 30.29  ? 116 VAL A CA  1 
ATOM   865  C C   . VAL A 1 116 ? 2.324   -0.292  10.476  1.00 32.81  ? 116 VAL A C   1 
ATOM   866  O O   . VAL A 1 116 ? 1.142   -0.610  10.328  1.00 32.44  ? 116 VAL A O   1 
ATOM   867  C CB  . VAL A 1 116 ? 3.163   2.077   10.297  1.00 35.77  ? 116 VAL A CB  1 
ATOM   868  C CG1 . VAL A 1 116 ? 2.215   2.191   9.111   1.00 23.74  ? 116 VAL A CG1 1 
ATOM   869  C CG2 . VAL A 1 116 ? 3.215   3.401   11.035  1.00 25.84  ? 116 VAL A CG2 1 
ATOM   870  N N   . LEU A 1 117 ? 3.336   -0.998  9.976   1.00 30.80  ? 117 LEU A N   1 
ATOM   871  C CA  . LEU A 1 117 ? 3.115   -2.210  9.194   1.00 34.21  ? 117 LEU A CA  1 
ATOM   872  C C   . LEU A 1 117 ? 2.405   -3.261  10.022  1.00 38.56  ? 117 LEU A C   1 
ATOM   873  O O   . LEU A 1 117 ? 1.435   -3.873  9.572   1.00 37.88  ? 117 LEU A O   1 
ATOM   874  C CB  . LEU A 1 117 ? 4.446   -2.785  8.711   1.00 35.83  ? 117 LEU A CB  1 
ATOM   875  C CG  . LEU A 1 117 ? 5.146   -2.108  7.536   1.00 18.50  ? 117 LEU A CG  1 
ATOM   876  C CD1 . LEU A 1 117 ? 6.490   -2.769  7.314   1.00 15.19  ? 117 LEU A CD1 1 
ATOM   877  C CD2 . LEU A 1 117 ? 4.288   -2.225  6.291   1.00 16.77  ? 117 LEU A CD2 1 
ATOM   878  N N   . SER A 1 118 ? 2.912   -3.469  11.232  1.00 35.82  ? 118 SER A N   1 
ATOM   879  C CA  . SER A 1 118 ? 2.356   -4.453  12.145  1.00 28.45  ? 118 SER A CA  1 
ATOM   880  C C   . SER A 1 118 ? 0.903   -4.163  12.478  1.00 22.48  ? 118 SER A C   1 
ATOM   881  O O   . SER A 1 118 ? 0.064   -5.065  12.494  1.00 20.21  ? 118 SER A O   1 
ATOM   882  C CB  . SER A 1 118 ? 3.178   -4.489  13.431  1.00 32.09  ? 118 SER A CB  1 
ATOM   883  O OG  . SER A 1 118 ? 2.630   -5.411  14.353  1.00 40.24  ? 118 SER A OG  1 
ATOM   884  N N   . LYS A 1 119 ? 0.596   -2.904  12.754  1.00 22.61  ? 119 LYS A N   1 
ATOM   885  C CA  . LYS A 1 119 ? -0.778  -2.557  13.081  1.00 25.72  ? 119 LYS A CA  1 
ATOM   886  C C   . LYS A 1 119 ? -1.673  -2.800  11.889  1.00 15.13  ? 119 LYS A C   1 
ATOM   887  O O   . LYS A 1 119 ? -2.722  -3.410  12.023  1.00 25.31  ? 119 LYS A O   1 
ATOM   888  C CB  . LYS A 1 119 ? -0.881  -1.099  13.528  1.00 39.89  ? 119 LYS A CB  1 
ATOM   889  C CG  . LYS A 1 119 ? -0.485  -0.887  14.977  1.00 48.37  ? 119 LYS A CG  1 
ATOM   890  C CD  . LYS A 1 119 ? -1.383  -1.705  15.888  1.00 67.30  ? 119 LYS A CD  1 
ATOM   891  C CE  . LYS A 1 119 ? -1.027  -1.515  17.350  1.00 75.03  ? 119 LYS A CE  1 
ATOM   892  N NZ  . LYS A 1 119 ? -1.876  -2.374  18.224  1.00 71.51  ? 119 LYS A NZ  1 
ATOM   893  N N   . LEU A 1 120 ? -1.251  -2.337  10.718  1.00 13.25  ? 120 LEU A N   1 
ATOM   894  C CA  . LEU A 1 120 ? -2.044  -2.521  9.511   1.00 22.55  ? 120 LEU A CA  1 
ATOM   895  C C   . LEU A 1 120 ? -2.357  -3.995  9.271   1.00 24.12  ? 120 LEU A C   1 
ATOM   896  O O   . LEU A 1 120 ? -3.505  -4.350  9.028   1.00 24.71  ? 120 LEU A O   1 
ATOM   897  C CB  . LEU A 1 120 ? -1.314  -1.924  8.300   1.00 23.96  ? 120 LEU A CB  1 
ATOM   898  C CG  . LEU A 1 120 ? -1.226  -0.392  8.257   1.00 36.09  ? 120 LEU A CG  1 
ATOM   899  C CD1 . LEU A 1 120 ? -0.185  0.049   7.229   1.00 27.41  ? 120 LEU A CD1 1 
ATOM   900  C CD2 . LEU A 1 120 ? -2.602  0.191   7.937   1.00 22.35  ? 120 LEU A CD2 1 
ATOM   901  N N   . ALA A 1 121 ? -1.339  -4.849  9.348   1.00 25.29  ? 121 ALA A N   1 
ATOM   902  C CA  . ALA A 1 121 ? -1.521  -6.283  9.137   1.00 23.69  ? 121 ALA A CA  1 
ATOM   903  C C   . ALA A 1 121 ? -2.593  -6.811  10.072  1.00 27.20  ? 121 ALA A C   1 
ATOM   904  O O   . ALA A 1 121 ? -3.365  -7.706  9.712   1.00 22.60  ? 121 ALA A O   1 
ATOM   905  C CB  . ALA A 1 121 ? -0.213  -7.024  9.381   1.00 18.87  ? 121 ALA A CB  1 
ATOM   906  N N   . GLY A 1 122 ? -2.625  -6.250  11.280  1.00 30.39  ? 122 GLY A N   1 
ATOM   907  C CA  . GLY A 1 122 ? -3.601  -6.655  12.273  1.00 22.66  ? 122 GLY A CA  1 
ATOM   908  C C   . GLY A 1 122 ? -5.004  -6.402  11.766  1.00 29.16  ? 122 GLY A C   1 
ATOM   909  O O   . GLY A 1 122 ? -5.859  -7.295  11.808  1.00 29.03  ? 122 GLY A O   1 
ATOM   910  N N   . LYS A 1 123 ? -5.240  -5.188  11.272  1.00 19.59  ? 123 LYS A N   1 
ATOM   911  C CA  . LYS A 1 123 ? -6.549  -4.826  10.751  1.00 18.63  ? 123 LYS A CA  1 
ATOM   912  C C   . LYS A 1 123 ? -6.964  -5.730  9.605   1.00 23.52  ? 123 LYS A C   1 
ATOM   913  O O   . LYS A 1 123 ? -8.113  -6.181  9.542   1.00 26.26  ? 123 LYS A O   1 
ATOM   914  C CB  . LYS A 1 123 ? -6.561  -3.378  10.263  1.00 16.59  ? 123 LYS A CB  1 
ATOM   915  C CG  . LYS A 1 123 ? -6.430  -2.338  11.346  1.00 12.21  ? 123 LYS A CG  1 
ATOM   916  C CD  . LYS A 1 123 ? -6.698  -0.953  10.787  1.00 24.32  ? 123 LYS A CD  1 
ATOM   917  C CE  . LYS A 1 123 ? -6.808  0.098   11.893  1.00 37.94  ? 123 LYS A CE  1 
ATOM   918  N NZ  . LYS A 1 123 ? -7.974  -0.133  12.794  1.00 31.87  ? 123 LYS A NZ  1 
ATOM   919  N N   . PHE A 1 124 ? -6.019  -5.990  8.705   1.00 25.50  ? 124 PHE A N   1 
ATOM   920  C CA  . PHE A 1 124 ? -6.264  -6.822  7.532   1.00 28.76  ? 124 PHE A CA  1 
ATOM   921  C C   . PHE A 1 124 ? -6.496  -8.303  7.829   1.00 33.16  ? 124 PHE A C   1 
ATOM   922  O O   . PHE A 1 124 ? -7.025  -9.037  6.988   1.00 36.27  ? 124 PHE A O   1 
ATOM   923  C CB  . PHE A 1 124 ? -5.112  -6.671  6.532   1.00 22.01  ? 124 PHE A CB  1 
ATOM   924  C CG  . PHE A 1 124 ? -4.958  -5.276  5.991   1.00 21.89  ? 124 PHE A CG  1 
ATOM   925  C CD1 . PHE A 1 124 ? -6.076  -4.506  5.685   1.00 24.13  ? 124 PHE A CD1 1 
ATOM   926  C CD2 . PHE A 1 124 ? -3.697  -4.737  5.771   1.00 25.91  ? 124 PHE A CD2 1 
ATOM   927  C CE1 . PHE A 1 124 ? -5.941  -3.214  5.167   1.00 27.69  ? 124 PHE A CE1 1 
ATOM   928  C CE2 . PHE A 1 124 ? -3.548  -3.443  5.251   1.00 28.58  ? 124 PHE A CE2 1 
ATOM   929  C CZ  . PHE A 1 124 ? -4.671  -2.682  4.950   1.00 24.56  ? 124 PHE A CZ  1 
ATOM   930  N N   . SER A 1 125 ? -6.111  -8.747  9.018   1.00 34.19  ? 125 SER A N   1 
ATOM   931  C CA  . SER A 1 125 ? -6.303  -10.147 9.379   1.00 32.06  ? 125 SER A CA  1 
ATOM   932  C C   . SER A 1 125 ? -7.744  -10.408 9.786   1.00 27.73  ? 125 SER A C   1 
ATOM   933  O O   . SER A 1 125 ? -8.149  -11.558 9.946   1.00 34.14  ? 125 SER A O   1 
ATOM   934  C CB  . SER A 1 125 ? -5.369  -10.538 10.526  1.00 33.10  ? 125 SER A CB  1 
ATOM   935  O OG  . SER A 1 125 ? -5.611  -9.737  11.672  1.00 41.78  ? 125 SER A OG  1 
ATOM   936  N N   . GLN A 1 126 ? -8.515  -9.334  9.945   1.00 25.12  ? 126 GLN A N   1 
ATOM   937  C CA  . GLN A 1 126 ? -9.915  -9.439  10.349  1.00 26.95  ? 126 GLN A CA  1 
ATOM   938  C C   . GLN A 1 126 ? -10.843 -9.482  9.154   1.00 29.91  ? 126 GLN A C   1 
ATOM   939  O O   . GLN A 1 126 ? -10.855 -8.565  8.330   1.00 33.26  ? 126 GLN A O   1 
ATOM   940  C CB  . GLN A 1 126 ? -10.301 -8.262  11.236  1.00 25.39  ? 126 GLN A CB  1 
ATOM   941  C CG  . GLN A 1 126 ? -9.519  -8.180  12.521  1.00 32.23  ? 126 GLN A CG  1 
ATOM   942  C CD  . GLN A 1 126 ? -10.020 -7.064  13.401  1.00 56.43  ? 126 GLN A CD  1 
ATOM   943  O OE1 . GLN A 1 126 ? -11.222 -6.959  13.658  1.00 65.43  ? 126 GLN A OE1 1 
ATOM   944  N NE2 . GLN A 1 126 ? -9.106  -6.220  13.873  1.00 66.09  ? 126 GLN A NE2 1 
ATOM   945  N N   . LYS A 1 127 ? -11.635 -10.546 9.076   1.00 28.51  ? 127 LYS A N   1 
ATOM   946  C CA  . LYS A 1 127 ? -12.553 -10.732 7.966   1.00 31.02  ? 127 LYS A CA  1 
ATOM   947  C C   . LYS A 1 127 ? -13.514 -9.567  7.740   1.00 33.13  ? 127 LYS A C   1 
ATOM   948  O O   . LYS A 1 127 ? -13.697 -9.116  6.608   1.00 32.26  ? 127 LYS A O   1 
ATOM   949  C CB  . LYS A 1 127 ? -13.350 -12.025 8.156   1.00 20.45  ? 127 LYS A CB  1 
ATOM   950  C CG  . LYS A 1 127 ? -14.237 -12.355 6.965   1.00 34.32  ? 127 LYS A CG  1 
ATOM   951  C CD  . LYS A 1 127 ? -14.802 -13.753 7.048   1.00 46.42  ? 127 LYS A CD  1 
ATOM   952  C CE  . LYS A 1 127 ? -15.640 -14.057 5.821   1.00 49.71  ? 127 LYS A CE  1 
ATOM   953  N NZ  . LYS A 1 127 ? -14.853 -13.885 4.571   1.00 59.95  ? 127 LYS A NZ  1 
ATOM   954  N N   . SER A 1 128 ? -14.127 -9.080  8.813   1.00 31.51  ? 128 SER A N   1 
ATOM   955  C CA  . SER A 1 128 ? -15.077 -7.980  8.700   1.00 26.62  ? 128 SER A CA  1 
ATOM   956  C C   . SER A 1 128 ? -14.437 -6.675  8.229   1.00 25.27  ? 128 SER A C   1 
ATOM   957  O O   . SER A 1 128 ? -15.093 -5.876  7.571   1.00 27.02  ? 128 SER A O   1 
ATOM   958  C CB  . SER A 1 128 ? -15.798 -7.774  10.034  1.00 13.51  ? 128 SER A CB  1 
ATOM   959  O OG  . SER A 1 128 ? -14.873 -7.702  11.097  1.00 29.61  ? 128 SER A OG  1 
ATOM   960  N N   . ILE A 1 129 ? -13.168 -6.452  8.559   1.00 22.57  ? 129 ILE A N   1 
ATOM   961  C CA  . ILE A 1 129 ? -12.490 -5.238  8.118   1.00 21.80  ? 129 ILE A CA  1 
ATOM   962  C C   . ILE A 1 129 ? -12.220 -5.303  6.616   1.00 23.27  ? 129 ILE A C   1 
ATOM   963  O O   . ILE A 1 129 ? -12.388 -4.312  5.902   1.00 24.23  ? 129 ILE A O   1 
ATOM   964  C CB  . ILE A 1 129 ? -11.147 -5.026  8.843   1.00 28.82  ? 129 ILE A CB  1 
ATOM   965  C CG1 . ILE A 1 129 ? -11.400 -4.611  10.296  1.00 16.06  ? 129 ILE A CG1 1 
ATOM   966  C CG2 . ILE A 1 129 ? -10.323 -3.962  8.102   1.00 17.37  ? 129 ILE A CG2 1 
ATOM   967  C CD1 . ILE A 1 129 ? -10.135 -4.446  11.122  1.00 30.35  ? 129 ILE A CD1 1 
ATOM   968  N N   . ARG A 1 130 ? -11.801 -6.473  6.142   1.00 19.58  ? 130 ARG A N   1 
ATOM   969  C CA  . ARG A 1 130 ? -11.528 -6.655  4.720   1.00 24.83  ? 130 ARG A CA  1 
ATOM   970  C C   . ARG A 1 130 ? -12.828 -6.561  3.928   1.00 26.60  ? 130 ARG A C   1 
ATOM   971  O O   . ARG A 1 130 ? -12.857 -6.023  2.818   1.00 26.50  ? 130 ARG A O   1 
ATOM   972  C CB  . ARG A 1 130 ? -10.870 -8.015  4.456   1.00 14.83  ? 130 ARG A CB  1 
ATOM   973  C CG  . ARG A 1 130 ? -9.515  -8.219  5.123   1.00 11.57  ? 130 ARG A CG  1 
ATOM   974  C CD  . ARG A 1 130 ? -8.836  -9.469  4.574   1.00 7.02   ? 130 ARG A CD  1 
ATOM   975  N NE  . ARG A 1 130 ? -9.700  -10.645 4.627   1.00 8.78   ? 130 ARG A NE  1 
ATOM   976  C CZ  . ARG A 1 130 ? -9.675  -11.561 5.592   1.00 25.75  ? 130 ARG A CZ  1 
ATOM   977  N NH1 . ARG A 1 130 ? -8.822  -11.453 6.607   1.00 13.26  ? 130 ARG A NH1 1 
ATOM   978  N NH2 . ARG A 1 130 ? -10.506 -12.594 5.537   1.00 26.72  ? 130 ARG A NH2 1 
ATOM   979  N N   . GLU A 1 131 ? -13.902 -7.091  4.505   1.00 27.33  ? 131 GLU A N   1 
ATOM   980  C CA  . GLU A 1 131 ? -15.206 -7.057  3.856   1.00 28.47  ? 131 GLU A CA  1 
ATOM   981  C C   . GLU A 1 131 ? -15.706 -5.627  3.694   1.00 23.84  ? 131 GLU A C   1 
ATOM   982  O O   . GLU A 1 131 ? -16.295 -5.292  2.668   1.00 20.89  ? 131 GLU A O   1 
ATOM   983  C CB  . GLU A 1 131 ? -16.217 -7.886  4.650   1.00 41.02  ? 131 GLU A CB  1 
ATOM   984  C CG  . GLU A 1 131 ? -16.115 -9.380  4.390   1.00 53.16  ? 131 GLU A CG  1 
ATOM   985  C CD  . GLU A 1 131 ? -17.055 -10.194 5.253   1.00 69.82  ? 131 GLU A CD  1 
ATOM   986  O OE1 . GLU A 1 131 ? -17.234 -11.397 4.964   1.00 73.65  ? 131 GLU A OE1 1 
ATOM   987  O OE2 . GLU A 1 131 ? -17.608 -9.635  6.223   1.00 81.89  ? 131 GLU A OE2 1 
ATOM   988  N N   . SER A 1 132 ? -15.470 -4.789  4.704   1.00 17.38  ? 132 SER A N   1 
ATOM   989  C CA  . SER A 1 132 ? -15.885 -3.389  4.650   1.00 17.84  ? 132 SER A CA  1 
ATOM   990  C C   . SER A 1 132 ? -15.090 -2.639  3.585   1.00 21.30  ? 132 SER A C   1 
ATOM   991  O O   . SER A 1 132 ? -15.664 -1.910  2.771   1.00 16.94  ? 132 SER A O   1 
ATOM   992  C CB  . SER A 1 132 ? -15.675 -2.709  6.005   1.00 15.79  ? 132 SER A CB  1 
ATOM   993  O OG  . SER A 1 132 ? -16.642 -3.135  6.939   1.00 18.05  ? 132 SER A OG  1 
ATOM   994  N N   . LEU A 1 133 ? -13.770 -2.822  3.602   1.00 20.30  ? 133 LEU A N   1 
ATOM   995  C CA  . LEU A 1 133 ? -12.882 -2.173  2.641   1.00 19.07  ? 133 LEU A CA  1 
ATOM   996  C C   . LEU A 1 133 ? -13.240 -2.548  1.208   1.00 25.06  ? 133 LEU A C   1 
ATOM   997  O O   . LEU A 1 133 ? -12.890 -1.832  0.269   1.00 26.84  ? 133 LEU A O   1 
ATOM   998  C CB  . LEU A 1 133 ? -11.416 -2.526  2.935   1.00 7.15   ? 133 LEU A CB  1 
ATOM   999  C CG  . LEU A 1 133 ? -10.847 -1.842  4.188   1.00 11.20  ? 133 LEU A CG  1 
ATOM   1000 C CD1 . LEU A 1 133 ? -9.565  -2.508  4.620   1.00 8.16   ? 133 LEU A CD1 1 
ATOM   1001 C CD2 . LEU A 1 133 ? -10.614 -0.366  3.909   1.00 16.29  ? 133 LEU A CD2 1 
ATOM   1002 N N   . MET A 1 134 ? -13.944 -3.665  1.041   1.00 16.27  ? 134 MET A N   1 
ATOM   1003 C CA  . MET A 1 134 ? -14.357 -4.106  -0.285  1.00 13.69  ? 134 MET A CA  1 
ATOM   1004 C C   . MET A 1 134 ? -15.718 -3.549  -0.716  1.00 12.63  ? 134 MET A C   1 
ATOM   1005 O O   . MET A 1 134 ? -16.060 -3.624  -1.898  1.00 13.24  ? 134 MET A O   1 
ATOM   1006 C CB  . MET A 1 134 ? -14.417 -5.642  -0.362  1.00 22.62  ? 134 MET A CB  1 
ATOM   1007 C CG  . MET A 1 134 ? -13.068 -6.341  -0.419  1.00 25.91  ? 134 MET A CG  1 
ATOM   1008 S SD  . MET A 1 134 ? -12.021 -5.818  -1.791  1.00 24.48  ? 134 MET A SD  1 
ATOM   1009 C CE  . MET A 1 134 ? -12.749 -6.687  -3.130  1.00 19.32  ? 134 MET A CE  1 
ATOM   1010 N N   . THR A 1 135 ? -16.492 -2.994  0.216   1.00 7.45   ? 135 THR A N   1 
ATOM   1011 C CA  . THR A 1 135 ? -17.816 -2.475  -0.145  1.00 23.61  ? 135 THR A CA  1 
ATOM   1012 C C   . THR A 1 135 ? -18.070 -0.975  0.010   1.00 24.19  ? 135 THR A C   1 
ATOM   1013 O O   . THR A 1 135 ? -18.843 -0.404  -0.759  1.00 26.42  ? 135 THR A O   1 
ATOM   1014 C CB  . THR A 1 135 ? -18.949 -3.230  0.609   1.00 27.37  ? 135 THR A CB  1 
ATOM   1015 O OG1 . THR A 1 135 ? -18.809 -3.043  2.026   1.00 29.31  ? 135 THR A OG1 1 
ATOM   1016 C CG2 . THR A 1 135 ? -18.896 -4.722  0.283   1.00 24.03  ? 135 THR A CG2 1 
ATOM   1017 N N   . VAL A 1 136 ? -17.429 -0.337  0.986   1.00 23.37  ? 136 VAL A N   1 
ATOM   1018 C CA  . VAL A 1 136 ? -17.624 1.095   1.211   1.00 24.27  ? 136 VAL A CA  1 
ATOM   1019 C C   . VAL A 1 136 ? -17.503 1.894   -0.086  1.00 27.09  ? 136 VAL A C   1 
ATOM   1020 O O   . VAL A 1 136 ? -16.669 1.595   -0.937  1.00 29.27  ? 136 VAL A O   1 
ATOM   1021 C CB  . VAL A 1 136 ? -16.637 1.637   2.269   1.00 25.80  ? 136 VAL A CB  1 
ATOM   1022 C CG1 . VAL A 1 136 ? -16.905 0.955   3.598   1.00 25.77  ? 136 VAL A CG1 1 
ATOM   1023 C CG2 . VAL A 1 136 ? -15.197 1.404   1.830   1.00 24.93  ? 136 VAL A CG2 1 
ATOM   1024 N N   . SER A 1 137 ? -18.345 2.913   -0.226  1.00 29.16  ? 137 SER A N   1 
ATOM   1025 C CA  . SER A 1 137 ? -18.375 3.727   -1.437  1.00 41.28  ? 137 SER A CA  1 
ATOM   1026 C C   . SER A 1 137 ? -17.407 4.909   -1.497  1.00 40.84  ? 137 SER A C   1 
ATOM   1027 O O   . SER A 1 137 ? -16.881 5.226   -2.565  1.00 38.04  ? 137 SER A O   1 
ATOM   1028 C CB  . SER A 1 137 ? -19.799 4.240   -1.670  1.00 41.86  ? 137 SER A CB  1 
ATOM   1029 O OG  . SER A 1 137 ? -20.734 3.176   -1.637  1.00 57.88  ? 137 SER A OG  1 
ATOM   1030 N N   . SER A 1 138 ? -17.173 5.560   -0.363  1.00 39.00  ? 138 SER A N   1 
ATOM   1031 C CA  . SER A 1 138 ? -16.285 6.719   -0.334  1.00 36.32  ? 138 SER A CA  1 
ATOM   1032 C C   . SER A 1 138 ? -14.905 6.428   0.233   1.00 30.10  ? 138 SER A C   1 
ATOM   1033 O O   . SER A 1 138 ? -14.701 5.436   0.943   1.00 34.21  ? 138 SER A O   1 
ATOM   1034 C CB  . SER A 1 138 ? -16.920 7.854   0.480   1.00 35.10  ? 138 SER A CB  1 
ATOM   1035 O OG  . SER A 1 138 ? -16.919 7.556   1.866   1.00 27.89  ? 138 SER A OG  1 
ATOM   1036 N N   . ALA A 1 139 ? -13.968 7.318   -0.086  1.00 28.46  ? 139 ALA A N   1 
ATOM   1037 C CA  . ALA A 1 139 ? -12.592 7.217   0.381   1.00 20.19  ? 139 ALA A CA  1 
ATOM   1038 C C   . ALA A 1 139 ? -12.543 7.580   1.860   1.00 11.93  ? 139 ALA A C   1 
ATOM   1039 O O   . ALA A 1 139 ? -11.695 7.084   2.599   1.00 15.48  ? 139 ALA A O   1 
ATOM   1040 C CB  . ALA A 1 139 ? -11.696 8.153   -0.426  1.00 16.60  ? 139 ALA A CB  1 
ATOM   1041 N N   . GLU A 1 140 ? -13.457 8.452   2.286   1.00 12.54  ? 140 GLU A N   1 
ATOM   1042 C CA  . GLU A 1 140 ? -13.525 8.863   3.686   1.00 16.61  ? 140 GLU A CA  1 
ATOM   1043 C C   . GLU A 1 140 ? -13.811 7.640   4.560   1.00 20.00  ? 140 GLU A C   1 
ATOM   1044 O O   . GLU A 1 140 ? -13.243 7.496   5.641   1.00 20.22  ? 140 GLU A O   1 
ATOM   1045 C CB  . GLU A 1 140 ? -14.608 9.938   3.903   1.00 21.70  ? 140 GLU A CB  1 
ATOM   1046 C CG  . GLU A 1 140 ? -15.588 10.150  2.743   1.00 36.78  ? 140 GLU A CG  1 
ATOM   1047 C CD  . GLU A 1 140 ? -15.037 11.027  1.620   1.00 34.74  ? 140 GLU A CD  1 
ATOM   1048 O OE1 . GLU A 1 140 ? -14.934 10.524  0.483   1.00 16.32  ? 140 GLU A OE1 1 
ATOM   1049 O OE2 . GLU A 1 140 ? -14.718 12.219  1.874   1.00 29.31  ? 140 GLU A OE2 1 
ATOM   1050 N N   . GLU A 1 141 ? -14.692 6.759   4.090   1.00 17.11  ? 141 GLU A N   1 
ATOM   1051 C CA  . GLU A 1 141 ? -15.006 5.534   4.823   1.00 23.74  ? 141 GLU A CA  1 
ATOM   1052 C C   . GLU A 1 141 ? -13.736 4.680   4.905   1.00 30.18  ? 141 GLU A C   1 
ATOM   1053 O O   . GLU A 1 141 ? -13.446 4.074   5.942   1.00 32.60  ? 141 GLU A O   1 
ATOM   1054 C CB  . GLU A 1 141 ? -16.114 4.747   4.113   1.00 31.03  ? 141 GLU A CB  1 
ATOM   1055 C CG  . GLU A 1 141 ? -17.481 5.413   4.157   1.00 39.88  ? 141 GLU A CG  1 
ATOM   1056 C CD  . GLU A 1 141 ? -18.454 4.828   3.149   1.00 46.85  ? 141 GLU A CD  1 
ATOM   1057 O OE1 . GLU A 1 141 ? -18.204 4.970   1.933   1.00 50.30  ? 141 GLU A OE1 1 
ATOM   1058 O OE2 . GLU A 1 141 ? -19.468 4.228   3.568   1.00 38.26  ? 141 GLU A OE2 1 
ATOM   1059 N N   . VAL A 1 142 ? -12.980 4.629   3.808   1.00 16.22  ? 142 VAL A N   1 
ATOM   1060 C CA  . VAL A 1 142 ? -11.737 3.865   3.798   1.00 20.58  ? 142 VAL A CA  1 
ATOM   1061 C C   . VAL A 1 142 ? -10.790 4.370   4.888   1.00 19.91  ? 142 VAL A C   1 
ATOM   1062 O O   . VAL A 1 142 ? -10.214 3.575   5.632   1.00 13.57  ? 142 VAL A O   1 
ATOM   1063 C CB  . VAL A 1 142 ? -11.029 3.964   2.435   1.00 21.28  ? 142 VAL A CB  1 
ATOM   1064 C CG1 . VAL A 1 142 ? -9.645  3.344   2.515   1.00 13.88  ? 142 VAL A CG1 1 
ATOM   1065 C CG2 . VAL A 1 142 ? -11.862 3.257   1.379   1.00 30.66  ? 142 VAL A CG2 1 
ATOM   1066 N N   . ARG A 1 143 ? -10.637 5.689   4.981   1.00 14.36  ? 143 ARG A N   1 
ATOM   1067 C CA  . ARG A 1 143 ? -9.767  6.280   5.993   1.00 23.76  ? 143 ARG A CA  1 
ATOM   1068 C C   . ARG A 1 143 ? -10.268 5.966   7.393   1.00 25.55  ? 143 ARG A C   1 
ATOM   1069 O O   . ARG A 1 143 ? -9.492  5.581   8.264   1.00 28.72  ? 143 ARG A O   1 
ATOM   1070 C CB  . ARG A 1 143 ? -9.683  7.804   5.830   1.00 32.44  ? 143 ARG A CB  1 
ATOM   1071 C CG  . ARG A 1 143 ? -8.823  8.278   4.675   1.00 27.14  ? 143 ARG A CG  1 
ATOM   1072 C CD  . ARG A 1 143 ? -8.673  9.797   4.663   1.00 36.54  ? 143 ARG A CD  1 
ATOM   1073 N NE  . ARG A 1 143 ? -7.873  10.313  5.773   1.00 20.46  ? 143 ARG A NE  1 
ATOM   1074 C CZ  . ARG A 1 143 ? -8.364  10.681  6.949   1.00 27.41  ? 143 ARG A CZ  1 
ATOM   1075 N NH1 . ARG A 1 143 ? -9.665  10.598  7.187   1.00 39.88  ? 143 ARG A NH1 1 
ATOM   1076 N NH2 . ARG A 1 143 ? -7.547  11.132  7.891   1.00 28.50  ? 143 ARG A NH2 1 
ATOM   1077 N N   . ALA A 1 144 ? -11.569 6.142   7.602   1.00 26.53  ? 144 ALA A N   1 
ATOM   1078 C CA  . ALA A 1 144 ? -12.183 5.887   8.898   1.00 24.32  ? 144 ALA A CA  1 
ATOM   1079 C C   . ALA A 1 144 ? -11.878 4.467   9.356   1.00 25.47  ? 144 ALA A C   1 
ATOM   1080 O O   . ALA A 1 144 ? -11.558 4.238   10.522  1.00 25.08  ? 144 ALA A O   1 
ATOM   1081 C CB  . ALA A 1 144 ? -13.700 6.106   8.818   1.00 6.35   ? 144 ALA A CB  1 
ATOM   1082 N N   . ILE A 1 145 ? -11.976 3.513   8.437   1.00 25.02  ? 145 ILE A N   1 
ATOM   1083 C CA  . ILE A 1 145 ? -11.697 2.127   8.777   1.00 28.20  ? 145 ILE A CA  1 
ATOM   1084 C C   . ILE A 1 145 ? -10.208 1.917   9.052   1.00 29.97  ? 145 ILE A C   1 
ATOM   1085 O O   . ILE A 1 145 ? -9.834  1.317   10.057  1.00 36.57  ? 145 ILE A O   1 
ATOM   1086 C CB  . ILE A 1 145 ? -12.143 1.173   7.645   1.00 28.94  ? 145 ILE A CB  1 
ATOM   1087 C CG1 . ILE A 1 145 ? -13.655 1.290   7.436   1.00 22.52  ? 145 ILE A CG1 1 
ATOM   1088 C CG2 . ILE A 1 145 ? -11.743 -0.262  7.988   1.00 16.70  ? 145 ILE A CG2 1 
ATOM   1089 C CD1 . ILE A 1 145 ? -14.162 0.620   6.172   1.00 3.12   ? 145 ILE A CD1 1 
ATOM   1090 N N   . LEU A 1 146 ? -9.354  2.426   8.173   1.00 30.69  ? 146 LEU A N   1 
ATOM   1091 C CA  . LEU A 1 146 ? -7.919  2.256   8.348   1.00 36.24  ? 146 LEU A CA  1 
ATOM   1092 C C   . LEU A 1 146 ? -7.341  2.995   9.552   1.00 39.20  ? 146 LEU A C   1 
ATOM   1093 O O   . LEU A 1 146 ? -6.186  2.783   9.913   1.00 44.91  ? 146 LEU A O   1 
ATOM   1094 C CB  . LEU A 1 146 ? -7.178  2.679   7.079   1.00 30.66  ? 146 LEU A CB  1 
ATOM   1095 C CG  . LEU A 1 146 ? -7.447  1.847   5.824   1.00 31.89  ? 146 LEU A CG  1 
ATOM   1096 C CD1 . LEU A 1 146 ? -6.608  2.373   4.667   1.00 26.28  ? 146 LEU A CD1 1 
ATOM   1097 C CD2 . LEU A 1 146 ? -7.123  0.395   6.097   1.00 39.33  ? 146 LEU A CD2 1 
ATOM   1098 N N   . THR A 1 147 ? -8.137  3.857   10.176  1.00 42.57  ? 147 THR A N   1 
ATOM   1099 C CA  . THR A 1 147 ? -7.670  4.604   11.343  1.00 45.01  ? 147 THR A CA  1 
ATOM   1100 C C   . THR A 1 147 ? -8.536  4.300   12.568  1.00 46.65  ? 147 THR A C   1 
ATOM   1101 O O   . THR A 1 147 ? -8.212  4.806   13.658  1.00 47.58  ? 147 THR A O   1 
ATOM   1102 C CB  . THR A 1 147 ? -7.697  6.123   11.080  1.00 45.62  ? 147 THR A CB  1 
ATOM   1103 O OG1 . THR A 1 147 ? -7.012  6.408   9.857   1.00 49.46  ? 147 THR A OG1 1 
ATOM   1104 C CG2 . THR A 1 147 ? -7.008  6.870   12.206  1.00 53.24  ? 147 THR A CG2 1 
HETATM 1105 O O   . HOH B 2 .   ? -11.204 -6.479  -7.050  1.00 15.78  ? 201 HOH A O   1 
HETATM 1106 O O   . HOH B 2 .   ? 14.064  17.400  2.829   1.00 23.46  ? 202 HOH A O   1 
HETATM 1107 O O   . HOH B 2 .   ? 6.931   -14.586 -4.032  1.00 29.37  ? 203 HOH A O   1 
HETATM 1108 O O   . HOH B 2 .   ? 7.783   10.062  9.215   1.00 23.16  ? 204 HOH A O   1 
HETATM 1109 O O   . HOH B 2 .   ? -8.086  -4.229  -11.781 1.00 29.20  ? 205 HOH A O   1 
HETATM 1110 O O   . HOH B 2 .   ? 13.999  14.048  -8.950  1.00 17.09  ? 206 HOH A O   1 
HETATM 1111 O O   . HOH B 2 .   ? -12.536 11.163  6.151   1.00 20.02  ? 207 HOH A O   1 
HETATM 1112 O O   . HOH B 2 .   ? 1.659   13.637  1.905   1.00 45.76  ? 208 HOH A O   1 
HETATM 1113 O O   . HOH B 2 .   ? 5.338   5.581   -12.291 1.00 13.66  ? 209 HOH A O   1 
HETATM 1114 O O   . HOH B 2 .   ? 14.511  11.036  -8.205  1.00 12.25  ? 210 HOH A O   1 
HETATM 1115 O O   . HOH B 2 .   ? 12.895  -0.624  -0.516  1.00 14.73  ? 211 HOH A O   1 
HETATM 1116 O O   . HOH B 2 .   ? 7.691   16.092  3.715   1.00 19.52  ? 213 HOH A O   1 
HETATM 1117 O O   . HOH B 2 .   ? -13.558 -9.964  12.037  1.00 27.31  ? 214 HOH A O   1 
HETATM 1118 O O   . HOH B 2 .   ? -11.322 -12.224 11.855  1.00 26.10  ? 215 HOH A O   1 
HETATM 1119 O O   . HOH B 2 .   ? -2.143  -11.595 -0.198  1.00 15.96  ? 216 HOH A O   1 
HETATM 1120 O O   . HOH B 2 .   ? 4.399   -15.722 -2.150  1.00 33.35  ? 217 HOH A O   1 
HETATM 1121 O O   . HOH B 2 .   ? -1.485  -13.573 -5.652  1.00 17.02  ? 218 HOH A O   1 
HETATM 1122 O O   . HOH B 2 .   ? 1.311   10.710  2.258   1.00 36.38  ? 219 HOH A O   1 
HETATM 1123 O O   . HOH B 2 .   ? 16.588  -6.607  -4.384  1.00 17.96  ? 220 HOH A O   1 
HETATM 1124 O O   . HOH B 2 .   ? -9.052  -5.158  -14.515 1.00 25.18  ? 221 HOH A O   1 
HETATM 1125 O O   . HOH B 2 .   ? 0.707   -17.051 -5.841  1.00 29.85  ? 222 HOH A O   1 
HETATM 1126 O O   . HOH B 2 .   ? 7.173   -4.039  -2.068  1.00 21.75  ? 223 HOH A O   1 
HETATM 1127 O O   . HOH B 2 .   ? -16.200 -5.939  13.239  1.00 35.81  ? 224 HOH A O   1 
HETATM 1128 O O   . HOH B 2 .   ? 10.846  13.392  1.917   1.00 34.45  ? 225 HOH A O   1 
HETATM 1129 O O   . HOH B 2 .   ? -10.383 -13.876 8.600   1.00 32.20  ? 226 HOH A O   1 
HETATM 1130 O O   . HOH B 2 .   ? 3.338   -7.692  -13.506 1.00 16.84  ? 227 HOH A O   1 
HETATM 1131 O O   . HOH B 2 .   ? -2.624  -10.562 12.778  1.00 32.66  ? 228 HOH A O   1 
HETATM 1132 O O   . HOH B 2 .   ? 16.054  2.004   -3.786  1.00 38.43  ? 229 HOH A O   1 
HETATM 1133 O O   . HOH B 2 .   ? 20.291  10.094  5.068   1.00 28.66  ? 230 HOH A O   1 
HETATM 1134 O O   . HOH B 2 .   ? -12.215 -12.507 3.498   1.00 36.83  ? 231 HOH A O   1 
HETATM 1135 O O   . HOH B 2 .   ? -13.394 -3.098  -6.731  1.00 25.83  ? 232 HOH A O   1 
HETATM 1136 O O   . HOH B 2 .   ? -14.392 -0.769  -6.554  1.00 21.84  ? 233 HOH A O   1 
HETATM 1137 O O   . HOH B 2 .   ? -16.329 1.559   -7.598  1.00 23.60  ? 234 HOH A O   1 
HETATM 1138 O O   . HOH B 2 .   ? 7.608   3.377   -13.700 1.00 23.44  ? 235 HOH A O   1 
HETATM 1139 O O   . HOH B 2 .   ? 9.555   12.275  -12.499 1.00 27.77  ? 236 HOH A O   1 
HETATM 1140 O O   . HOH B 2 .   ? 15.512  0.287   -1.090  1.00 20.65  ? 237 HOH A O   1 
HETATM 1141 O O   . HOH B 2 .   ? -4.527  -10.825 5.644   1.00 17.25  ? 238 HOH A O   1 
HETATM 1142 O O   . HOH B 2 .   ? -18.465 0.505   -13.372 1.00 45.09  ? 239 HOH A O   1 
HETATM 1143 O O   . HOH B 2 .   ? -3.450  15.729  8.124   1.00 24.91  ? 240 HOH A O   1 
HETATM 1144 O O   . HOH B 2 .   ? 5.593   11.846  10.125  1.00 34.87  ? 241 HOH A O   1 
HETATM 1145 O O   . HOH B 2 .   ? -16.537 -0.680  -12.355 1.00 34.61  ? 242 HOH A O   1 
HETATM 1146 O O   . HOH B 2 .   ? -9.862  -9.176  0.068   1.00 28.41  ? 244 HOH A O   1 
HETATM 1147 O O   . HOH B 2 .   ? -16.398 -3.152  9.352   1.00 33.74  ? 245 HOH A O   1 
HETATM 1148 O O   . HOH B 2 .   ? -17.832 0.056   8.036   1.00 40.11  ? 246 HOH A O   1 
HETATM 1149 O O   . HOH B 2 .   ? -5.303  2.912   14.084  1.00 36.41  ? 247 HOH A O   1 
HETATM 1150 O O   . HOH B 2 .   ? -4.002  -13.455 -1.173  1.00 17.33  ? 249 HOH A O   1 
# 
